data_5YO6
# 
_entry.id   5YO6 
# 
_audit_conform.dict_name       mmcif_pdbx.dic 
_audit_conform.dict_version    5.397 
_audit_conform.dict_location   http://mmcif.pdb.org/dictionaries/ascii/mmcif_pdbx.dic 
# 
loop_
_database_2.database_id 
_database_2.database_code 
_database_2.pdbx_database_accession 
_database_2.pdbx_DOI 
PDB   5YO6         pdb_00005yo6 10.2210/pdb5yo6/pdb 
WWPDB D_1300005545 ?            ?                   
# 
loop_
_pdbx_audit_revision_history.ordinal 
_pdbx_audit_revision_history.data_content_type 
_pdbx_audit_revision_history.major_revision 
_pdbx_audit_revision_history.minor_revision 
_pdbx_audit_revision_history.revision_date 
1 'Structure model' 1 0 2018-03-14 
2 'Structure model' 1 1 2018-07-11 
3 'Structure model' 1 2 2023-11-22 
4 'Structure model' 1 3 2024-10-30 
# 
_pdbx_audit_revision_details.ordinal             1 
_pdbx_audit_revision_details.revision_ordinal    1 
_pdbx_audit_revision_details.data_content_type   'Structure model' 
_pdbx_audit_revision_details.provider            repository 
_pdbx_audit_revision_details.type                'Initial release' 
_pdbx_audit_revision_details.description         ? 
_pdbx_audit_revision_details.details             ? 
# 
loop_
_pdbx_audit_revision_group.ordinal 
_pdbx_audit_revision_group.revision_ordinal 
_pdbx_audit_revision_group.data_content_type 
_pdbx_audit_revision_group.group 
1 2 'Structure model' 'Data collection'        
2 2 'Structure model' 'Database references'    
3 3 'Structure model' 'Data collection'        
4 3 'Structure model' 'Database references'    
5 3 'Structure model' 'Refinement description' 
6 4 'Structure model' 'Structure summary'      
# 
loop_
_pdbx_audit_revision_category.ordinal 
_pdbx_audit_revision_category.revision_ordinal 
_pdbx_audit_revision_category.data_content_type 
_pdbx_audit_revision_category.category 
1 2 'Structure model' citation                      
2 3 'Structure model' chem_comp_atom                
3 3 'Structure model' chem_comp_bond                
4 3 'Structure model' database_2                    
5 3 'Structure model' pdbx_initial_refinement_model 
6 4 'Structure model' pdbx_entry_details            
7 4 'Structure model' pdbx_modification_feature     
# 
loop_
_pdbx_audit_revision_item.ordinal 
_pdbx_audit_revision_item.revision_ordinal 
_pdbx_audit_revision_item.data_content_type 
_pdbx_audit_revision_item.item 
1 2 'Structure model' '_citation.journal_volume'            
2 2 'Structure model' '_citation.page_first'                
3 2 'Structure model' '_citation.page_last'                 
4 2 'Structure model' '_citation.year'                      
5 3 'Structure model' '_database_2.pdbx_DOI'                
6 3 'Structure model' '_database_2.pdbx_database_accession' 
# 
_pdbx_database_status.status_code                     REL 
_pdbx_database_status.status_code_sf                  REL 
_pdbx_database_status.status_code_mr                  ? 
_pdbx_database_status.entry_id                        5YO6 
_pdbx_database_status.recvd_initial_deposition_date   2017-10-26 
_pdbx_database_status.SG_entry                        N 
_pdbx_database_status.deposit_site                    PDBJ 
_pdbx_database_status.process_site                    PDBJ 
_pdbx_database_status.status_code_cs                  ? 
_pdbx_database_status.methods_development_category    ? 
_pdbx_database_status.pdb_format_compatible           Y 
_pdbx_database_status.status_code_nmr_data            ? 
# 
_pdbx_database_related.db_name        PDB 
_pdbx_database_related.details        . 
_pdbx_database_related.db_id          1M6T 
_pdbx_database_related.content_type   unspecified 
# 
loop_
_audit_author.name 
_audit_author.pdbx_ordinal 
_audit_author.identifier_ORCID 
'Pu, M.'    1 ? 
'Xu, Z.'    2 ? 
'Song, G.'  3 ? 
'Liu, Z.J.' 4 ? 
# 
_citation.abstract                  ? 
_citation.abstract_id_CAS           ? 
_citation.book_id_ISBN              ? 
_citation.book_publisher            ? 
_citation.book_publisher_city       ? 
_citation.book_title                ? 
_citation.coordinate_linkage        ? 
_citation.country                   CN 
_citation.database_id_Medline       ? 
_citation.details                   ? 
_citation.id                        primary 
_citation.journal_abbrev            'Protein Cell' 
_citation.journal_id_ASTM           ? 
_citation.journal_id_CSD            ? 
_citation.journal_id_ISSN           1674-8018 
_citation.journal_full              ? 
_citation.journal_issue             ? 
_citation.journal_volume            9 
_citation.language                  ? 
_citation.page_first                659 
_citation.page_last                 663 
_citation.title                     'Protein crystal quality oriented disulfide bond engineering.' 
_citation.year                      2018 
_citation.database_id_CSD           ? 
_citation.pdbx_database_id_DOI      10.1007/s13238-017-0482-7 
_citation.pdbx_database_id_PubMed   29039033 
_citation.unpublished_flag          ? 
# 
loop_
_citation_author.citation_id 
_citation_author.name 
_citation_author.ordinal 
_citation_author.identifier_ORCID 
primary 'Pu, M.'    1 ? 
primary 'Xu, Z.'    2 ? 
primary 'Peng, Y.'  3 ? 
primary 'Hou, Y.'   4 ? 
primary 'Liu, D.'   5 ? 
primary 'Wang, Y.'  6 ? 
primary 'Liu, H.'   7 ? 
primary 'Song, G.'  8 ? 
primary 'Liu, Z.J.' 9 ? 
# 
loop_
_entity.id 
_entity.type 
_entity.src_method 
_entity.pdbx_description 
_entity.formula_weight 
_entity.pdbx_number_of_molecules 
_entity.pdbx_ec 
_entity.pdbx_mutation 
_entity.pdbx_fragment 
_entity.details 
1 polymer man 'Soluble cytochrome b562' 11819.334 1   ? 'M7W, H102L. R106L, T9C, A36C' ? ? 
2 water   nat water                     18.015    129 ? ?                              ? ? 
# 
_entity_name_com.entity_id   1 
_entity_name_com.name        'B562RIL, Cytochrome b-562' 
# 
_entity_poly.entity_id                      1 
_entity_poly.type                           'polypeptide(L)' 
_entity_poly.nstd_linkage                   no 
_entity_poly.nstd_monomer                   no 
_entity_poly.pdbx_seq_one_letter_code       
;ADLEDNWECLNDNLKVIEKADNAAQVKDALTKMRACALDAQKATPPKLEDKSPDSPEMKDFRHGFDILVGQIDDALKLAN
EGKVKEAQAAAEQLKTTRNAYIQKYL
;
_entity_poly.pdbx_seq_one_letter_code_can   
;ADLEDNWECLNDNLKVIEKADNAAQVKDALTKMRACALDAQKATPPKLEDKSPDSPEMKDFRHGFDILVGQIDDALKLAN
EGKVKEAQAAAEQLKTTRNAYIQKYL
;
_entity_poly.pdbx_strand_id                 A 
_entity_poly.pdbx_target_identifier         ? 
# 
_pdbx_entity_nonpoly.entity_id   2 
_pdbx_entity_nonpoly.name        water 
_pdbx_entity_nonpoly.comp_id     HOH 
# 
loop_
_entity_poly_seq.entity_id 
_entity_poly_seq.num 
_entity_poly_seq.mon_id 
_entity_poly_seq.hetero 
1 1   ALA n 
1 2   ASP n 
1 3   LEU n 
1 4   GLU n 
1 5   ASP n 
1 6   ASN n 
1 7   TRP n 
1 8   GLU n 
1 9   CYS n 
1 10  LEU n 
1 11  ASN n 
1 12  ASP n 
1 13  ASN n 
1 14  LEU n 
1 15  LYS n 
1 16  VAL n 
1 17  ILE n 
1 18  GLU n 
1 19  LYS n 
1 20  ALA n 
1 21  ASP n 
1 22  ASN n 
1 23  ALA n 
1 24  ALA n 
1 25  GLN n 
1 26  VAL n 
1 27  LYS n 
1 28  ASP n 
1 29  ALA n 
1 30  LEU n 
1 31  THR n 
1 32  LYS n 
1 33  MET n 
1 34  ARG n 
1 35  ALA n 
1 36  CYS n 
1 37  ALA n 
1 38  LEU n 
1 39  ASP n 
1 40  ALA n 
1 41  GLN n 
1 42  LYS n 
1 43  ALA n 
1 44  THR n 
1 45  PRO n 
1 46  PRO n 
1 47  LYS n 
1 48  LEU n 
1 49  GLU n 
1 50  ASP n 
1 51  LYS n 
1 52  SER n 
1 53  PRO n 
1 54  ASP n 
1 55  SER n 
1 56  PRO n 
1 57  GLU n 
1 58  MET n 
1 59  LYS n 
1 60  ASP n 
1 61  PHE n 
1 62  ARG n 
1 63  HIS n 
1 64  GLY n 
1 65  PHE n 
1 66  ASP n 
1 67  ILE n 
1 68  LEU n 
1 69  VAL n 
1 70  GLY n 
1 71  GLN n 
1 72  ILE n 
1 73  ASP n 
1 74  ASP n 
1 75  ALA n 
1 76  LEU n 
1 77  LYS n 
1 78  LEU n 
1 79  ALA n 
1 80  ASN n 
1 81  GLU n 
1 82  GLY n 
1 83  LYS n 
1 84  VAL n 
1 85  LYS n 
1 86  GLU n 
1 87  ALA n 
1 88  GLN n 
1 89  ALA n 
1 90  ALA n 
1 91  ALA n 
1 92  GLU n 
1 93  GLN n 
1 94  LEU n 
1 95  LYS n 
1 96  THR n 
1 97  THR n 
1 98  ARG n 
1 99  ASN n 
1 100 ALA n 
1 101 TYR n 
1 102 ILE n 
1 103 GLN n 
1 104 LYS n 
1 105 TYR n 
1 106 LEU n 
# 
_entity_src_gen.entity_id                          1 
_entity_src_gen.pdbx_src_id                        1 
_entity_src_gen.pdbx_alt_source_flag               sample 
_entity_src_gen.pdbx_seq_type                      'Biological sequence' 
_entity_src_gen.pdbx_beg_seq_num                   1 
_entity_src_gen.pdbx_end_seq_num                   106 
_entity_src_gen.gene_src_common_name               ? 
_entity_src_gen.gene_src_genus                     ? 
_entity_src_gen.pdbx_gene_src_gene                 cybC 
_entity_src_gen.gene_src_species                   ? 
_entity_src_gen.gene_src_strain                    ? 
_entity_src_gen.gene_src_tissue                    ? 
_entity_src_gen.gene_src_tissue_fraction           ? 
_entity_src_gen.gene_src_details                   ? 
_entity_src_gen.pdbx_gene_src_fragment             ? 
_entity_src_gen.pdbx_gene_src_scientific_name      'Escherichia coli' 
_entity_src_gen.pdbx_gene_src_ncbi_taxonomy_id     562 
_entity_src_gen.pdbx_gene_src_variant              ? 
_entity_src_gen.pdbx_gene_src_cell_line            ? 
_entity_src_gen.pdbx_gene_src_atcc                 ? 
_entity_src_gen.pdbx_gene_src_organ                ? 
_entity_src_gen.pdbx_gene_src_organelle            ? 
_entity_src_gen.pdbx_gene_src_cell                 ? 
_entity_src_gen.pdbx_gene_src_cellular_location    ? 
_entity_src_gen.host_org_common_name               ? 
_entity_src_gen.pdbx_host_org_scientific_name      'Escherichia coli' 
_entity_src_gen.pdbx_host_org_ncbi_taxonomy_id     562 
_entity_src_gen.host_org_genus                     ? 
_entity_src_gen.pdbx_host_org_gene                 ? 
_entity_src_gen.pdbx_host_org_organ                ? 
_entity_src_gen.host_org_species                   ? 
_entity_src_gen.pdbx_host_org_tissue               ? 
_entity_src_gen.pdbx_host_org_tissue_fraction      ? 
_entity_src_gen.pdbx_host_org_strain               ? 
_entity_src_gen.pdbx_host_org_variant              ? 
_entity_src_gen.pdbx_host_org_cell_line            ? 
_entity_src_gen.pdbx_host_org_atcc                 ? 
_entity_src_gen.pdbx_host_org_culture_collection   ? 
_entity_src_gen.pdbx_host_org_cell                 ? 
_entity_src_gen.pdbx_host_org_organelle            ? 
_entity_src_gen.pdbx_host_org_cellular_location    ? 
_entity_src_gen.pdbx_host_org_vector_type          ? 
_entity_src_gen.pdbx_host_org_vector               ? 
_entity_src_gen.host_org_details                   ? 
_entity_src_gen.expression_system_id               ? 
_entity_src_gen.plasmid_name                       ? 
_entity_src_gen.plasmid_details                    ? 
_entity_src_gen.pdbx_description                   ? 
# 
loop_
_chem_comp.id 
_chem_comp.type 
_chem_comp.mon_nstd_flag 
_chem_comp.name 
_chem_comp.pdbx_synonyms 
_chem_comp.formula 
_chem_comp.formula_weight 
ALA 'L-peptide linking' y ALANINE         ? 'C3 H7 N O2'     89.093  
ARG 'L-peptide linking' y ARGININE        ? 'C6 H15 N4 O2 1' 175.209 
ASN 'L-peptide linking' y ASPARAGINE      ? 'C4 H8 N2 O3'    132.118 
ASP 'L-peptide linking' y 'ASPARTIC ACID' ? 'C4 H7 N O4'     133.103 
CYS 'L-peptide linking' y CYSTEINE        ? 'C3 H7 N O2 S'   121.158 
GLN 'L-peptide linking' y GLUTAMINE       ? 'C5 H10 N2 O3'   146.144 
GLU 'L-peptide linking' y 'GLUTAMIC ACID' ? 'C5 H9 N O4'     147.129 
GLY 'peptide linking'   y GLYCINE         ? 'C2 H5 N O2'     75.067  
HIS 'L-peptide linking' y HISTIDINE       ? 'C6 H10 N3 O2 1' 156.162 
HOH non-polymer         . WATER           ? 'H2 O'           18.015  
ILE 'L-peptide linking' y ISOLEUCINE      ? 'C6 H13 N O2'    131.173 
LEU 'L-peptide linking' y LEUCINE         ? 'C6 H13 N O2'    131.173 
LYS 'L-peptide linking' y LYSINE          ? 'C6 H15 N2 O2 1' 147.195 
MET 'L-peptide linking' y METHIONINE      ? 'C5 H11 N O2 S'  149.211 
PHE 'L-peptide linking' y PHENYLALANINE   ? 'C9 H11 N O2'    165.189 
PRO 'L-peptide linking' y PROLINE         ? 'C5 H9 N O2'     115.130 
SER 'L-peptide linking' y SERINE          ? 'C3 H7 N O3'     105.093 
THR 'L-peptide linking' y THREONINE       ? 'C4 H9 N O3'     119.119 
TRP 'L-peptide linking' y TRYPTOPHAN      ? 'C11 H12 N2 O2'  204.225 
TYR 'L-peptide linking' y TYROSINE        ? 'C9 H11 N O3'    181.189 
VAL 'L-peptide linking' y VALINE          ? 'C5 H11 N O2'    117.146 
# 
loop_
_pdbx_poly_seq_scheme.asym_id 
_pdbx_poly_seq_scheme.entity_id 
_pdbx_poly_seq_scheme.seq_id 
_pdbx_poly_seq_scheme.mon_id 
_pdbx_poly_seq_scheme.ndb_seq_num 
_pdbx_poly_seq_scheme.pdb_seq_num 
_pdbx_poly_seq_scheme.auth_seq_num 
_pdbx_poly_seq_scheme.pdb_mon_id 
_pdbx_poly_seq_scheme.auth_mon_id 
_pdbx_poly_seq_scheme.pdb_strand_id 
_pdbx_poly_seq_scheme.pdb_ins_code 
_pdbx_poly_seq_scheme.hetero 
A 1 1   ALA 1   1   1   ALA ALA A . n 
A 1 2   ASP 2   2   2   ASP ASP A . n 
A 1 3   LEU 3   3   3   LEU LEU A . n 
A 1 4   GLU 4   4   4   GLU GLU A . n 
A 1 5   ASP 5   5   5   ASP ASP A . n 
A 1 6   ASN 6   6   6   ASN ASN A . n 
A 1 7   TRP 7   7   7   TRP TRP A . n 
A 1 8   GLU 8   8   8   GLU GLU A . n 
A 1 9   CYS 9   9   9   CYS CYS A . n 
A 1 10  LEU 10  10  10  LEU LEU A . n 
A 1 11  ASN 11  11  11  ASN ASN A . n 
A 1 12  ASP 12  12  12  ASP ASP A . n 
A 1 13  ASN 13  13  13  ASN ASN A . n 
A 1 14  LEU 14  14  14  LEU LEU A . n 
A 1 15  LYS 15  15  15  LYS LYS A . n 
A 1 16  VAL 16  16  16  VAL VAL A . n 
A 1 17  ILE 17  17  17  ILE ILE A . n 
A 1 18  GLU 18  18  18  GLU GLU A . n 
A 1 19  LYS 19  19  19  LYS LYS A . n 
A 1 20  ALA 20  20  20  ALA ALA A . n 
A 1 21  ASP 21  21  21  ASP ASP A . n 
A 1 22  ASN 22  22  22  ASN ASN A . n 
A 1 23  ALA 23  23  23  ALA ALA A . n 
A 1 24  ALA 24  24  24  ALA ALA A . n 
A 1 25  GLN 25  25  25  GLN GLN A . n 
A 1 26  VAL 26  26  26  VAL VAL A . n 
A 1 27  LYS 27  27  27  LYS LYS A . n 
A 1 28  ASP 28  28  28  ASP ASP A . n 
A 1 29  ALA 29  29  29  ALA ALA A . n 
A 1 30  LEU 30  30  30  LEU LEU A . n 
A 1 31  THR 31  31  31  THR THR A . n 
A 1 32  LYS 32  32  32  LYS LYS A . n 
A 1 33  MET 33  33  33  MET MET A . n 
A 1 34  ARG 34  34  34  ARG ARG A . n 
A 1 35  ALA 35  35  35  ALA ALA A . n 
A 1 36  CYS 36  36  36  CYS CYS A . n 
A 1 37  ALA 37  37  37  ALA ALA A . n 
A 1 38  LEU 38  38  38  LEU LEU A . n 
A 1 39  ASP 39  39  39  ASP ASP A . n 
A 1 40  ALA 40  40  40  ALA ALA A . n 
A 1 41  GLN 41  41  41  GLN GLN A . n 
A 1 42  LYS 42  42  42  LYS LYS A . n 
A 1 43  ALA 43  43  43  ALA ALA A . n 
A 1 44  THR 44  44  44  THR THR A . n 
A 1 45  PRO 45  45  45  PRO PRO A . n 
A 1 46  PRO 46  46  46  PRO PRO A . n 
A 1 47  LYS 47  47  47  LYS LYS A . n 
A 1 48  LEU 48  48  48  LEU LEU A . n 
A 1 49  GLU 49  49  49  GLU GLU A . n 
A 1 50  ASP 50  50  50  ASP ASP A . n 
A 1 51  LYS 51  51  51  LYS LYS A . n 
A 1 52  SER 52  52  52  SER SER A . n 
A 1 53  PRO 53  53  53  PRO PRO A . n 
A 1 54  ASP 54  54  54  ASP ASP A . n 
A 1 55  SER 55  55  55  SER SER A . n 
A 1 56  PRO 56  56  56  PRO PRO A . n 
A 1 57  GLU 57  57  57  GLU GLU A . n 
A 1 58  MET 58  58  58  MET MET A . n 
A 1 59  LYS 59  59  59  LYS LYS A . n 
A 1 60  ASP 60  60  60  ASP ASP A . n 
A 1 61  PHE 61  61  61  PHE PHE A . n 
A 1 62  ARG 62  62  62  ARG ARG A . n 
A 1 63  HIS 63  63  63  HIS HIS A . n 
A 1 64  GLY 64  64  64  GLY GLY A . n 
A 1 65  PHE 65  65  65  PHE PHE A . n 
A 1 66  ASP 66  66  66  ASP ASP A . n 
A 1 67  ILE 67  67  67  ILE ILE A . n 
A 1 68  LEU 68  68  68  LEU LEU A . n 
A 1 69  VAL 69  69  69  VAL VAL A . n 
A 1 70  GLY 70  70  70  GLY GLY A . n 
A 1 71  GLN 71  71  71  GLN GLN A . n 
A 1 72  ILE 72  72  72  ILE ILE A . n 
A 1 73  ASP 73  73  73  ASP ASP A . n 
A 1 74  ASP 74  74  74  ASP ASP A . n 
A 1 75  ALA 75  75  75  ALA ALA A . n 
A 1 76  LEU 76  76  76  LEU LEU A . n 
A 1 77  LYS 77  77  77  LYS LYS A . n 
A 1 78  LEU 78  78  78  LEU LEU A . n 
A 1 79  ALA 79  79  79  ALA ALA A . n 
A 1 80  ASN 80  80  80  ASN ASN A . n 
A 1 81  GLU 81  81  81  GLU GLU A . n 
A 1 82  GLY 82  82  82  GLY GLY A . n 
A 1 83  LYS 83  83  83  LYS LYS A . n 
A 1 84  VAL 84  84  84  VAL VAL A . n 
A 1 85  LYS 85  85  85  LYS LYS A . n 
A 1 86  GLU 86  86  86  GLU GLU A . n 
A 1 87  ALA 87  87  87  ALA ALA A . n 
A 1 88  GLN 88  88  88  GLN GLN A . n 
A 1 89  ALA 89  89  89  ALA ALA A . n 
A 1 90  ALA 90  90  90  ALA ALA A . n 
A 1 91  ALA 91  91  91  ALA ALA A . n 
A 1 92  GLU 92  92  92  GLU GLU A . n 
A 1 93  GLN 93  93  93  GLN GLN A . n 
A 1 94  LEU 94  94  94  LEU LEU A . n 
A 1 95  LYS 95  95  95  LYS LYS A . n 
A 1 96  THR 96  96  96  THR THR A . n 
A 1 97  THR 97  97  97  THR THR A . n 
A 1 98  ARG 98  98  98  ARG ARG A . n 
A 1 99  ASN 99  99  99  ASN ASN A . n 
A 1 100 ALA 100 100 100 ALA ALA A . n 
A 1 101 TYR 101 101 101 TYR TYR A . n 
A 1 102 ILE 102 102 102 ILE ILE A . n 
A 1 103 GLN 103 103 103 GLN GLN A . n 
A 1 104 LYS 104 104 104 LYS LYS A . n 
A 1 105 TYR 105 105 105 TYR TYR A . n 
A 1 106 LEU 106 106 106 LEU LEU A . n 
# 
loop_
_pdbx_nonpoly_scheme.asym_id 
_pdbx_nonpoly_scheme.entity_id 
_pdbx_nonpoly_scheme.mon_id 
_pdbx_nonpoly_scheme.ndb_seq_num 
_pdbx_nonpoly_scheme.pdb_seq_num 
_pdbx_nonpoly_scheme.auth_seq_num 
_pdbx_nonpoly_scheme.pdb_mon_id 
_pdbx_nonpoly_scheme.auth_mon_id 
_pdbx_nonpoly_scheme.pdb_strand_id 
_pdbx_nonpoly_scheme.pdb_ins_code 
B 2 HOH 1   301 112 HOH HOH A . 
B 2 HOH 2   302 104 HOH HOH A . 
B 2 HOH 3   303 35  HOH HOH A . 
B 2 HOH 4   304 127 HOH HOH A . 
B 2 HOH 5   305 107 HOH HOH A . 
B 2 HOH 6   306 78  HOH HOH A . 
B 2 HOH 7   307 87  HOH HOH A . 
B 2 HOH 8   308 92  HOH HOH A . 
B 2 HOH 9   309 26  HOH HOH A . 
B 2 HOH 10  310 53  HOH HOH A . 
B 2 HOH 11  311 29  HOH HOH A . 
B 2 HOH 12  312 69  HOH HOH A . 
B 2 HOH 13  313 79  HOH HOH A . 
B 2 HOH 14  314 55  HOH HOH A . 
B 2 HOH 15  315 39  HOH HOH A . 
B 2 HOH 16  316 109 HOH HOH A . 
B 2 HOH 17  317 14  HOH HOH A . 
B 2 HOH 18  318 98  HOH HOH A . 
B 2 HOH 19  319 62  HOH HOH A . 
B 2 HOH 20  320 40  HOH HOH A . 
B 2 HOH 21  321 49  HOH HOH A . 
B 2 HOH 22  322 27  HOH HOH A . 
B 2 HOH 23  323 19  HOH HOH A . 
B 2 HOH 24  324 81  HOH HOH A . 
B 2 HOH 25  325 1   HOH HOH A . 
B 2 HOH 26  326 129 HOH HOH A . 
B 2 HOH 27  327 120 HOH HOH A . 
B 2 HOH 28  328 16  HOH HOH A . 
B 2 HOH 29  329 7   HOH HOH A . 
B 2 HOH 30  330 42  HOH HOH A . 
B 2 HOH 31  331 31  HOH HOH A . 
B 2 HOH 32  332 43  HOH HOH A . 
B 2 HOH 33  333 22  HOH HOH A . 
B 2 HOH 34  334 99  HOH HOH A . 
B 2 HOH 35  335 47  HOH HOH A . 
B 2 HOH 36  336 10  HOH HOH A . 
B 2 HOH 37  337 91  HOH HOH A . 
B 2 HOH 38  338 12  HOH HOH A . 
B 2 HOH 39  339 68  HOH HOH A . 
B 2 HOH 40  340 25  HOH HOH A . 
B 2 HOH 41  341 38  HOH HOH A . 
B 2 HOH 42  342 95  HOH HOH A . 
B 2 HOH 43  343 30  HOH HOH A . 
B 2 HOH 44  344 83  HOH HOH A . 
B 2 HOH 45  345 11  HOH HOH A . 
B 2 HOH 46  346 15  HOH HOH A . 
B 2 HOH 47  347 6   HOH HOH A . 
B 2 HOH 48  348 117 HOH HOH A . 
B 2 HOH 49  349 48  HOH HOH A . 
B 2 HOH 50  350 8   HOH HOH A . 
B 2 HOH 51  351 18  HOH HOH A . 
B 2 HOH 52  352 13  HOH HOH A . 
B 2 HOH 53  353 58  HOH HOH A . 
B 2 HOH 54  354 4   HOH HOH A . 
B 2 HOH 55  355 80  HOH HOH A . 
B 2 HOH 56  356 67  HOH HOH A . 
B 2 HOH 57  357 3   HOH HOH A . 
B 2 HOH 58  358 46  HOH HOH A . 
B 2 HOH 59  359 64  HOH HOH A . 
B 2 HOH 60  360 75  HOH HOH A . 
B 2 HOH 61  361 2   HOH HOH A . 
B 2 HOH 62  362 70  HOH HOH A . 
B 2 HOH 63  363 89  HOH HOH A . 
B 2 HOH 64  364 50  HOH HOH A . 
B 2 HOH 65  365 96  HOH HOH A . 
B 2 HOH 66  366 88  HOH HOH A . 
B 2 HOH 67  367 5   HOH HOH A . 
B 2 HOH 68  368 105 HOH HOH A . 
B 2 HOH 69  369 32  HOH HOH A . 
B 2 HOH 70  370 41  HOH HOH A . 
B 2 HOH 71  371 17  HOH HOH A . 
B 2 HOH 72  372 23  HOH HOH A . 
B 2 HOH 73  373 28  HOH HOH A . 
B 2 HOH 74  374 20  HOH HOH A . 
B 2 HOH 75  375 9   HOH HOH A . 
B 2 HOH 76  376 63  HOH HOH A . 
B 2 HOH 77  377 90  HOH HOH A . 
B 2 HOH 78  378 118 HOH HOH A . 
B 2 HOH 79  379 33  HOH HOH A . 
B 2 HOH 80  380 114 HOH HOH A . 
B 2 HOH 81  381 106 HOH HOH A . 
B 2 HOH 82  382 61  HOH HOH A . 
B 2 HOH 83  383 65  HOH HOH A . 
B 2 HOH 84  384 111 HOH HOH A . 
B 2 HOH 85  385 71  HOH HOH A . 
B 2 HOH 86  386 57  HOH HOH A . 
B 2 HOH 87  387 97  HOH HOH A . 
B 2 HOH 88  388 100 HOH HOH A . 
B 2 HOH 89  389 34  HOH HOH A . 
B 2 HOH 90  390 128 HOH HOH A . 
B 2 HOH 91  391 84  HOH HOH A . 
B 2 HOH 92  392 101 HOH HOH A . 
B 2 HOH 93  393 121 HOH HOH A . 
B 2 HOH 94  394 94  HOH HOH A . 
B 2 HOH 95  395 44  HOH HOH A . 
B 2 HOH 96  396 122 HOH HOH A . 
B 2 HOH 97  397 115 HOH HOH A . 
B 2 HOH 98  398 60  HOH HOH A . 
B 2 HOH 99  399 103 HOH HOH A . 
B 2 HOH 100 400 24  HOH HOH A . 
B 2 HOH 101 401 74  HOH HOH A . 
B 2 HOH 102 402 102 HOH HOH A . 
B 2 HOH 103 403 45  HOH HOH A . 
B 2 HOH 104 404 72  HOH HOH A . 
B 2 HOH 105 405 37  HOH HOH A . 
B 2 HOH 106 406 86  HOH HOH A . 
B 2 HOH 107 407 54  HOH HOH A . 
B 2 HOH 108 408 66  HOH HOH A . 
B 2 HOH 109 409 123 HOH HOH A . 
B 2 HOH 110 410 82  HOH HOH A . 
B 2 HOH 111 411 36  HOH HOH A . 
B 2 HOH 112 412 119 HOH HOH A . 
B 2 HOH 113 413 110 HOH HOH A . 
B 2 HOH 114 414 21  HOH HOH A . 
B 2 HOH 115 415 76  HOH HOH A . 
B 2 HOH 116 416 108 HOH HOH A . 
B 2 HOH 117 417 56  HOH HOH A . 
B 2 HOH 118 418 51  HOH HOH A . 
B 2 HOH 119 419 124 HOH HOH A . 
B 2 HOH 120 420 85  HOH HOH A . 
B 2 HOH 121 421 52  HOH HOH A . 
B 2 HOH 122 422 73  HOH HOH A . 
B 2 HOH 123 423 113 HOH HOH A . 
B 2 HOH 124 424 93  HOH HOH A . 
B 2 HOH 125 425 77  HOH HOH A . 
B 2 HOH 126 426 125 HOH HOH A . 
B 2 HOH 127 427 116 HOH HOH A . 
B 2 HOH 128 428 126 HOH HOH A . 
B 2 HOH 129 429 59  HOH HOH A . 
# 
loop_
_software.citation_id 
_software.classification 
_software.compiler_name 
_software.compiler_version 
_software.contact_author 
_software.contact_author_email 
_software.date 
_software.description 
_software.dependencies 
_software.hardware 
_software.language 
_software.location 
_software.mods 
_software.name 
_software.os 
_software.os_version 
_software.type 
_software.version 
_software.pdbx_ordinal 
? refinement     ? ? ? ? ? ? ? ? ? ? ? PHENIX   ? ? ? 1.10_2155 1 
? 'data scaling' ? ? ? ? ? ? ? ? ? ? ? HKL-2000 ? ? ? .         2 
? phasing        ? ? ? ? ? ? ? ? ? ? ? PHENIX   ? ? ? .         3 
# 
_cell.angle_alpha                  90.00 
_cell.angle_alpha_esd              ? 
_cell.angle_beta                   90.00 
_cell.angle_beta_esd               ? 
_cell.angle_gamma                  90.00 
_cell.angle_gamma_esd              ? 
_cell.entry_id                     5YO6 
_cell.details                      ? 
_cell.formula_units_Z              ? 
_cell.length_a                     41.764 
_cell.length_a_esd                 ? 
_cell.length_b                     50.840 
_cell.length_b_esd                 ? 
_cell.length_c                     89.685 
_cell.length_c_esd                 ? 
_cell.volume                       ? 
_cell.volume_esd                   ? 
_cell.Z_PDB                        8 
_cell.reciprocal_angle_alpha       ? 
_cell.reciprocal_angle_beta        ? 
_cell.reciprocal_angle_gamma       ? 
_cell.reciprocal_angle_alpha_esd   ? 
_cell.reciprocal_angle_beta_esd    ? 
_cell.reciprocal_angle_gamma_esd   ? 
_cell.reciprocal_length_a          ? 
_cell.reciprocal_length_b          ? 
_cell.reciprocal_length_c          ? 
_cell.reciprocal_length_a_esd      ? 
_cell.reciprocal_length_b_esd      ? 
_cell.reciprocal_length_c_esd      ? 
_cell.pdbx_unique_axis             ? 
# 
_symmetry.entry_id                         5YO6 
_symmetry.cell_setting                     ? 
_symmetry.Int_Tables_number                20 
_symmetry.space_group_name_Hall            ? 
_symmetry.space_group_name_H-M             'C 2 2 21' 
_symmetry.pdbx_full_space_group_name_H-M   ? 
# 
_exptl.absorpt_coefficient_mu     ? 
_exptl.absorpt_correction_T_max   ? 
_exptl.absorpt_correction_T_min   ? 
_exptl.absorpt_correction_type    ? 
_exptl.absorpt_process_details    ? 
_exptl.entry_id                   5YO6 
_exptl.crystals_number            1 
_exptl.details                    ? 
_exptl.method                     'X-RAY DIFFRACTION' 
_exptl.method_details             ? 
# 
_exptl_crystal.colour                      ? 
_exptl_crystal.density_diffrn              ? 
_exptl_crystal.density_Matthews            2.00 
_exptl_crystal.density_method              ? 
_exptl_crystal.density_percent_sol         38.4 
_exptl_crystal.description                 ? 
_exptl_crystal.F_000                       ? 
_exptl_crystal.id                          1 
_exptl_crystal.preparation                 ? 
_exptl_crystal.size_max                    ? 
_exptl_crystal.size_mid                    ? 
_exptl_crystal.size_min                    ? 
_exptl_crystal.size_rad                    ? 
_exptl_crystal.colour_lustre               ? 
_exptl_crystal.colour_modifier             ? 
_exptl_crystal.colour_primary              ? 
_exptl_crystal.density_meas                ? 
_exptl_crystal.density_meas_esd            ? 
_exptl_crystal.density_meas_gt             ? 
_exptl_crystal.density_meas_lt             ? 
_exptl_crystal.density_meas_temp           ? 
_exptl_crystal.density_meas_temp_esd       ? 
_exptl_crystal.density_meas_temp_gt        ? 
_exptl_crystal.density_meas_temp_lt        ? 
_exptl_crystal.pdbx_crystal_image_url      ? 
_exptl_crystal.pdbx_crystal_image_format   ? 
_exptl_crystal.pdbx_mosaicity              ? 
_exptl_crystal.pdbx_mosaicity_esd          ? 
# 
_exptl_crystal_grow.apparatus       ? 
_exptl_crystal_grow.atmosphere      ? 
_exptl_crystal_grow.crystal_id      1 
_exptl_crystal_grow.details         ? 
_exptl_crystal_grow.method          'VAPOR DIFFUSION, HANGING DROP' 
_exptl_crystal_grow.method_ref      ? 
_exptl_crystal_grow.pH              ? 
_exptl_crystal_grow.pressure        ? 
_exptl_crystal_grow.pressure_esd    ? 
_exptl_crystal_grow.seeding         ? 
_exptl_crystal_grow.seeding_ref     ? 
_exptl_crystal_grow.temp            292 
_exptl_crystal_grow.temp_details    ? 
_exptl_crystal_grow.temp_esd        ? 
_exptl_crystal_grow.time            ? 
_exptl_crystal_grow.pdbx_details    
;3.2M NH4(SO4), 
0.1M Bicine 
2.44mM N-octanoylsucrose
;
_exptl_crystal_grow.pdbx_pH_range   9.0-9.4 
# 
_diffrn.ambient_environment    ? 
_diffrn.ambient_temp           100 
_diffrn.ambient_temp_details   'Liquid nitrogen' 
_diffrn.ambient_temp_esd       ? 
_diffrn.crystal_id             1 
_diffrn.crystal_support        ? 
_diffrn.crystal_treatment      ? 
_diffrn.details                ? 
_diffrn.id                     1 
_diffrn.ambient_pressure       ? 
_diffrn.ambient_pressure_esd   ? 
_diffrn.ambient_pressure_gt    ? 
_diffrn.ambient_pressure_lt    ? 
_diffrn.ambient_temp_gt        ? 
_diffrn.ambient_temp_lt        ? 
# 
_diffrn_detector.details                      ? 
_diffrn_detector.detector                     CCD 
_diffrn_detector.diffrn_id                    1 
_diffrn_detector.type                         'MAR CCD 130 mm' 
_diffrn_detector.area_resol_mean              ? 
_diffrn_detector.dtime                        ? 
_diffrn_detector.pdbx_frames_total            ? 
_diffrn_detector.pdbx_collection_time_total   ? 
_diffrn_detector.pdbx_collection_date         2016-09-16 
# 
_diffrn_radiation.collimation                      ? 
_diffrn_radiation.diffrn_id                        1 
_diffrn_radiation.filter_edge                      ? 
_diffrn_radiation.inhomogeneity                    ? 
_diffrn_radiation.monochromator                    ? 
_diffrn_radiation.polarisn_norm                    ? 
_diffrn_radiation.polarisn_ratio                   ? 
_diffrn_radiation.probe                            ? 
_diffrn_radiation.type                             ? 
_diffrn_radiation.xray_symbol                      ? 
_diffrn_radiation.wavelength_id                    1 
_diffrn_radiation.pdbx_monochromatic_or_laue_m_l   M 
_diffrn_radiation.pdbx_wavelength_list             ? 
_diffrn_radiation.pdbx_wavelength                  ? 
_diffrn_radiation.pdbx_diffrn_protocol             'SINGLE WAVELENGTH' 
_diffrn_radiation.pdbx_analyzer                    ? 
_diffrn_radiation.pdbx_scattering_type             x-ray 
# 
_diffrn_radiation_wavelength.id           1 
_diffrn_radiation_wavelength.wavelength   0.9793 
_diffrn_radiation_wavelength.wt           1.0 
# 
_diffrn_source.current                     ? 
_diffrn_source.details                     ? 
_diffrn_source.diffrn_id                   1 
_diffrn_source.power                       ? 
_diffrn_source.size                        ? 
_diffrn_source.source                      SYNCHROTRON 
_diffrn_source.target                      ? 
_diffrn_source.type                        'SSRF BEAMLINE BL17U1' 
_diffrn_source.voltage                     ? 
_diffrn_source.take-off_angle              ? 
_diffrn_source.pdbx_wavelength_list        0.9793 
_diffrn_source.pdbx_wavelength             ? 
_diffrn_source.pdbx_synchrotron_beamline   BL17U1 
_diffrn_source.pdbx_synchrotron_site       SSRF 
# 
_reflns.B_iso_Wilson_estimate            15.15 
_reflns.entry_id                         5YO6 
_reflns.data_reduction_details           ? 
_reflns.data_reduction_method            ? 
_reflns.d_resolution_high                1.204 
_reflns.d_resolution_low                 32.271 
_reflns.details                          ? 
_reflns.limit_h_max                      ? 
_reflns.limit_h_min                      ? 
_reflns.limit_k_max                      ? 
_reflns.limit_k_min                      ? 
_reflns.limit_l_max                      ? 
_reflns.limit_l_min                      ? 
_reflns.number_all                       ? 
_reflns.number_obs                       22730 
_reflns.observed_criterion               ? 
_reflns.observed_criterion_F_max         ? 
_reflns.observed_criterion_F_min         ? 
_reflns.observed_criterion_I_max         ? 
_reflns.observed_criterion_I_min         ? 
_reflns.observed_criterion_sigma_F       ? 
_reflns.observed_criterion_sigma_I       ? 
_reflns.percent_possible_obs             76 
_reflns.R_free_details                   ? 
_reflns.Rmerge_F_all                     ? 
_reflns.Rmerge_F_obs                     ? 
_reflns.Friedel_coverage                 ? 
_reflns.number_gt                        ? 
_reflns.threshold_expression             ? 
_reflns.pdbx_redundancy                  11.6 
_reflns.pdbx_Rmerge_I_obs                ? 
_reflns.pdbx_Rmerge_I_all                ? 
_reflns.pdbx_Rsym_value                  ? 
_reflns.pdbx_netI_over_av_sigmaI         ? 
_reflns.pdbx_netI_over_sigmaI            61.49 
_reflns.pdbx_res_netI_over_av_sigmaI_2   ? 
_reflns.pdbx_res_netI_over_sigmaI_2      ? 
_reflns.pdbx_chi_squared                 ? 
_reflns.pdbx_scaling_rejects             ? 
_reflns.pdbx_d_res_high_opt              ? 
_reflns.pdbx_d_res_low_opt               ? 
_reflns.pdbx_d_res_opt_method            ? 
_reflns.phase_calculation_details        ? 
_reflns.pdbx_Rrim_I_all                  ? 
_reflns.pdbx_Rpim_I_all                  ? 
_reflns.pdbx_d_opt                       ? 
_reflns.pdbx_number_measured_all         ? 
_reflns.pdbx_diffrn_id                   1 
_reflns.pdbx_ordinal                     1 
_reflns.pdbx_CC_half                     ? 
_reflns.pdbx_R_split                     ? 
# 
_reflns_shell.d_res_high                  . 
_reflns_shell.d_res_low                   ? 
_reflns_shell.meanI_over_sigI_all         ? 
_reflns_shell.meanI_over_sigI_obs         ? 
_reflns_shell.number_measured_all         ? 
_reflns_shell.number_measured_obs         ? 
_reflns_shell.number_possible             ? 
_reflns_shell.number_unique_all           ? 
_reflns_shell.number_unique_obs           ? 
_reflns_shell.percent_possible_all        ? 
_reflns_shell.percent_possible_obs        ? 
_reflns_shell.Rmerge_F_all                ? 
_reflns_shell.Rmerge_F_obs                ? 
_reflns_shell.Rmerge_I_all                ? 
_reflns_shell.Rmerge_I_obs                ? 
_reflns_shell.meanI_over_sigI_gt          ? 
_reflns_shell.meanI_over_uI_all           ? 
_reflns_shell.meanI_over_uI_gt            ? 
_reflns_shell.number_measured_gt          ? 
_reflns_shell.number_unique_gt            ? 
_reflns_shell.percent_possible_gt         ? 
_reflns_shell.Rmerge_F_gt                 ? 
_reflns_shell.Rmerge_I_gt                 ? 
_reflns_shell.pdbx_redundancy             ? 
_reflns_shell.pdbx_Rsym_value             ? 
_reflns_shell.pdbx_chi_squared            ? 
_reflns_shell.pdbx_netI_over_sigmaI_all   ? 
_reflns_shell.pdbx_netI_over_sigmaI_obs   ? 
_reflns_shell.pdbx_Rrim_I_all             ? 
_reflns_shell.pdbx_Rpim_I_all             ? 
_reflns_shell.pdbx_rejects                ? 
_reflns_shell.pdbx_ordinal                1 
_reflns_shell.pdbx_diffrn_id              1 
_reflns_shell.pdbx_CC_half                ? 
_reflns_shell.pdbx_R_split                ? 
# 
_refine.aniso_B[1][1]                            ? 
_refine.aniso_B[1][2]                            ? 
_refine.aniso_B[1][3]                            ? 
_refine.aniso_B[2][2]                            ? 
_refine.aniso_B[2][3]                            ? 
_refine.aniso_B[3][3]                            ? 
_refine.B_iso_max                                ? 
_refine.B_iso_mean                               ? 
_refine.B_iso_min                                ? 
_refine.correlation_coeff_Fo_to_Fc               ? 
_refine.correlation_coeff_Fo_to_Fc_free          ? 
_refine.details                                  ? 
_refine.diff_density_max                         ? 
_refine.diff_density_max_esd                     ? 
_refine.diff_density_min                         ? 
_refine.diff_density_min_esd                     ? 
_refine.diff_density_rms                         ? 
_refine.diff_density_rms_esd                     ? 
_refine.entry_id                                 5YO6 
_refine.pdbx_refine_id                           'X-RAY DIFFRACTION' 
_refine.ls_abs_structure_details                 ? 
_refine.ls_abs_structure_Flack                   ? 
_refine.ls_abs_structure_Flack_esd               ? 
_refine.ls_abs_structure_Rogers                  ? 
_refine.ls_abs_structure_Rogers_esd              ? 
_refine.ls_d_res_high                            1.204 
_refine.ls_d_res_low                             32.271 
_refine.ls_extinction_coef                       ? 
_refine.ls_extinction_coef_esd                   ? 
_refine.ls_extinction_expression                 ? 
_refine.ls_extinction_method                     ? 
_refine.ls_goodness_of_fit_all                   ? 
_refine.ls_goodness_of_fit_all_esd               ? 
_refine.ls_goodness_of_fit_obs                   ? 
_refine.ls_goodness_of_fit_obs_esd               ? 
_refine.ls_hydrogen_treatment                    ? 
_refine.ls_matrix_type                           ? 
_refine.ls_number_constraints                    ? 
_refine.ls_number_parameters                     ? 
_refine.ls_number_reflns_all                     ? 
_refine.ls_number_reflns_obs                     22726 
_refine.ls_number_reflns_R_free                  1999 
_refine.ls_number_reflns_R_work                  ? 
_refine.ls_number_restraints                     ? 
_refine.ls_percent_reflns_obs                    75.81 
_refine.ls_percent_reflns_R_free                 8.80 
_refine.ls_R_factor_all                          ? 
_refine.ls_R_factor_obs                          0.2153 
_refine.ls_R_factor_R_free                       0.2369 
_refine.ls_R_factor_R_free_error                 ? 
_refine.ls_R_factor_R_free_error_details         ? 
_refine.ls_R_factor_R_work                       0.2132 
_refine.ls_R_Fsqd_factor_obs                     ? 
_refine.ls_R_I_factor_obs                        ? 
_refine.ls_redundancy_reflns_all                 ? 
_refine.ls_redundancy_reflns_obs                 ? 
_refine.ls_restrained_S_all                      ? 
_refine.ls_restrained_S_obs                      ? 
_refine.ls_shift_over_esd_max                    ? 
_refine.ls_shift_over_esd_mean                   ? 
_refine.ls_structure_factor_coef                 ? 
_refine.ls_weighting_details                     ? 
_refine.ls_weighting_scheme                      ? 
_refine.ls_wR_factor_all                         ? 
_refine.ls_wR_factor_obs                         ? 
_refine.ls_wR_factor_R_free                      ? 
_refine.ls_wR_factor_R_work                      ? 
_refine.occupancy_max                            ? 
_refine.occupancy_min                            ? 
_refine.solvent_model_details                    ? 
_refine.solvent_model_param_bsol                 ? 
_refine.solvent_model_param_ksol                 ? 
_refine.ls_R_factor_gt                           ? 
_refine.ls_goodness_of_fit_gt                    ? 
_refine.ls_goodness_of_fit_ref                   ? 
_refine.ls_shift_over_su_max                     ? 
_refine.ls_shift_over_su_max_lt                  ? 
_refine.ls_shift_over_su_mean                    ? 
_refine.ls_shift_over_su_mean_lt                 ? 
_refine.pdbx_ls_sigma_I                          ? 
_refine.pdbx_ls_sigma_F                          1.35 
_refine.pdbx_ls_sigma_Fsqd                       ? 
_refine.pdbx_data_cutoff_high_absF               ? 
_refine.pdbx_data_cutoff_high_rms_absF           ? 
_refine.pdbx_data_cutoff_low_absF                ? 
_refine.pdbx_isotropic_thermal_model             ? 
_refine.pdbx_ls_cross_valid_method               'FREE R-VALUE' 
_refine.pdbx_method_to_determine_struct          'MOLECULAR REPLACEMENT' 
_refine.pdbx_starting_model                      1M6T 
_refine.pdbx_stereochemistry_target_values       ? 
_refine.pdbx_R_Free_selection_details            ? 
_refine.pdbx_stereochem_target_val_spec_case     ? 
_refine.pdbx_overall_ESU_R                       ? 
_refine.pdbx_overall_ESU_R_Free                  ? 
_refine.pdbx_solvent_vdw_probe_radii             1.11 
_refine.pdbx_solvent_ion_probe_radii             ? 
_refine.pdbx_solvent_shrinkage_radii             0.90 
_refine.pdbx_real_space_R                        ? 
_refine.pdbx_density_correlation                 ? 
_refine.pdbx_pd_number_of_powder_patterns        ? 
_refine.pdbx_pd_number_of_points                 ? 
_refine.pdbx_pd_meas_number_of_points            ? 
_refine.pdbx_pd_proc_ls_prof_R_factor            ? 
_refine.pdbx_pd_proc_ls_prof_wR_factor           ? 
_refine.pdbx_pd_Marquardt_correlation_coeff      ? 
_refine.pdbx_pd_Fsqrd_R_factor                   ? 
_refine.pdbx_pd_ls_matrix_band_width             ? 
_refine.pdbx_overall_phase_error                 30.22 
_refine.pdbx_overall_SU_R_free_Cruickshank_DPI   ? 
_refine.pdbx_overall_SU_R_free_Blow_DPI          ? 
_refine.pdbx_overall_SU_R_Blow_DPI               ? 
_refine.pdbx_TLS_residual_ADP_flag               ? 
_refine.pdbx_diffrn_id                           1 
_refine.overall_SU_B                             ? 
_refine.overall_SU_ML                            0.12 
_refine.overall_SU_R_Cruickshank_DPI             ? 
_refine.overall_SU_R_free                        ? 
_refine.overall_FOM_free_R_set                   ? 
_refine.overall_FOM_work_R_set                   ? 
_refine.pdbx_average_fsc_overall                 ? 
_refine.pdbx_average_fsc_work                    ? 
_refine.pdbx_average_fsc_free                    ? 
# 
_refine_hist.pdbx_refine_id                   'X-RAY DIFFRACTION' 
_refine_hist.cycle_id                         LAST 
_refine_hist.pdbx_number_atoms_protein        827 
_refine_hist.pdbx_number_atoms_nucleic_acid   0 
_refine_hist.pdbx_number_atoms_ligand         5 
_refine_hist.number_atoms_solvent             129 
_refine_hist.number_atoms_total               961 
_refine_hist.d_res_high                       1.204 
_refine_hist.d_res_low                        32.271 
# 
loop_
_refine_ls_restr.pdbx_refine_id 
_refine_ls_restr.criterion 
_refine_ls_restr.dev_ideal 
_refine_ls_restr.dev_ideal_target 
_refine_ls_restr.number 
_refine_ls_restr.rejects 
_refine_ls_restr.type 
_refine_ls_restr.weight 
_refine_ls_restr.pdbx_restraint_function 
'X-RAY DIFFRACTION' ? 0.006  ? 850  ? f_bond_d           ? ? 
'X-RAY DIFFRACTION' ? 0.850  ? 1149 ? f_angle_d          ? ? 
'X-RAY DIFFRACTION' ? 21.212 ? 331  ? f_dihedral_angle_d ? ? 
'X-RAY DIFFRACTION' ? 0.065  ? 128  ? f_chiral_restr     ? ? 
'X-RAY DIFFRACTION' ? 0.007  ? 153  ? f_plane_restr      ? ? 
# 
loop_
_refine_ls_shell.pdbx_refine_id 
_refine_ls_shell.d_res_high 
_refine_ls_shell.d_res_low 
_refine_ls_shell.number_reflns_all 
_refine_ls_shell.number_reflns_obs 
_refine_ls_shell.number_reflns_R_free 
_refine_ls_shell.number_reflns_R_work 
_refine_ls_shell.percent_reflns_obs 
_refine_ls_shell.percent_reflns_R_free 
_refine_ls_shell.R_factor_all 
_refine_ls_shell.R_factor_obs 
_refine_ls_shell.R_factor_R_free 
_refine_ls_shell.R_factor_R_free_error 
_refine_ls_shell.R_factor_R_work 
_refine_ls_shell.redundancy_reflns_all 
_refine_ls_shell.redundancy_reflns_obs 
_refine_ls_shell.wR_factor_all 
_refine_ls_shell.wR_factor_obs 
_refine_ls_shell.wR_factor_R_free 
_refine_ls_shell.wR_factor_R_work 
_refine_ls_shell.pdbx_total_number_of_bins_used 
_refine_ls_shell.pdbx_phase_error 
_refine_ls_shell.pdbx_fsc_work 
_refine_ls_shell.pdbx_fsc_free 
'X-RAY DIFFRACTION' 1.2040 1.2342  . . 18  178  9.00   . . . 0.3574 . 0.3426 . . . . . . . . . . 
'X-RAY DIFFRACTION' 1.2342 1.2675  . . 45  474  25.00  . . . 0.3099 . 0.3130 . . . . . . . . . . 
'X-RAY DIFFRACTION' 1.2675 1.3048  . . 71  744  39.00  . . . 0.2602 . 0.2577 . . . . . . . . . . 
'X-RAY DIFFRACTION' 1.3048 1.3469  . . 94  962  50.00  . . . 0.3177 . 0.2427 . . . . . . . . . . 
'X-RAY DIFFRACTION' 1.3469 1.3951  . . 120 1240 65.00  . . . 0.2454 . 0.2506 . . . . . . . . . . 
'X-RAY DIFFRACTION' 1.3951 1.4509  . . 147 1536 79.00  . . . 0.2708 . 0.2305 . . . . . . . . . . 
'X-RAY DIFFRACTION' 1.4509 1.5170  . . 179 1858 96.00  . . . 0.2437 . 0.2263 . . . . . . . . . . 
'X-RAY DIFFRACTION' 1.5170 1.5969  . . 187 1931 100.00 . . . 0.2203 . 0.2261 . . . . . . . . . . 
'X-RAY DIFFRACTION' 1.5969 1.6970  . . 187 1939 100.00 . . . 0.2527 . 0.2163 . . . . . . . . . . 
'X-RAY DIFFRACTION' 1.6970 1.8280  . . 191 1976 100.00 . . . 0.2279 . 0.2197 . . . . . . . . . . 
'X-RAY DIFFRACTION' 1.8280 2.0119  . . 185 1926 100.00 . . . 0.2693 . 0.2189 . . . . . . . . . . 
'X-RAY DIFFRACTION' 2.0119 2.3030  . . 190 1980 100.00 . . . 0.2239 . 0.1966 . . . . . . . . . . 
'X-RAY DIFFRACTION' 2.3030 2.9013  . . 192 1985 100.00 . . . 0.2567 . 0.2115 . . . . . . . . . . 
'X-RAY DIFFRACTION' 2.9013 32.2829 . . 193 1998 96.00  . . . 0.2157 . 0.2070 . . . . . . . . . . 
# 
_struct.entry_id                     5YO6 
_struct.title                        'Crystal Structure of B562RIL with engineered disulfide bond T9C-A36C' 
_struct.pdbx_model_details           ? 
_struct.pdbx_formula_weight          ? 
_struct.pdbx_formula_weight_method   ? 
_struct.pdbx_model_type_details      ? 
_struct.pdbx_CASP_flag               N 
# 
_struct_keywords.entry_id        5YO6 
_struct_keywords.text            'hemoprotein, fusion partner, helix bundle, ELECTRON TRANSPORT' 
_struct_keywords.pdbx_keywords   'ELECTRON TRANSPORT' 
# 
loop_
_struct_asym.id 
_struct_asym.pdbx_blank_PDB_chainid_flag 
_struct_asym.pdbx_modified 
_struct_asym.entity_id 
_struct_asym.details 
A N N 1 ? 
B N N 2 ? 
# 
_struct_ref.id                         1 
_struct_ref.db_name                    UNP 
_struct_ref.db_code                    C562_ECOLX 
_struct_ref.pdbx_db_accession          P0ABE7 
_struct_ref.pdbx_db_isoform            ? 
_struct_ref.entity_id                  1 
_struct_ref.pdbx_seq_one_letter_code   
;ADLEDNMETLNDNLKVIEKADNAAQVKDALTKMRAAALDAQKATPPKLEDKSPDSPEMKDFRHGFDILVGQIDDALKLAN
EGKVKEAQAAAEQLKTTRNAYHQKYR
;
_struct_ref.pdbx_align_begin           23 
# 
_struct_ref_seq.align_id                      1 
_struct_ref_seq.ref_id                        1 
_struct_ref_seq.pdbx_PDB_id_code              5YO6 
_struct_ref_seq.pdbx_strand_id                A 
_struct_ref_seq.seq_align_beg                 1 
_struct_ref_seq.pdbx_seq_align_beg_ins_code   ? 
_struct_ref_seq.seq_align_end                 106 
_struct_ref_seq.pdbx_seq_align_end_ins_code   ? 
_struct_ref_seq.pdbx_db_accession             P0ABE7 
_struct_ref_seq.db_align_beg                  23 
_struct_ref_seq.pdbx_db_align_beg_ins_code    ? 
_struct_ref_seq.db_align_end                  128 
_struct_ref_seq.pdbx_db_align_end_ins_code    ? 
_struct_ref_seq.pdbx_auth_seq_align_beg       1 
_struct_ref_seq.pdbx_auth_seq_align_end       106 
# 
loop_
_struct_ref_seq_dif.align_id 
_struct_ref_seq_dif.pdbx_pdb_id_code 
_struct_ref_seq_dif.mon_id 
_struct_ref_seq_dif.pdbx_pdb_strand_id 
_struct_ref_seq_dif.seq_num 
_struct_ref_seq_dif.pdbx_pdb_ins_code 
_struct_ref_seq_dif.pdbx_seq_db_name 
_struct_ref_seq_dif.pdbx_seq_db_accession_code 
_struct_ref_seq_dif.db_mon_id 
_struct_ref_seq_dif.pdbx_seq_db_seq_num 
_struct_ref_seq_dif.details 
_struct_ref_seq_dif.pdbx_auth_seq_num 
_struct_ref_seq_dif.pdbx_ordinal 
1 5YO6 TRP A 7   ? UNP P0ABE7 MET 29  'engineered mutation' 7   1 
1 5YO6 CYS A 9   ? UNP P0ABE7 THR 31  'engineered mutation' 9   2 
1 5YO6 CYS A 36  ? UNP P0ABE7 ALA 58  'engineered mutation' 36  3 
1 5YO6 ILE A 102 ? UNP P0ABE7 HIS 124 'engineered mutation' 102 4 
1 5YO6 LEU A 106 ? UNP P0ABE7 ARG 128 'engineered mutation' 106 5 
# 
_pdbx_struct_assembly.id                   1 
_pdbx_struct_assembly.details              author_defined_assembly 
_pdbx_struct_assembly.method_details       ? 
_pdbx_struct_assembly.oligomeric_details   monomeric 
_pdbx_struct_assembly.oligomeric_count     1 
# 
loop_
_pdbx_struct_assembly_prop.biol_id 
_pdbx_struct_assembly_prop.type 
_pdbx_struct_assembly_prop.value 
_pdbx_struct_assembly_prop.details 
1 'ABSA (A^2)' 110  ? 
1 MORE         -7   ? 
1 'SSA (A^2)'  5900 ? 
# 
_pdbx_struct_assembly_gen.assembly_id       1 
_pdbx_struct_assembly_gen.oper_expression   1 
_pdbx_struct_assembly_gen.asym_id_list      A,B 
# 
_pdbx_struct_assembly_auth_evidence.id                     1 
_pdbx_struct_assembly_auth_evidence.assembly_id            1 
_pdbx_struct_assembly_auth_evidence.experimental_support   'gel filtration' 
_pdbx_struct_assembly_auth_evidence.details                ? 
# 
_pdbx_struct_oper_list.id                   1 
_pdbx_struct_oper_list.type                 'identity operation' 
_pdbx_struct_oper_list.name                 1_555 
_pdbx_struct_oper_list.symmetry_operation   x,y,z 
_pdbx_struct_oper_list.matrix[1][1]         1.0000000000 
_pdbx_struct_oper_list.matrix[1][2]         0.0000000000 
_pdbx_struct_oper_list.matrix[1][3]         0.0000000000 
_pdbx_struct_oper_list.vector[1]            0.0000000000 
_pdbx_struct_oper_list.matrix[2][1]         0.0000000000 
_pdbx_struct_oper_list.matrix[2][2]         1.0000000000 
_pdbx_struct_oper_list.matrix[2][3]         0.0000000000 
_pdbx_struct_oper_list.vector[2]            0.0000000000 
_pdbx_struct_oper_list.matrix[3][1]         0.0000000000 
_pdbx_struct_oper_list.matrix[3][2]         0.0000000000 
_pdbx_struct_oper_list.matrix[3][3]         1.0000000000 
_pdbx_struct_oper_list.vector[3]            0.0000000000 
# 
loop_
_struct_conf.conf_type_id 
_struct_conf.id 
_struct_conf.pdbx_PDB_helix_id 
_struct_conf.beg_label_comp_id 
_struct_conf.beg_label_asym_id 
_struct_conf.beg_label_seq_id 
_struct_conf.pdbx_beg_PDB_ins_code 
_struct_conf.end_label_comp_id 
_struct_conf.end_label_asym_id 
_struct_conf.end_label_seq_id 
_struct_conf.pdbx_end_PDB_ins_code 
_struct_conf.beg_auth_comp_id 
_struct_conf.beg_auth_asym_id 
_struct_conf.beg_auth_seq_id 
_struct_conf.end_auth_comp_id 
_struct_conf.end_auth_asym_id 
_struct_conf.end_auth_seq_id 
_struct_conf.pdbx_PDB_helix_class 
_struct_conf.details 
_struct_conf.pdbx_PDB_helix_length 
HELX_P HELX_P1 AA1 GLU A 4   ? ALA A 20  ? GLU A 4   ALA A 20  1 ? 17 
HELX_P HELX_P2 AA2 ASN A 22  ? LYS A 42  ? ASN A 22  LYS A 42  1 ? 21 
HELX_P HELX_P3 AA3 SER A 55  ? GLU A 81  ? SER A 55  GLU A 81  1 ? 27 
HELX_P HELX_P4 AA4 LYS A 83  ? ILE A 102 ? LYS A 83  ILE A 102 1 ? 20 
HELX_P HELX_P5 AA5 GLN A 103 ? LEU A 106 ? GLN A 103 LEU A 106 5 ? 4  
# 
_struct_conf_type.id          HELX_P 
_struct_conf_type.criteria    ? 
_struct_conf_type.reference   ? 
# 
_struct_conn.id                            disulf1 
_struct_conn.conn_type_id                  disulf 
_struct_conn.pdbx_leaving_atom_flag        ? 
_struct_conn.pdbx_PDB_id                   ? 
_struct_conn.ptnr1_label_asym_id           A 
_struct_conn.ptnr1_label_comp_id           CYS 
_struct_conn.ptnr1_label_seq_id            9 
_struct_conn.ptnr1_label_atom_id           SG 
_struct_conn.pdbx_ptnr1_label_alt_id       ? 
_struct_conn.pdbx_ptnr1_PDB_ins_code       ? 
_struct_conn.pdbx_ptnr1_standard_comp_id   ? 
_struct_conn.ptnr1_symmetry                1_555 
_struct_conn.ptnr2_label_asym_id           A 
_struct_conn.ptnr2_label_comp_id           CYS 
_struct_conn.ptnr2_label_seq_id            36 
_struct_conn.ptnr2_label_atom_id           SG 
_struct_conn.pdbx_ptnr2_label_alt_id       ? 
_struct_conn.pdbx_ptnr2_PDB_ins_code       ? 
_struct_conn.ptnr1_auth_asym_id            A 
_struct_conn.ptnr1_auth_comp_id            CYS 
_struct_conn.ptnr1_auth_seq_id             9 
_struct_conn.ptnr2_auth_asym_id            A 
_struct_conn.ptnr2_auth_comp_id            CYS 
_struct_conn.ptnr2_auth_seq_id             36 
_struct_conn.ptnr2_symmetry                1_555 
_struct_conn.pdbx_ptnr3_label_atom_id      ? 
_struct_conn.pdbx_ptnr3_label_seq_id       ? 
_struct_conn.pdbx_ptnr3_label_comp_id      ? 
_struct_conn.pdbx_ptnr3_label_asym_id      ? 
_struct_conn.pdbx_ptnr3_label_alt_id       ? 
_struct_conn.pdbx_ptnr3_PDB_ins_code       ? 
_struct_conn.details                       ? 
_struct_conn.pdbx_dist_value               2.031 
_struct_conn.pdbx_value_order              ? 
_struct_conn.pdbx_role                     ? 
# 
_struct_conn_type.id          disulf 
_struct_conn_type.criteria    ? 
_struct_conn_type.reference   ? 
# 
_pdbx_modification_feature.ordinal                            1 
_pdbx_modification_feature.label_comp_id                      CYS 
_pdbx_modification_feature.label_asym_id                      A 
_pdbx_modification_feature.label_seq_id                       9 
_pdbx_modification_feature.label_alt_id                       ? 
_pdbx_modification_feature.modified_residue_label_comp_id     CYS 
_pdbx_modification_feature.modified_residue_label_asym_id     A 
_pdbx_modification_feature.modified_residue_label_seq_id      36 
_pdbx_modification_feature.modified_residue_label_alt_id      ? 
_pdbx_modification_feature.auth_comp_id                       CYS 
_pdbx_modification_feature.auth_asym_id                       A 
_pdbx_modification_feature.auth_seq_id                        9 
_pdbx_modification_feature.PDB_ins_code                       ? 
_pdbx_modification_feature.symmetry                           1_555 
_pdbx_modification_feature.modified_residue_auth_comp_id      CYS 
_pdbx_modification_feature.modified_residue_auth_asym_id      A 
_pdbx_modification_feature.modified_residue_auth_seq_id       36 
_pdbx_modification_feature.modified_residue_PDB_ins_code      ? 
_pdbx_modification_feature.modified_residue_symmetry          1_555 
_pdbx_modification_feature.comp_id_linking_atom               SG 
_pdbx_modification_feature.modified_residue_id_linking_atom   SG 
_pdbx_modification_feature.modified_residue_id                . 
_pdbx_modification_feature.ref_pcm_id                         . 
_pdbx_modification_feature.ref_comp_id                        . 
_pdbx_modification_feature.type                               None 
_pdbx_modification_feature.category                           'Disulfide bridge' 
# 
_pdbx_entry_details.entry_id                   5YO6 
_pdbx_entry_details.compound_details           ? 
_pdbx_entry_details.source_details             ? 
_pdbx_entry_details.nonpolymer_details         ? 
_pdbx_entry_details.sequence_details           ? 
_pdbx_entry_details.has_ligand_of_interest     ? 
_pdbx_entry_details.has_protein_modification   Y 
# 
loop_
_pdbx_validate_close_contact.id 
_pdbx_validate_close_contact.PDB_model_num 
_pdbx_validate_close_contact.auth_atom_id_1 
_pdbx_validate_close_contact.auth_asym_id_1 
_pdbx_validate_close_contact.auth_comp_id_1 
_pdbx_validate_close_contact.auth_seq_id_1 
_pdbx_validate_close_contact.PDB_ins_code_1 
_pdbx_validate_close_contact.label_alt_id_1 
_pdbx_validate_close_contact.auth_atom_id_2 
_pdbx_validate_close_contact.auth_asym_id_2 
_pdbx_validate_close_contact.auth_comp_id_2 
_pdbx_validate_close_contact.auth_seq_id_2 
_pdbx_validate_close_contact.PDB_ins_code_2 
_pdbx_validate_close_contact.label_alt_id_2 
_pdbx_validate_close_contact.dist 
1 1 O   A HOH 402 ? ? O A HOH 426 ? ? 1.88 
2 1 NH2 A ARG 62  ? ? O A HOH 301 ? ? 1.98 
3 1 O   A HOH 381 ? ? O A HOH 399 ? ? 2.06 
4 1 O   A HOH 380 ? ? O A HOH 402 ? ? 2.08 
5 1 O   A HOH 301 ? ? O A HOH 368 ? ? 2.12 
6 1 O   A HOH 394 ? ? O A HOH 403 ? ? 2.16 
7 1 O   A HOH 413 ? ? O A HOH 417 ? ? 2.17 
8 1 O   A HOH 318 ? ? O A HOH 388 ? ? 2.18 
# 
_pdbx_validate_symm_contact.id                1 
_pdbx_validate_symm_contact.PDB_model_num     1 
_pdbx_validate_symm_contact.auth_atom_id_1    O 
_pdbx_validate_symm_contact.auth_asym_id_1    A 
_pdbx_validate_symm_contact.auth_comp_id_1    HOH 
_pdbx_validate_symm_contact.auth_seq_id_1     355 
_pdbx_validate_symm_contact.PDB_ins_code_1    ? 
_pdbx_validate_symm_contact.label_alt_id_1    ? 
_pdbx_validate_symm_contact.site_symmetry_1   1_555 
_pdbx_validate_symm_contact.auth_atom_id_2    O 
_pdbx_validate_symm_contact.auth_asym_id_2    A 
_pdbx_validate_symm_contact.auth_comp_id_2    HOH 
_pdbx_validate_symm_contact.auth_seq_id_2     392 
_pdbx_validate_symm_contact.PDB_ins_code_2    ? 
_pdbx_validate_symm_contact.label_alt_id_2    ? 
_pdbx_validate_symm_contact.site_symmetry_2   4_555 
_pdbx_validate_symm_contact.dist              2.07 
# 
_pdbx_validate_torsion.id              1 
_pdbx_validate_torsion.PDB_model_num   1 
_pdbx_validate_torsion.auth_comp_id    GLU 
_pdbx_validate_torsion.auth_asym_id    A 
_pdbx_validate_torsion.auth_seq_id     4 
_pdbx_validate_torsion.PDB_ins_code    ? 
_pdbx_validate_torsion.label_alt_id    ? 
_pdbx_validate_torsion.phi             96.68 
_pdbx_validate_torsion.psi             -58.86 
# 
loop_
_pdbx_struct_special_symmetry.id 
_pdbx_struct_special_symmetry.PDB_model_num 
_pdbx_struct_special_symmetry.auth_asym_id 
_pdbx_struct_special_symmetry.auth_comp_id 
_pdbx_struct_special_symmetry.auth_seq_id 
_pdbx_struct_special_symmetry.PDB_ins_code 
_pdbx_struct_special_symmetry.label_asym_id 
_pdbx_struct_special_symmetry.label_comp_id 
_pdbx_struct_special_symmetry.label_seq_id 
1 1 A HOH 423 ? B HOH . 
2 1 A HOH 428 ? B HOH . 
# 
loop_
_chem_comp_atom.comp_id 
_chem_comp_atom.atom_id 
_chem_comp_atom.type_symbol 
_chem_comp_atom.pdbx_aromatic_flag 
_chem_comp_atom.pdbx_stereo_config 
_chem_comp_atom.pdbx_ordinal 
ALA N    N N N 1   
ALA CA   C N S 2   
ALA C    C N N 3   
ALA O    O N N 4   
ALA CB   C N N 5   
ALA OXT  O N N 6   
ALA H    H N N 7   
ALA H2   H N N 8   
ALA HA   H N N 9   
ALA HB1  H N N 10  
ALA HB2  H N N 11  
ALA HB3  H N N 12  
ALA HXT  H N N 13  
ARG N    N N N 14  
ARG CA   C N S 15  
ARG C    C N N 16  
ARG O    O N N 17  
ARG CB   C N N 18  
ARG CG   C N N 19  
ARG CD   C N N 20  
ARG NE   N N N 21  
ARG CZ   C N N 22  
ARG NH1  N N N 23  
ARG NH2  N N N 24  
ARG OXT  O N N 25  
ARG H    H N N 26  
ARG H2   H N N 27  
ARG HA   H N N 28  
ARG HB2  H N N 29  
ARG HB3  H N N 30  
ARG HG2  H N N 31  
ARG HG3  H N N 32  
ARG HD2  H N N 33  
ARG HD3  H N N 34  
ARG HE   H N N 35  
ARG HH11 H N N 36  
ARG HH12 H N N 37  
ARG HH21 H N N 38  
ARG HH22 H N N 39  
ARG HXT  H N N 40  
ASN N    N N N 41  
ASN CA   C N S 42  
ASN C    C N N 43  
ASN O    O N N 44  
ASN CB   C N N 45  
ASN CG   C N N 46  
ASN OD1  O N N 47  
ASN ND2  N N N 48  
ASN OXT  O N N 49  
ASN H    H N N 50  
ASN H2   H N N 51  
ASN HA   H N N 52  
ASN HB2  H N N 53  
ASN HB3  H N N 54  
ASN HD21 H N N 55  
ASN HD22 H N N 56  
ASN HXT  H N N 57  
ASP N    N N N 58  
ASP CA   C N S 59  
ASP C    C N N 60  
ASP O    O N N 61  
ASP CB   C N N 62  
ASP CG   C N N 63  
ASP OD1  O N N 64  
ASP OD2  O N N 65  
ASP OXT  O N N 66  
ASP H    H N N 67  
ASP H2   H N N 68  
ASP HA   H N N 69  
ASP HB2  H N N 70  
ASP HB3  H N N 71  
ASP HD2  H N N 72  
ASP HXT  H N N 73  
CYS N    N N N 74  
CYS CA   C N R 75  
CYS C    C N N 76  
CYS O    O N N 77  
CYS CB   C N N 78  
CYS SG   S N N 79  
CYS OXT  O N N 80  
CYS H    H N N 81  
CYS H2   H N N 82  
CYS HA   H N N 83  
CYS HB2  H N N 84  
CYS HB3  H N N 85  
CYS HG   H N N 86  
CYS HXT  H N N 87  
GLN N    N N N 88  
GLN CA   C N S 89  
GLN C    C N N 90  
GLN O    O N N 91  
GLN CB   C N N 92  
GLN CG   C N N 93  
GLN CD   C N N 94  
GLN OE1  O N N 95  
GLN NE2  N N N 96  
GLN OXT  O N N 97  
GLN H    H N N 98  
GLN H2   H N N 99  
GLN HA   H N N 100 
GLN HB2  H N N 101 
GLN HB3  H N N 102 
GLN HG2  H N N 103 
GLN HG3  H N N 104 
GLN HE21 H N N 105 
GLN HE22 H N N 106 
GLN HXT  H N N 107 
GLU N    N N N 108 
GLU CA   C N S 109 
GLU C    C N N 110 
GLU O    O N N 111 
GLU CB   C N N 112 
GLU CG   C N N 113 
GLU CD   C N N 114 
GLU OE1  O N N 115 
GLU OE2  O N N 116 
GLU OXT  O N N 117 
GLU H    H N N 118 
GLU H2   H N N 119 
GLU HA   H N N 120 
GLU HB2  H N N 121 
GLU HB3  H N N 122 
GLU HG2  H N N 123 
GLU HG3  H N N 124 
GLU HE2  H N N 125 
GLU HXT  H N N 126 
GLY N    N N N 127 
GLY CA   C N N 128 
GLY C    C N N 129 
GLY O    O N N 130 
GLY OXT  O N N 131 
GLY H    H N N 132 
GLY H2   H N N 133 
GLY HA2  H N N 134 
GLY HA3  H N N 135 
GLY HXT  H N N 136 
HIS N    N N N 137 
HIS CA   C N S 138 
HIS C    C N N 139 
HIS O    O N N 140 
HIS CB   C N N 141 
HIS CG   C Y N 142 
HIS ND1  N Y N 143 
HIS CD2  C Y N 144 
HIS CE1  C Y N 145 
HIS NE2  N Y N 146 
HIS OXT  O N N 147 
HIS H    H N N 148 
HIS H2   H N N 149 
HIS HA   H N N 150 
HIS HB2  H N N 151 
HIS HB3  H N N 152 
HIS HD1  H N N 153 
HIS HD2  H N N 154 
HIS HE1  H N N 155 
HIS HE2  H N N 156 
HIS HXT  H N N 157 
HOH O    O N N 158 
HOH H1   H N N 159 
HOH H2   H N N 160 
ILE N    N N N 161 
ILE CA   C N S 162 
ILE C    C N N 163 
ILE O    O N N 164 
ILE CB   C N S 165 
ILE CG1  C N N 166 
ILE CG2  C N N 167 
ILE CD1  C N N 168 
ILE OXT  O N N 169 
ILE H    H N N 170 
ILE H2   H N N 171 
ILE HA   H N N 172 
ILE HB   H N N 173 
ILE HG12 H N N 174 
ILE HG13 H N N 175 
ILE HG21 H N N 176 
ILE HG22 H N N 177 
ILE HG23 H N N 178 
ILE HD11 H N N 179 
ILE HD12 H N N 180 
ILE HD13 H N N 181 
ILE HXT  H N N 182 
LEU N    N N N 183 
LEU CA   C N S 184 
LEU C    C N N 185 
LEU O    O N N 186 
LEU CB   C N N 187 
LEU CG   C N N 188 
LEU CD1  C N N 189 
LEU CD2  C N N 190 
LEU OXT  O N N 191 
LEU H    H N N 192 
LEU H2   H N N 193 
LEU HA   H N N 194 
LEU HB2  H N N 195 
LEU HB3  H N N 196 
LEU HG   H N N 197 
LEU HD11 H N N 198 
LEU HD12 H N N 199 
LEU HD13 H N N 200 
LEU HD21 H N N 201 
LEU HD22 H N N 202 
LEU HD23 H N N 203 
LEU HXT  H N N 204 
LYS N    N N N 205 
LYS CA   C N S 206 
LYS C    C N N 207 
LYS O    O N N 208 
LYS CB   C N N 209 
LYS CG   C N N 210 
LYS CD   C N N 211 
LYS CE   C N N 212 
LYS NZ   N N N 213 
LYS OXT  O N N 214 
LYS H    H N N 215 
LYS H2   H N N 216 
LYS HA   H N N 217 
LYS HB2  H N N 218 
LYS HB3  H N N 219 
LYS HG2  H N N 220 
LYS HG3  H N N 221 
LYS HD2  H N N 222 
LYS HD3  H N N 223 
LYS HE2  H N N 224 
LYS HE3  H N N 225 
LYS HZ1  H N N 226 
LYS HZ2  H N N 227 
LYS HZ3  H N N 228 
LYS HXT  H N N 229 
MET N    N N N 230 
MET CA   C N S 231 
MET C    C N N 232 
MET O    O N N 233 
MET CB   C N N 234 
MET CG   C N N 235 
MET SD   S N N 236 
MET CE   C N N 237 
MET OXT  O N N 238 
MET H    H N N 239 
MET H2   H N N 240 
MET HA   H N N 241 
MET HB2  H N N 242 
MET HB3  H N N 243 
MET HG2  H N N 244 
MET HG3  H N N 245 
MET HE1  H N N 246 
MET HE2  H N N 247 
MET HE3  H N N 248 
MET HXT  H N N 249 
PHE N    N N N 250 
PHE CA   C N S 251 
PHE C    C N N 252 
PHE O    O N N 253 
PHE CB   C N N 254 
PHE CG   C Y N 255 
PHE CD1  C Y N 256 
PHE CD2  C Y N 257 
PHE CE1  C Y N 258 
PHE CE2  C Y N 259 
PHE CZ   C Y N 260 
PHE OXT  O N N 261 
PHE H    H N N 262 
PHE H2   H N N 263 
PHE HA   H N N 264 
PHE HB2  H N N 265 
PHE HB3  H N N 266 
PHE HD1  H N N 267 
PHE HD2  H N N 268 
PHE HE1  H N N 269 
PHE HE2  H N N 270 
PHE HZ   H N N 271 
PHE HXT  H N N 272 
PRO N    N N N 273 
PRO CA   C N S 274 
PRO C    C N N 275 
PRO O    O N N 276 
PRO CB   C N N 277 
PRO CG   C N N 278 
PRO CD   C N N 279 
PRO OXT  O N N 280 
PRO H    H N N 281 
PRO HA   H N N 282 
PRO HB2  H N N 283 
PRO HB3  H N N 284 
PRO HG2  H N N 285 
PRO HG3  H N N 286 
PRO HD2  H N N 287 
PRO HD3  H N N 288 
PRO HXT  H N N 289 
SER N    N N N 290 
SER CA   C N S 291 
SER C    C N N 292 
SER O    O N N 293 
SER CB   C N N 294 
SER OG   O N N 295 
SER OXT  O N N 296 
SER H    H N N 297 
SER H2   H N N 298 
SER HA   H N N 299 
SER HB2  H N N 300 
SER HB3  H N N 301 
SER HG   H N N 302 
SER HXT  H N N 303 
THR N    N N N 304 
THR CA   C N S 305 
THR C    C N N 306 
THR O    O N N 307 
THR CB   C N R 308 
THR OG1  O N N 309 
THR CG2  C N N 310 
THR OXT  O N N 311 
THR H    H N N 312 
THR H2   H N N 313 
THR HA   H N N 314 
THR HB   H N N 315 
THR HG1  H N N 316 
THR HG21 H N N 317 
THR HG22 H N N 318 
THR HG23 H N N 319 
THR HXT  H N N 320 
TRP N    N N N 321 
TRP CA   C N S 322 
TRP C    C N N 323 
TRP O    O N N 324 
TRP CB   C N N 325 
TRP CG   C Y N 326 
TRP CD1  C Y N 327 
TRP CD2  C Y N 328 
TRP NE1  N Y N 329 
TRP CE2  C Y N 330 
TRP CE3  C Y N 331 
TRP CZ2  C Y N 332 
TRP CZ3  C Y N 333 
TRP CH2  C Y N 334 
TRP OXT  O N N 335 
TRP H    H N N 336 
TRP H2   H N N 337 
TRP HA   H N N 338 
TRP HB2  H N N 339 
TRP HB3  H N N 340 
TRP HD1  H N N 341 
TRP HE1  H N N 342 
TRP HE3  H N N 343 
TRP HZ2  H N N 344 
TRP HZ3  H N N 345 
TRP HH2  H N N 346 
TRP HXT  H N N 347 
TYR N    N N N 348 
TYR CA   C N S 349 
TYR C    C N N 350 
TYR O    O N N 351 
TYR CB   C N N 352 
TYR CG   C Y N 353 
TYR CD1  C Y N 354 
TYR CD2  C Y N 355 
TYR CE1  C Y N 356 
TYR CE2  C Y N 357 
TYR CZ   C Y N 358 
TYR OH   O N N 359 
TYR OXT  O N N 360 
TYR H    H N N 361 
TYR H2   H N N 362 
TYR HA   H N N 363 
TYR HB2  H N N 364 
TYR HB3  H N N 365 
TYR HD1  H N N 366 
TYR HD2  H N N 367 
TYR HE1  H N N 368 
TYR HE2  H N N 369 
TYR HH   H N N 370 
TYR HXT  H N N 371 
VAL N    N N N 372 
VAL CA   C N S 373 
VAL C    C N N 374 
VAL O    O N N 375 
VAL CB   C N N 376 
VAL CG1  C N N 377 
VAL CG2  C N N 378 
VAL OXT  O N N 379 
VAL H    H N N 380 
VAL H2   H N N 381 
VAL HA   H N N 382 
VAL HB   H N N 383 
VAL HG11 H N N 384 
VAL HG12 H N N 385 
VAL HG13 H N N 386 
VAL HG21 H N N 387 
VAL HG22 H N N 388 
VAL HG23 H N N 389 
VAL HXT  H N N 390 
# 
loop_
_chem_comp_bond.comp_id 
_chem_comp_bond.atom_id_1 
_chem_comp_bond.atom_id_2 
_chem_comp_bond.value_order 
_chem_comp_bond.pdbx_aromatic_flag 
_chem_comp_bond.pdbx_stereo_config 
_chem_comp_bond.pdbx_ordinal 
ALA N   CA   sing N N 1   
ALA N   H    sing N N 2   
ALA N   H2   sing N N 3   
ALA CA  C    sing N N 4   
ALA CA  CB   sing N N 5   
ALA CA  HA   sing N N 6   
ALA C   O    doub N N 7   
ALA C   OXT  sing N N 8   
ALA CB  HB1  sing N N 9   
ALA CB  HB2  sing N N 10  
ALA CB  HB3  sing N N 11  
ALA OXT HXT  sing N N 12  
ARG N   CA   sing N N 13  
ARG N   H    sing N N 14  
ARG N   H2   sing N N 15  
ARG CA  C    sing N N 16  
ARG CA  CB   sing N N 17  
ARG CA  HA   sing N N 18  
ARG C   O    doub N N 19  
ARG C   OXT  sing N N 20  
ARG CB  CG   sing N N 21  
ARG CB  HB2  sing N N 22  
ARG CB  HB3  sing N N 23  
ARG CG  CD   sing N N 24  
ARG CG  HG2  sing N N 25  
ARG CG  HG3  sing N N 26  
ARG CD  NE   sing N N 27  
ARG CD  HD2  sing N N 28  
ARG CD  HD3  sing N N 29  
ARG NE  CZ   sing N N 30  
ARG NE  HE   sing N N 31  
ARG CZ  NH1  sing N N 32  
ARG CZ  NH2  doub N N 33  
ARG NH1 HH11 sing N N 34  
ARG NH1 HH12 sing N N 35  
ARG NH2 HH21 sing N N 36  
ARG NH2 HH22 sing N N 37  
ARG OXT HXT  sing N N 38  
ASN N   CA   sing N N 39  
ASN N   H    sing N N 40  
ASN N   H2   sing N N 41  
ASN CA  C    sing N N 42  
ASN CA  CB   sing N N 43  
ASN CA  HA   sing N N 44  
ASN C   O    doub N N 45  
ASN C   OXT  sing N N 46  
ASN CB  CG   sing N N 47  
ASN CB  HB2  sing N N 48  
ASN CB  HB3  sing N N 49  
ASN CG  OD1  doub N N 50  
ASN CG  ND2  sing N N 51  
ASN ND2 HD21 sing N N 52  
ASN ND2 HD22 sing N N 53  
ASN OXT HXT  sing N N 54  
ASP N   CA   sing N N 55  
ASP N   H    sing N N 56  
ASP N   H2   sing N N 57  
ASP CA  C    sing N N 58  
ASP CA  CB   sing N N 59  
ASP CA  HA   sing N N 60  
ASP C   O    doub N N 61  
ASP C   OXT  sing N N 62  
ASP CB  CG   sing N N 63  
ASP CB  HB2  sing N N 64  
ASP CB  HB3  sing N N 65  
ASP CG  OD1  doub N N 66  
ASP CG  OD2  sing N N 67  
ASP OD2 HD2  sing N N 68  
ASP OXT HXT  sing N N 69  
CYS N   CA   sing N N 70  
CYS N   H    sing N N 71  
CYS N   H2   sing N N 72  
CYS CA  C    sing N N 73  
CYS CA  CB   sing N N 74  
CYS CA  HA   sing N N 75  
CYS C   O    doub N N 76  
CYS C   OXT  sing N N 77  
CYS CB  SG   sing N N 78  
CYS CB  HB2  sing N N 79  
CYS CB  HB3  sing N N 80  
CYS SG  HG   sing N N 81  
CYS OXT HXT  sing N N 82  
GLN N   CA   sing N N 83  
GLN N   H    sing N N 84  
GLN N   H2   sing N N 85  
GLN CA  C    sing N N 86  
GLN CA  CB   sing N N 87  
GLN CA  HA   sing N N 88  
GLN C   O    doub N N 89  
GLN C   OXT  sing N N 90  
GLN CB  CG   sing N N 91  
GLN CB  HB2  sing N N 92  
GLN CB  HB3  sing N N 93  
GLN CG  CD   sing N N 94  
GLN CG  HG2  sing N N 95  
GLN CG  HG3  sing N N 96  
GLN CD  OE1  doub N N 97  
GLN CD  NE2  sing N N 98  
GLN NE2 HE21 sing N N 99  
GLN NE2 HE22 sing N N 100 
GLN OXT HXT  sing N N 101 
GLU N   CA   sing N N 102 
GLU N   H    sing N N 103 
GLU N   H2   sing N N 104 
GLU CA  C    sing N N 105 
GLU CA  CB   sing N N 106 
GLU CA  HA   sing N N 107 
GLU C   O    doub N N 108 
GLU C   OXT  sing N N 109 
GLU CB  CG   sing N N 110 
GLU CB  HB2  sing N N 111 
GLU CB  HB3  sing N N 112 
GLU CG  CD   sing N N 113 
GLU CG  HG2  sing N N 114 
GLU CG  HG3  sing N N 115 
GLU CD  OE1  doub N N 116 
GLU CD  OE2  sing N N 117 
GLU OE2 HE2  sing N N 118 
GLU OXT HXT  sing N N 119 
GLY N   CA   sing N N 120 
GLY N   H    sing N N 121 
GLY N   H2   sing N N 122 
GLY CA  C    sing N N 123 
GLY CA  HA2  sing N N 124 
GLY CA  HA3  sing N N 125 
GLY C   O    doub N N 126 
GLY C   OXT  sing N N 127 
GLY OXT HXT  sing N N 128 
HIS N   CA   sing N N 129 
HIS N   H    sing N N 130 
HIS N   H2   sing N N 131 
HIS CA  C    sing N N 132 
HIS CA  CB   sing N N 133 
HIS CA  HA   sing N N 134 
HIS C   O    doub N N 135 
HIS C   OXT  sing N N 136 
HIS CB  CG   sing N N 137 
HIS CB  HB2  sing N N 138 
HIS CB  HB3  sing N N 139 
HIS CG  ND1  sing Y N 140 
HIS CG  CD2  doub Y N 141 
HIS ND1 CE1  doub Y N 142 
HIS ND1 HD1  sing N N 143 
HIS CD2 NE2  sing Y N 144 
HIS CD2 HD2  sing N N 145 
HIS CE1 NE2  sing Y N 146 
HIS CE1 HE1  sing N N 147 
HIS NE2 HE2  sing N N 148 
HIS OXT HXT  sing N N 149 
HOH O   H1   sing N N 150 
HOH O   H2   sing N N 151 
ILE N   CA   sing N N 152 
ILE N   H    sing N N 153 
ILE N   H2   sing N N 154 
ILE CA  C    sing N N 155 
ILE CA  CB   sing N N 156 
ILE CA  HA   sing N N 157 
ILE C   O    doub N N 158 
ILE C   OXT  sing N N 159 
ILE CB  CG1  sing N N 160 
ILE CB  CG2  sing N N 161 
ILE CB  HB   sing N N 162 
ILE CG1 CD1  sing N N 163 
ILE CG1 HG12 sing N N 164 
ILE CG1 HG13 sing N N 165 
ILE CG2 HG21 sing N N 166 
ILE CG2 HG22 sing N N 167 
ILE CG2 HG23 sing N N 168 
ILE CD1 HD11 sing N N 169 
ILE CD1 HD12 sing N N 170 
ILE CD1 HD13 sing N N 171 
ILE OXT HXT  sing N N 172 
LEU N   CA   sing N N 173 
LEU N   H    sing N N 174 
LEU N   H2   sing N N 175 
LEU CA  C    sing N N 176 
LEU CA  CB   sing N N 177 
LEU CA  HA   sing N N 178 
LEU C   O    doub N N 179 
LEU C   OXT  sing N N 180 
LEU CB  CG   sing N N 181 
LEU CB  HB2  sing N N 182 
LEU CB  HB3  sing N N 183 
LEU CG  CD1  sing N N 184 
LEU CG  CD2  sing N N 185 
LEU CG  HG   sing N N 186 
LEU CD1 HD11 sing N N 187 
LEU CD1 HD12 sing N N 188 
LEU CD1 HD13 sing N N 189 
LEU CD2 HD21 sing N N 190 
LEU CD2 HD22 sing N N 191 
LEU CD2 HD23 sing N N 192 
LEU OXT HXT  sing N N 193 
LYS N   CA   sing N N 194 
LYS N   H    sing N N 195 
LYS N   H2   sing N N 196 
LYS CA  C    sing N N 197 
LYS CA  CB   sing N N 198 
LYS CA  HA   sing N N 199 
LYS C   O    doub N N 200 
LYS C   OXT  sing N N 201 
LYS CB  CG   sing N N 202 
LYS CB  HB2  sing N N 203 
LYS CB  HB3  sing N N 204 
LYS CG  CD   sing N N 205 
LYS CG  HG2  sing N N 206 
LYS CG  HG3  sing N N 207 
LYS CD  CE   sing N N 208 
LYS CD  HD2  sing N N 209 
LYS CD  HD3  sing N N 210 
LYS CE  NZ   sing N N 211 
LYS CE  HE2  sing N N 212 
LYS CE  HE3  sing N N 213 
LYS NZ  HZ1  sing N N 214 
LYS NZ  HZ2  sing N N 215 
LYS NZ  HZ3  sing N N 216 
LYS OXT HXT  sing N N 217 
MET N   CA   sing N N 218 
MET N   H    sing N N 219 
MET N   H2   sing N N 220 
MET CA  C    sing N N 221 
MET CA  CB   sing N N 222 
MET CA  HA   sing N N 223 
MET C   O    doub N N 224 
MET C   OXT  sing N N 225 
MET CB  CG   sing N N 226 
MET CB  HB2  sing N N 227 
MET CB  HB3  sing N N 228 
MET CG  SD   sing N N 229 
MET CG  HG2  sing N N 230 
MET CG  HG3  sing N N 231 
MET SD  CE   sing N N 232 
MET CE  HE1  sing N N 233 
MET CE  HE2  sing N N 234 
MET CE  HE3  sing N N 235 
MET OXT HXT  sing N N 236 
PHE N   CA   sing N N 237 
PHE N   H    sing N N 238 
PHE N   H2   sing N N 239 
PHE CA  C    sing N N 240 
PHE CA  CB   sing N N 241 
PHE CA  HA   sing N N 242 
PHE C   O    doub N N 243 
PHE C   OXT  sing N N 244 
PHE CB  CG   sing N N 245 
PHE CB  HB2  sing N N 246 
PHE CB  HB3  sing N N 247 
PHE CG  CD1  doub Y N 248 
PHE CG  CD2  sing Y N 249 
PHE CD1 CE1  sing Y N 250 
PHE CD1 HD1  sing N N 251 
PHE CD2 CE2  doub Y N 252 
PHE CD2 HD2  sing N N 253 
PHE CE1 CZ   doub Y N 254 
PHE CE1 HE1  sing N N 255 
PHE CE2 CZ   sing Y N 256 
PHE CE2 HE2  sing N N 257 
PHE CZ  HZ   sing N N 258 
PHE OXT HXT  sing N N 259 
PRO N   CA   sing N N 260 
PRO N   CD   sing N N 261 
PRO N   H    sing N N 262 
PRO CA  C    sing N N 263 
PRO CA  CB   sing N N 264 
PRO CA  HA   sing N N 265 
PRO C   O    doub N N 266 
PRO C   OXT  sing N N 267 
PRO CB  CG   sing N N 268 
PRO CB  HB2  sing N N 269 
PRO CB  HB3  sing N N 270 
PRO CG  CD   sing N N 271 
PRO CG  HG2  sing N N 272 
PRO CG  HG3  sing N N 273 
PRO CD  HD2  sing N N 274 
PRO CD  HD3  sing N N 275 
PRO OXT HXT  sing N N 276 
SER N   CA   sing N N 277 
SER N   H    sing N N 278 
SER N   H2   sing N N 279 
SER CA  C    sing N N 280 
SER CA  CB   sing N N 281 
SER CA  HA   sing N N 282 
SER C   O    doub N N 283 
SER C   OXT  sing N N 284 
SER CB  OG   sing N N 285 
SER CB  HB2  sing N N 286 
SER CB  HB3  sing N N 287 
SER OG  HG   sing N N 288 
SER OXT HXT  sing N N 289 
THR N   CA   sing N N 290 
THR N   H    sing N N 291 
THR N   H2   sing N N 292 
THR CA  C    sing N N 293 
THR CA  CB   sing N N 294 
THR CA  HA   sing N N 295 
THR C   O    doub N N 296 
THR C   OXT  sing N N 297 
THR CB  OG1  sing N N 298 
THR CB  CG2  sing N N 299 
THR CB  HB   sing N N 300 
THR OG1 HG1  sing N N 301 
THR CG2 HG21 sing N N 302 
THR CG2 HG22 sing N N 303 
THR CG2 HG23 sing N N 304 
THR OXT HXT  sing N N 305 
TRP N   CA   sing N N 306 
TRP N   H    sing N N 307 
TRP N   H2   sing N N 308 
TRP CA  C    sing N N 309 
TRP CA  CB   sing N N 310 
TRP CA  HA   sing N N 311 
TRP C   O    doub N N 312 
TRP C   OXT  sing N N 313 
TRP CB  CG   sing N N 314 
TRP CB  HB2  sing N N 315 
TRP CB  HB3  sing N N 316 
TRP CG  CD1  doub Y N 317 
TRP CG  CD2  sing Y N 318 
TRP CD1 NE1  sing Y N 319 
TRP CD1 HD1  sing N N 320 
TRP CD2 CE2  doub Y N 321 
TRP CD2 CE3  sing Y N 322 
TRP NE1 CE2  sing Y N 323 
TRP NE1 HE1  sing N N 324 
TRP CE2 CZ2  sing Y N 325 
TRP CE3 CZ3  doub Y N 326 
TRP CE3 HE3  sing N N 327 
TRP CZ2 CH2  doub Y N 328 
TRP CZ2 HZ2  sing N N 329 
TRP CZ3 CH2  sing Y N 330 
TRP CZ3 HZ3  sing N N 331 
TRP CH2 HH2  sing N N 332 
TRP OXT HXT  sing N N 333 
TYR N   CA   sing N N 334 
TYR N   H    sing N N 335 
TYR N   H2   sing N N 336 
TYR CA  C    sing N N 337 
TYR CA  CB   sing N N 338 
TYR CA  HA   sing N N 339 
TYR C   O    doub N N 340 
TYR C   OXT  sing N N 341 
TYR CB  CG   sing N N 342 
TYR CB  HB2  sing N N 343 
TYR CB  HB3  sing N N 344 
TYR CG  CD1  doub Y N 345 
TYR CG  CD2  sing Y N 346 
TYR CD1 CE1  sing Y N 347 
TYR CD1 HD1  sing N N 348 
TYR CD2 CE2  doub Y N 349 
TYR CD2 HD2  sing N N 350 
TYR CE1 CZ   doub Y N 351 
TYR CE1 HE1  sing N N 352 
TYR CE2 CZ   sing Y N 353 
TYR CE2 HE2  sing N N 354 
TYR CZ  OH   sing N N 355 
TYR OH  HH   sing N N 356 
TYR OXT HXT  sing N N 357 
VAL N   CA   sing N N 358 
VAL N   H    sing N N 359 
VAL N   H2   sing N N 360 
VAL CA  C    sing N N 361 
VAL CA  CB   sing N N 362 
VAL CA  HA   sing N N 363 
VAL C   O    doub N N 364 
VAL C   OXT  sing N N 365 
VAL CB  CG1  sing N N 366 
VAL CB  CG2  sing N N 367 
VAL CB  HB   sing N N 368 
VAL CG1 HG11 sing N N 369 
VAL CG1 HG12 sing N N 370 
VAL CG1 HG13 sing N N 371 
VAL CG2 HG21 sing N N 372 
VAL CG2 HG22 sing N N 373 
VAL CG2 HG23 sing N N 374 
VAL OXT HXT  sing N N 375 
# 
_pdbx_initial_refinement_model.id               1 
_pdbx_initial_refinement_model.entity_id_list   ? 
_pdbx_initial_refinement_model.type             'experimental model' 
_pdbx_initial_refinement_model.source_name      PDB 
_pdbx_initial_refinement_model.accession_code   1M6T 
_pdbx_initial_refinement_model.details          ? 
# 
_atom_sites.entry_id                    5YO6 
_atom_sites.fract_transf_matrix[1][1]   0.00133547 
_atom_sites.fract_transf_matrix[1][2]   0.01370750 
_atom_sites.fract_transf_matrix[1][3]   -0.01958663 
_atom_sites.fract_transf_matrix[2][1]   0.00095050 
_atom_sites.fract_transf_matrix[2][2]   -0.01612706 
_atom_sites.fract_transf_matrix[2][3]   -0.01122155 
_atom_sites.fract_transf_matrix[3][1]   -0.01111960 
_atom_sites.fract_transf_matrix[3][2]   -0.00008596 
_atom_sites.fract_transf_matrix[3][3]   -0.00081833 
_atom_sites.fract_transf_vector[1]      0.425796 
_atom_sites.fract_transf_vector[2]      0.073776 
_atom_sites.fract_transf_vector[3]      -0.116003 
# 
loop_
_atom_type.symbol 
C 
N 
O 
S 
# 
loop_
_atom_site.group_PDB 
_atom_site.id 
_atom_site.type_symbol 
_atom_site.label_atom_id 
_atom_site.label_alt_id 
_atom_site.label_comp_id 
_atom_site.label_asym_id 
_atom_site.label_entity_id 
_atom_site.label_seq_id 
_atom_site.pdbx_PDB_ins_code 
_atom_site.Cartn_x 
_atom_site.Cartn_y 
_atom_site.Cartn_z 
_atom_site.occupancy 
_atom_site.B_iso_or_equiv 
_atom_site.pdbx_formal_charge 
_atom_site.auth_seq_id 
_atom_site.auth_comp_id 
_atom_site.auth_asym_id 
_atom_site.auth_atom_id 
_atom_site.pdbx_PDB_model_num 
ATOM   1   N N   . ALA A 1 1   ? -6.531  -5.420  13.261  1.00 42.78 ? 1   ALA A N   1 
ATOM   2   C CA  . ALA A 1 1   ? -6.554  -3.986  13.520  1.00 48.01 ? 1   ALA A CA  1 
ATOM   3   C C   . ALA A 1 1   ? -5.148  -3.452  13.767  1.00 45.37 ? 1   ALA A C   1 
ATOM   4   O O   . ALA A 1 1   ? -4.959  -2.249  13.942  1.00 41.80 ? 1   ALA A O   1 
ATOM   5   C CB  . ALA A 1 1   ? -7.461  -3.671  14.705  1.00 42.58 ? 1   ALA A CB  1 
ATOM   6   N N   . ASP A 1 2   ? -4.161  -4.343  13.776  1.00 40.38 ? 2   ASP A N   1 
ATOM   7   C CA  . ASP A 1 2   ? -2.781  -3.951  14.022  1.00 52.93 ? 2   ASP A CA  1 
ATOM   8   C C   . ASP A 1 2   ? -1.987  -3.894  12.720  1.00 44.82 ? 2   ASP A C   1 
ATOM   9   O O   . ASP A 1 2   ? -2.468  -4.254  11.643  1.00 27.92 ? 2   ASP A O   1 
ATOM   10  C CB  . ASP A 1 2   ? -2.103  -4.879  15.048  1.00 40.26 ? 2   ASP A CB  1 
ATOM   11  C CG  . ASP A 1 2   ? -2.070  -6.350  14.621  1.00 47.50 ? 2   ASP A CG  1 
ATOM   12  O OD1 . ASP A 1 2   ? -1.834  -7.203  15.505  1.00 51.34 ? 2   ASP A OD1 1 
ATOM   13  O OD2 . ASP A 1 2   ? -2.251  -6.671  13.427  1.00 33.59 ? 2   ASP A OD2 1 
ATOM   14  N N   . LEU A 1 3   ? -0.756  -3.406  12.826  1.00 27.22 ? 3   LEU A N   1 
ATOM   15  C CA  . LEU A 1 3   ? 0.214   -3.694  11.787  1.00 29.04 ? 3   LEU A CA  1 
ATOM   16  C C   . LEU A 1 3   ? 0.439   -5.196  11.809  1.00 42.49 ? 3   LEU A C   1 
ATOM   17  O O   . LEU A 1 3   ? 0.399   -5.816  12.875  1.00 59.91 ? 3   LEU A O   1 
ATOM   18  C CB  . LEU A 1 3   ? 1.526   -2.975  12.087  1.00 20.14 ? 3   LEU A CB  1 
ATOM   19  C CG  . LEU A 1 3   ? 2.524   -2.884  10.931  1.00 21.71 ? 3   LEU A CG  1 
ATOM   20  C CD1 . LEU A 1 3   ? 2.030   -1.898  9.893   1.00 22.79 ? 3   LEU A CD1 1 
ATOM   21  C CD2 . LEU A 1 3   ? 3.889   -2.476  11.450  1.00 25.31 ? 3   LEU A CD2 1 
ATOM   22  N N   . GLU A 1 4   ? 0.689   -5.763  10.629  1.00 44.46 ? 4   GLU A N   1 
ATOM   23  C CA  . GLU A 1 4   ? 0.596   -7.191  10.317  1.00 30.54 ? 4   GLU A CA  1 
ATOM   24  C C   . GLU A 1 4   ? -0.756  -7.479  9.681   1.00 22.45 ? 4   GLU A C   1 
ATOM   25  O O   . GLU A 1 4   ? -0.802  -7.943  8.540   1.00 19.78 ? 4   GLU A O   1 
ATOM   26  C CB  . GLU A 1 4   ? 0.902   -8.129  11.496  1.00 44.92 ? 4   GLU A CB  1 
ATOM   27  C CG  . GLU A 1 4   ? 0.321   -9.524  11.377  1.00 55.60 ? 4   GLU A CG  1 
ATOM   28  C CD  . GLU A 1 4   ? 0.115   -10.178 12.734  1.00 89.81 ? 4   GLU A CD  1 
ATOM   29  O OE1 . GLU A 1 4   ? -1.055  -10.348 13.144  1.00 82.51 ? 4   GLU A OE1 1 
ATOM   30  O OE2 . GLU A 1 4   ? 1.124   -10.509 13.397  1.00 82.97 ? 4   GLU A OE2 1 
ATOM   31  N N   . ASP A 1 5   ? -1.855  -7.181  10.382  1.00 19.53 ? 5   ASP A N   1 
ATOM   32  C CA  . ASP A 1 5   ? -3.173  -7.255  9.754   1.00 21.30 ? 5   ASP A CA  1 
ATOM   33  C C   . ASP A 1 5   ? -3.276  -6.287  8.578   1.00 17.57 ? 5   ASP A C   1 
ATOM   34  O O   . ASP A 1 5   ? -3.782  -6.641  7.509   1.00 17.61 ? 5   ASP A O   1 
ATOM   35  C CB  . ASP A 1 5   ? -4.266  -6.933  10.773  1.00 28.19 ? 5   ASP A CB  1 
ATOM   36  C CG  . ASP A 1 5   ? -4.540  -8.077  11.731  1.00 33.55 ? 5   ASP A CG  1 
ATOM   37  O OD1 . ASP A 1 5   ? -5.036  -7.794  12.840  1.00 36.85 ? 5   ASP A OD1 1 
ATOM   38  O OD2 . ASP A 1 5   ? -4.272  -9.247  11.381  1.00 32.33 ? 5   ASP A OD2 1 
ATOM   39  N N   . ASN A 1 6   ? -2.837  -5.040  8.773   1.00 19.01 ? 6   ASN A N   1 
ATOM   40  C CA  . ASN A 1 6   ? -2.878  -4.066  7.682   1.00 17.21 ? 6   ASN A CA  1 
ATOM   41  C C   . ASN A 1 6   ? -1.923  -4.441  6.561   1.00 14.59 ? 6   ASN A C   1 
ATOM   42  O O   . ASN A 1 6   ? -2.231  -4.220  5.385   1.00 15.56 ? 6   ASN A O   1 
ATOM   43  C CB  . ASN A 1 6   ? -2.610  -2.652  8.210   1.00 19.16 ? 6   ASN A CB  1 
ATOM   44  C CG  . ASN A 1 6   ? -3.807  -2.061  8.942   1.00 22.88 ? 6   ASN A CG  1 
ATOM   45  O OD1 . ASN A 1 6   ? -4.937  -2.113  8.451   1.00 25.51 ? 6   ASN A OD1 1 
ATOM   46  N ND2 . ASN A 1 6   ? -3.562  -1.488  10.115  1.00 23.16 ? 6   ASN A ND2 1 
ATOM   47  N N   . TRP A 1 7   ? -0.806  -5.073  6.894   1.00 16.93 ? 7   TRP A N   1 
ATOM   48  C CA  . TRP A 1 7   ? 0.127   -5.563  5.887   1.00 16.55 ? 7   TRP A CA  1 
ATOM   49  C C   . TRP A 1 7   ? -0.489  -6.695  5.064   1.00 15.63 ? 7   TRP A C   1 
ATOM   50  O O   . TRP A 1 7   ? -0.378  -6.720  3.831   1.00 16.21 ? 7   TRP A O   1 
ATOM   51  C CB  . TRP A 1 7   ? 1.397   -6.028  6.594   1.00 19.62 ? 7   TRP A CB  1 
ATOM   52  C CG  . TRP A 1 7   ? 2.509   -6.436  5.709   1.00 18.85 ? 7   TRP A CG  1 
ATOM   53  C CD1 . TRP A 1 7   ? 2.868   -7.708  5.373   1.00 30.93 ? 7   TRP A CD1 1 
ATOM   54  C CD2 . TRP A 1 7   ? 3.451   -5.570  5.074   1.00 25.93 ? 7   TRP A CD2 1 
ATOM   55  N NE1 . TRP A 1 7   ? 3.968   -7.687  4.556   1.00 32.92 ? 7   TRP A NE1 1 
ATOM   56  C CE2 . TRP A 1 7   ? 4.348   -6.387  4.358   1.00 25.00 ? 7   TRP A CE2 1 
ATOM   57  C CE3 . TRP A 1 7   ? 3.622   -4.187  5.038   1.00 27.09 ? 7   TRP A CE3 1 
ATOM   58  C CZ2 . TRP A 1 7   ? 5.400   -5.865  3.614   1.00 32.19 ? 7   TRP A CZ2 1 
ATOM   59  C CZ3 . TRP A 1 7   ? 4.663   -3.672  4.297   1.00 37.92 ? 7   TRP A CZ3 1 
ATOM   60  C CH2 . TRP A 1 7   ? 5.546   -4.509  3.605   1.00 30.73 ? 7   TRP A CH2 1 
ATOM   61  N N   . GLU A 1 8   ? -1.120  -7.655  5.741   1.00 15.44 ? 8   GLU A N   1 
ATOM   62  C CA  . GLU A 1 8   ? -1.777  -8.730  5.010   1.00 16.01 ? 8   GLU A CA  1 
ATOM   63  C C   . GLU A 1 8   ? -2.977  -8.212  4.218   1.00 13.18 ? 8   GLU A C   1 
ATOM   64  O O   . GLU A 1 8   ? -3.322  -8.781  3.177   1.00 13.98 ? 8   GLU A O   1 
ATOM   65  C CB  . GLU A 1 8   ? -2.156  -9.859  5.969   1.00 20.33 ? 8   GLU A CB  1 
ATOM   66  C CG  . GLU A 1 8   ? -2.656  -11.119 5.278   1.00 24.25 ? 8   GLU A CG  1 
ATOM   67  C CD  . GLU A 1 8   ? -1.561  -12.006 4.683   1.00 35.51 ? 8   GLU A CD  1 
ATOM   68  O OE1 . GLU A 1 8   ? -1.872  -13.180 4.376   1.00 32.13 ? 8   GLU A OE1 1 
ATOM   69  O OE2 . GLU A 1 8   ? -0.411  -11.546 4.511   1.00 25.00 ? 8   GLU A OE2 1 
ATOM   70  N N   . CYS A 1 9   ? -3.588  -7.120  4.656   1.00 14.00 ? 9   CYS A N   1 
ATOM   71  C CA  . CYS A 1 9   ? -4.633  -6.498  3.859   1.00 13.41 ? 9   CYS A CA  1 
ATOM   72  C C   . CYS A 1 9   ? -4.071  -5.992  2.531   1.00 14.15 ? 9   CYS A C   1 
ATOM   73  O O   . CYS A 1 9   ? -4.736  -6.068  1.485   1.00 12.75 ? 9   CYS A O   1 
ATOM   74  C CB  . CYS A 1 9   ? -5.240  -5.353  4.664   1.00 14.50 ? 9   CYS A CB  1 
ATOM   75  S SG  . CYS A 1 9   ? -6.231  -4.196  3.716   1.00 15.45 ? 9   CYS A SG  1 
ATOM   76  N N   . LEU A 1 10  ? -2.849  -5.462  2.558   1.00 12.45 ? 10  LEU A N   1 
ATOM   77  C CA  . LEU A 1 10  ? -2.228  -5.052  1.305   1.00 12.84 ? 10  LEU A CA  1 
ATOM   78  C C   . LEU A 1 10  ? -1.995  -6.250  0.395   1.00 13.45 ? 10  LEU A C   1 
ATOM   79  O O   . LEU A 1 10  ? -2.259  -6.181  -0.810  1.00 12.63 ? 10  LEU A O   1 
ATOM   80  C CB  . LEU A 1 10  ? -0.907  -4.328  1.567   1.00 14.82 ? 10  LEU A CB  1 
ATOM   81  C CG  . LEU A 1 10  ? -0.993  -3.046  2.391   1.00 15.45 ? 10  LEU A CG  1 
ATOM   82  C CD1 . LEU A 1 10  ? 0.387   -2.449  2.661   1.00 18.11 ? 10  LEU A CD1 1 
ATOM   83  C CD2 . LEU A 1 10  ? -1.872  -2.030  1.687   1.00 17.67 ? 10  LEU A CD2 1 
ATOM   84  N N   . ASN A 1 11  ? -1.511  -7.356  0.955   1.00 14.30 ? 11  ASN A N   1 
ATOM   85  C CA  . ASN A 1 11  ? -1.266  -8.550  0.160   1.00 13.61 ? 11  ASN A CA  1 
ATOM   86  C C   . ASN A 1 11  ? -2.556  -9.087  -0.443  1.00 12.42 ? 11  ASN A C   1 
ATOM   87  O O   . ASN A 1 11  ? -2.603  -9.442  -1.626  1.00 13.00 ? 11  ASN A O   1 
ATOM   88  C CB  . ASN A 1 11  ? -0.615  -9.621  1.033   1.00 16.60 ? 11  ASN A CB  1 
ATOM   89  C CG  . ASN A 1 11  ? 0.792   -9.269  1.443   1.00 29.28 ? 11  ASN A CG  1 
ATOM   90  O OD1 . ASN A 1 11  ? 1.423   -8.397  0.854   1.00 44.17 ? 11  ASN A OD1 1 
ATOM   91  N ND2 . ASN A 1 11  ? 1.298   -9.956  2.460   1.00 31.66 ? 11  ASN A ND2 1 
ATOM   92  N N   . ASP A 1 12  ? -3.616  -9.186  0.361   1.00 11.65 ? 12  ASP A N   1 
ATOM   93  C CA  . ASP A 1 12  ? -4.860  -9.746  -0.158  1.00 12.36 ? 12  ASP A CA  1 
ATOM   94  C C   . ASP A 1 12  ? -5.428  -8.874  -1.274  1.00 11.99 ? 12  ASP A C   1 
ATOM   95  O O   . ASP A 1 12  ? -5.915  -9.387  -2.286  1.00 11.00 ? 12  ASP A O   1 
ATOM   96  C CB  . ASP A 1 12  ? -5.887  -9.918  0.967   1.00 12.75 ? 12  ASP A CB  1 
ATOM   97  C CG  . ASP A 1 12  ? -5.594  -11.107 1.886   1.00 12.71 ? 12  ASP A CG  1 
ATOM   98  O OD1 . ASP A 1 12  ? -4.800  -11.997 1.520   1.00 13.71 ? 12  ASP A OD1 1 
ATOM   99  O OD2 . ASP A 1 12  ? -6.196  -11.117 2.969   1.00 13.13 ? 12  ASP A OD2 1 
ATOM   100 N N   . ASN A 1 13  ? -5.405  -7.554  -1.095  1.00 11.39 ? 13  ASN A N   1 
ATOM   101 C CA  . ASN A 1 13  ? -5.973  -6.694  -2.126  1.00 11.94 ? 13  ASN A CA  1 
ATOM   102 C C   . ASN A 1 13  ? -5.101  -6.598  -3.378  1.00 13.33 ? 13  ASN A C   1 
ATOM   103 O O   . ASN A 1 13  ? -5.625  -6.384  -4.477  1.00 11.51 ? 13  ASN A O   1 
ATOM   104 C CB  . ASN A 1 13  ? -6.358  -5.352  -1.517  1.00 12.32 ? 13  ASN A CB  1 
ATOM   105 C CG  . ASN A 1 13  ? -7.590  -5.488  -0.659  1.00 13.17 ? 13  ASN A CG  1 
ATOM   106 O OD1 . ASN A 1 13  ? -8.687  -5.695  -1.187  1.00 14.37 ? 13  ASN A OD1 1 
ATOM   107 N ND2 . ASN A 1 13  ? -7.424  -5.418  0.653   1.00 13.80 ? 13  ASN A ND2 1 
ATOM   108 N N   . LEU A 1 14  ? -3.792  -6.790  -3.238  1.00 11.24 ? 14  LEU A N   1 
ATOM   109 C CA  . LEU A 1 14  ? -2.964  -6.935  -4.429  1.00 11.29 ? 14  LEU A CA  1 
ATOM   110 C C   . LEU A 1 14  ? -3.403  -8.152  -5.231  1.00 13.08 ? 14  LEU A C   1 
ATOM   111 O O   . LEU A 1 14  ? -3.422  -8.126  -6.473  1.00 12.76 ? 14  LEU A O   1 
ATOM   112 C CB  . LEU A 1 14  ? -1.491  -7.036  -4.039  1.00 12.38 ? 14  LEU A CB  1 
ATOM   113 C CG  . LEU A 1 14  ? -0.849  -5.696  -3.688  1.00 12.24 ? 14  LEU A CG  1 
ATOM   114 C CD1 . LEU A 1 14  ? 0.493   -5.881  -2.990  1.00 17.08 ? 14  LEU A CD1 1 
ATOM   115 C CD2 . LEU A 1 14  ? -0.678  -4.860  -4.952  1.00 14.48 ? 14  LEU A CD2 1 
ATOM   116 N N   . LYS A 1 15  ? -3.762  -9.237  -4.531  1.00 12.34 ? 15  LYS A N   1 
ATOM   117 C CA  . LYS A 1 15  ? -4.259  -10.417 -5.219  1.00 13.32 ? 15  LYS A CA  1 
ATOM   118 C C   . LYS A 1 15  ? -5.591  -10.126 -5.901  1.00 11.88 ? 15  LYS A C   1 
ATOM   119 O O   . LYS A 1 15  ? -5.800  -10.526 -7.055  1.00 13.03 ? 15  LYS A O   1 
ATOM   120 C CB  . LYS A 1 15  ? -4.376  -11.578 -4.230  1.00 14.52 ? 15  LYS A CB  1 
ATOM   121 C CG  . LYS A 1 15  ? -4.961  -12.856 -4.821  1.00 21.58 ? 15  LYS A CG  1 
ATOM   122 C CD  . LYS A 1 15  ? -4.099  -13.403 -5.930  1.00 25.77 ? 15  LYS A CD  1 
ATOM   123 C CE  . LYS A 1 15  ? -2.759  -13.870 -5.410  1.00 31.15 ? 15  LYS A CE  1 
ATOM   124 N NZ  . LYS A 1 15  ? -1.947  -14.467 -6.508  1.00 46.71 ? 15  LYS A NZ  1 
ATOM   125 N N   . VAL A 1 16  ? -6.488  -9.392  -5.230  1.00 12.05 ? 16  VAL A N   1 
ATOM   126 C CA  . VAL A 1 16  ? -7.763  -9.015  -5.848  1.00 11.94 ? 16  VAL A CA  1 
ATOM   127 C C   . VAL A 1 16  ? -7.507  -8.266  -7.140  1.00 13.11 ? 16  VAL A C   1 
ATOM   128 O O   . VAL A 1 16  ? -8.127  -8.547  -8.173  1.00 12.60 ? 16  VAL A O   1 
ATOM   129 C CB  . VAL A 1 16  ? -8.616  -8.168  -4.890  1.00 12.26 ? 16  VAL A CB  1 
ATOM   130 C CG1 . VAL A 1 16  ? -9.901  -7.756  -5.551  1.00 13.35 ? 16  VAL A CG1 1 
ATOM   131 C CG2 . VAL A 1 16  ? -8.952  -8.933  -3.619  1.00 12.78 ? 16  VAL A CG2 1 
ATOM   132 N N   . ILE A 1 17  ? -6.584  -7.302  -7.106  1.00 11.46 ? 17  ILE A N   1 
ATOM   133 C CA  . ILE A 1 17  ? -6.283  -6.506  -8.297  1.00 11.85 ? 17  ILE A CA  1 
ATOM   134 C C   . ILE A 1 17  ? -5.714  -7.386  -9.411  1.00 13.51 ? 17  ILE A C   1 
ATOM   135 O O   . ILE A 1 17  ? -6.117  -7.274  -10.580 1.00 14.14 ? 17  ILE A O   1 
ATOM   136 C CB  . ILE A 1 17  ? -5.345  -5.348  -7.931  1.00 11.03 ? 17  ILE A CB  1 
ATOM   137 C CG1 . ILE A 1 17  ? -6.060  -4.377  -6.980  1.00 11.30 ? 17  ILE A CG1 1 
ATOM   138 C CG2 . ILE A 1 17  ? -4.869  -4.637  -9.201  1.00 12.97 ? 17  ILE A CG2 1 
ATOM   139 C CD1 . ILE A 1 17  ? -5.141  -3.394  -6.305  1.00 13.08 ? 17  ILE A CD1 1 
ATOM   140 N N   . GLU A 1 18  ? -4.783  -8.286  -9.066  1.00 11.67 ? 18  GLU A N   1 
ATOM   141 C CA  . GLU A 1 18  ? -4.198  -9.191  -10.054 1.00 15.23 ? 18  GLU A CA  1 
ATOM   142 C C   . GLU A 1 18  ? -5.267  -10.022 -10.754 1.00 13.98 ? 18  GLU A C   1 
ATOM   143 O O   . GLU A 1 18  ? -5.179  -10.274 -11.962 1.00 16.52 ? 18  GLU A O   1 
ATOM   144 C CB  . GLU A 1 18  ? -3.181  -10.101 -9.356  1.00 16.75 ? 18  GLU A CB  1 
ATOM   145 C CG  . GLU A 1 18  ? -2.519  -11.130 -10.261 1.00 20.93 ? 18  GLU A CG  1 
ATOM   146 C CD  . GLU A 1 18  ? -1.734  -12.165 -9.467  1.00 30.94 ? 18  GLU A CD  1 
ATOM   147 O OE1 . GLU A 1 18  ? -1.524  -11.956 -8.252  1.00 27.63 ? 18  GLU A OE1 1 
ATOM   148 O OE2 . GLU A 1 18  ? -1.326  -13.187 -10.055 1.00 39.72 ? 18  GLU A OE2 1 
ATOM   149 N N   . LYS A 1 19  ? -6.283  -10.463 -10.015 1.00 14.10 ? 19  LYS A N   1 
ATOM   150 C CA  . LYS A 1 19  ? -7.315  -11.346 -10.551 1.00 15.45 ? 19  LYS A CA  1 
ATOM   151 C C   . LYS A 1 19  ? -8.517  -10.599 -11.115 1.00 15.10 ? 19  LYS A C   1 
ATOM   152 O O   . LYS A 1 19  ? -9.443  -11.238 -11.628 1.00 16.96 ? 19  LYS A O   1 
ATOM   153 C CB  . LYS A 1 19  ? -7.780  -12.345 -9.481  1.00 15.95 ? 19  LYS A CB  1 
ATOM   154 C CG  . LYS A 1 19  ? -6.685  -13.268 -8.991  1.00 21.33 ? 19  LYS A CG  1 
ATOM   155 C CD  . LYS A 1 19  ? -6.177  -14.140 -10.126 1.00 26.97 ? 19  LYS A CD  1 
ATOM   156 C CE  . LYS A 1 19  ? -5.087  -15.103 -9.670  1.00 45.07 ? 19  LYS A CE  1 
ATOM   157 N NZ  . LYS A 1 19  ? -3.826  -14.394 -9.318  1.00 67.49 ? 19  LYS A NZ  1 
ATOM   158 N N   . ALA A 1 20  ? -8.523  -9.272  -11.055 1.00 14.01 ? 20  ALA A N   1 
ATOM   159 C CA  . ALA A 1 20  ? -9.711  -8.521  -11.421 1.00 15.91 ? 20  ALA A CA  1 
ATOM   160 C C   . ALA A 1 20  ? -9.971  -8.582  -12.920 1.00 15.13 ? 20  ALA A C   1 
ATOM   161 O O   . ALA A 1 20  ? -9.054  -8.694  -13.738 1.00 15.37 ? 20  ALA A O   1 
ATOM   162 C CB  . ALA A 1 20  ? -9.565  -7.053  -11.023 1.00 14.29 ? 20  ALA A CB  1 
ATOM   163 N N   . ASP A 1 21  ? -11.247 -8.465  -13.273 1.00 16.14 ? 21  ASP A N   1 
ATOM   164 C CA  . ASP A 1 21  ? -11.664 -8.417  -14.663 1.00 22.78 ? 21  ASP A CA  1 
ATOM   165 C C   . ASP A 1 21  ? -12.063 -7.026  -15.126 1.00 20.22 ? 21  ASP A C   1 
ATOM   166 O O   . ASP A 1 21  ? -12.056 -6.767  -16.334 1.00 27.47 ? 21  ASP A O   1 
ATOM   167 C CB  . ASP A 1 21  ? -12.836 -9.382  -14.890 1.00 31.63 ? 21  ASP A CB  1 
ATOM   168 C CG  . ASP A 1 21  ? -12.465 -10.819 -14.566 1.00 32.00 ? 21  ASP A CG  1 
ATOM   169 O OD1 . ASP A 1 21  ? -11.468 -11.309 -15.128 1.00 35.85 ? 21  ASP A OD1 1 
ATOM   170 O OD2 . ASP A 1 21  ? -13.145 -11.441 -13.727 1.00 32.90 ? 21  ASP A OD2 1 
ATOM   171 N N   . ASN A 1 22  ? -12.387 -6.119  -14.211 1.00 14.19 ? 22  ASN A N   1 
ATOM   172 C CA  . ASN A 1 22  ? -12.883 -4.811  -14.604 1.00 15.37 ? 22  ASN A CA  1 
ATOM   173 C C   . ASN A 1 22  ? -12.371 -3.726  -13.660 1.00 15.17 ? 22  ASN A C   1 
ATOM   174 O O   . ASN A 1 22  ? -11.824 -3.992  -12.579 1.00 13.28 ? 22  ASN A O   1 
ATOM   175 C CB  . ASN A 1 22  ? -14.411 -4.773  -14.714 1.00 14.79 ? 22  ASN A CB  1 
ATOM   176 C CG  . ASN A 1 22  ? -15.109 -5.086  -13.406 1.00 16.68 ? 22  ASN A CG  1 
ATOM   177 O OD1 . ASN A 1 22  ? -14.968 -4.348  -12.426 1.00 15.78 ? 22  ASN A OD1 1 
ATOM   178 N ND2 . ASN A 1 22  ? -15.909 -6.144  -13.392 1.00 16.73 ? 22  ASN A ND2 1 
ATOM   179 N N   . ALA A 1 23  ? -12.583 -2.482  -14.086 1.00 11.78 ? 23  ALA A N   1 
ATOM   180 C CA  . ALA A 1 23  ? -12.048 -1.331  -13.370 1.00 13.61 ? 23  ALA A CA  1 
ATOM   181 C C   . ALA A 1 23  ? -12.705 -1.152  -12.013 1.00 13.60 ? 23  ALA A C   1 
ATOM   182 O O   . ALA A 1 23  ? -12.044 -0.711  -11.064 1.00 12.79 ? 23  ALA A O   1 
ATOM   183 C CB  . ALA A 1 23  ? -12.223 -0.056  -14.205 1.00 13.75 ? 23  ALA A CB  1 
ATOM   184 N N   . ALA A 1 24  ? -13.992 -1.460  -11.903 1.00 12.59 ? 24  ALA A N   1 
ATOM   185 C CA  . ALA A 1 24  ? -14.679 -1.318  -10.620 1.00 14.88 ? 24  ALA A CA  1 
ATOM   186 C C   . ALA A 1 24  ? -14.081 -2.239  -9.559  1.00 13.07 ? 24  ALA A C   1 
ATOM   187 O O   . ALA A 1 24  ? -13.934 -1.850  -8.391  1.00 12.59 ? 24  ALA A O   1 
ATOM   188 C CB  . ALA A 1 24  ? -16.170 -1.607  -10.799 1.00 14.67 ? 24  ALA A CB  1 
ATOM   189 N N   . GLN A 1 25  ? -13.720 -3.456  -9.949  1.00 12.55 ? 25  GLN A N   1 
ATOM   190 C CA  . GLN A 1 25  ? -13.079 -4.376  -9.021  1.00 13.35 ? 25  GLN A CA  1 
ATOM   191 C C   . GLN A 1 25  ? -11.714 -3.859  -8.598  1.00 11.40 ? 25  GLN A C   1 
ATOM   192 O O   . GLN A 1 25  ? -11.348 -3.956  -7.416  1.00 11.87 ? 25  GLN A O   1 
ATOM   193 C CB  . GLN A 1 25  ? -12.950 -5.753  -9.664  1.00 12.95 ? 25  GLN A CB  1 
ATOM   194 C CG  . GLN A 1 25  ? -14.274 -6.413  -9.941  1.00 16.62 ? 25  GLN A CG  1 
ATOM   195 C CD  . GLN A 1 25  ? -14.141 -7.535  -10.928 1.00 18.40 ? 25  GLN A CD  1 
ATOM   196 O OE1 . GLN A 1 25  ? -13.270 -7.508  -11.804 1.00 20.52 ? 25  GLN A OE1 1 
ATOM   197 N NE2 . GLN A 1 25  ? -15.006 -8.540  -10.802 1.00 32.63 ? 25  GLN A NE2 1 
ATOM   198 N N   . VAL A 1 26  ? -10.956 -3.291  -9.543  1.00 11.97 ? 26  VAL A N   1 
ATOM   199 C CA  . VAL A 1 26  ? -9.660  -2.723  -9.207  1.00 11.17 ? 26  VAL A CA  1 
ATOM   200 C C   . VAL A 1 26  ? -9.824  -1.536  -8.274  1.00 11.52 ? 26  VAL A C   1 
ATOM   201 O O   . VAL A 1 26  ? -9.085  -1.395  -7.295  1.00 11.42 ? 26  VAL A O   1 
ATOM   202 C CB  . VAL A 1 26  ? -8.882  -2.377  -10.487 1.00 9.95  ? 26  VAL A CB  1 
ATOM   203 C CG1 . VAL A 1 26  ? -7.607  -1.655  -10.153 1.00 12.53 ? 26  VAL A CG1 1 
ATOM   204 C CG2 . VAL A 1 26  ? -8.555  -3.651  -11.254 1.00 13.59 ? 26  VAL A CG2 1 
ATOM   205 N N   . LYS A 1 27  ? -10.821 -0.689  -8.525  1.00 11.18 ? 27  LYS A N   1 
ATOM   206 C CA  . LYS A 1 27  ? -11.050 0.472   -7.655  1.00 12.83 ? 27  LYS A CA  1 
ATOM   207 C C   . LYS A 1 27  ? -11.368 0.052   -6.230  1.00 11.84 ? 27  LYS A C   1 
ATOM   208 O O   . LYS A 1 27  ? -10.868 0.646   -5.269  1.00 11.55 ? 27  LYS A O   1 
ATOM   209 C CB  . LYS A 1 27  ? -12.205 1.311   -8.192  1.00 12.72 ? 27  LYS A CB  1 
ATOM   210 C CG  . LYS A 1 27  ? -11.824 2.189   -9.334  1.00 14.82 ? 27  LYS A CG  1 
ATOM   211 C CD  . LYS A 1 27  ? -13.024 2.932   -9.906  1.00 16.94 ? 27  LYS A CD  1 
ATOM   212 C CE  . LYS A 1 27  ? -13.783 3.704   -8.817  1.00 17.90 ? 27  LYS A CE  1 
ATOM   213 N NZ  . LYS A 1 27  ? -14.891 4.526   -9.412  1.00 23.80 ? 27  LYS A NZ  1 
ATOM   214 N N   . ASP A 1 28  ? -12.240 -0.941  -6.076  1.00 11.50 ? 28  ASP A N   1 
ATOM   215 C CA  . ASP A 1 28  ? -12.595 -1.396  -4.741  1.00 12.73 ? 28  ASP A CA  1 
ATOM   216 C C   . ASP A 1 28  ? -11.368 -1.886  -3.997  1.00 13.18 ? 28  ASP A C   1 
ATOM   217 O O   . ASP A 1 28  ? -11.169 -1.576  -2.819  1.00 12.08 ? 28  ASP A O   1 
ATOM   218 C CB  . ASP A 1 28  ? -13.644 -2.509  -4.811  1.00 13.46 ? 28  ASP A CB  1 
ATOM   219 C CG  . ASP A 1 28  ? -14.988 -2.019  -5.282  1.00 16.62 ? 28  ASP A CG  1 
ATOM   220 O OD1 . ASP A 1 28  ? -15.194 -0.797  -5.370  1.00 16.68 ? 28  ASP A OD1 1 
ATOM   221 O OD2 . ASP A 1 28  ? -15.858 -2.876  -5.547  1.00 21.71 ? 28  ASP A OD2 1 
ATOM   222 N N   . ALA A 1 29  ? -10.540 -2.693  -4.662  1.00 11.57 ? 29  ALA A N   1 
ATOM   223 C CA  . ALA A 1 29  ? -9.368  -3.240  -3.988  1.00 12.53 ? 29  ALA A CA  1 
ATOM   224 C C   . ALA A 1 29  ? -8.333  -2.158  -3.686  1.00 10.79 ? 29  ALA A C   1 
ATOM   225 O O   . ALA A 1 29  ? -7.696  -2.186  -2.627  1.00 11.10 ? 29  ALA A O   1 
ATOM   226 C CB  . ALA A 1 29  ? -8.786  -4.380  -4.821  1.00 12.01 ? 29  ALA A CB  1 
ATOM   227 N N   . LEU A 1 30  ? -8.150  -1.191  -4.592  1.00 11.11 ? 30  LEU A N   1 
ATOM   228 C CA  . LEU A 1 30  ? -7.227  -0.090  -4.308  1.00 9.80  ? 30  LEU A CA  1 
ATOM   229 C C   . LEU A 1 30  ? -7.724  0.755   -3.146  1.00 10.03 ? 30  LEU A C   1 
ATOM   230 O O   . LEU A 1 30  ? -6.918  1.259   -2.357  1.00 10.65 ? 30  LEU A O   1 
ATOM   231 C CB  . LEU A 1 30  ? -7.023  0.779   -5.548  1.00 10.95 ? 30  LEU A CB  1 
ATOM   232 C CG  . LEU A 1 30  ? -6.162  0.206   -6.667  1.00 10.39 ? 30  LEU A CG  1 
ATOM   233 C CD1 . LEU A 1 30  ? -6.377  1.035   -7.911  1.00 11.55 ? 30  LEU A CD1 1 
ATOM   234 C CD2 . LEU A 1 30  ? -4.695  0.187   -6.305  1.00 11.24 ? 30  LEU A CD2 1 
ATOM   235 N N   . THR A 1 31  ? -9.041  0.910   -3.021  1.00 10.49 ? 31  THR A N   1 
ATOM   236 C CA  . THR A 1 31  ? -9.626  1.616   -1.878  1.00 11.16 ? 31  THR A CA  1 
ATOM   237 C C   . THR A 1 31  ? -9.250  0.941   -0.571  1.00 12.19 ? 31  THR A C   1 
ATOM   238 O O   . THR A 1 31  ? -8.798  1.595   0.377   1.00 11.76 ? 31  THR A O   1 
ATOM   239 C CB  . THR A 1 31  ? -11.147 1.628   -2.008  1.00 12.06 ? 31  THR A CB  1 
ATOM   240 O OG1 . THR A 1 31  ? -11.511 2.332   -3.188  1.00 13.73 ? 31  THR A OG1 1 
ATOM   241 C CG2 . THR A 1 31  ? -11.804 2.302   -0.794  1.00 14.00 ? 31  THR A CG2 1 
ATOM   242 N N   . LYS A 1 32  ? -9.392  -0.382  -0.520  1.00 11.40 ? 32  LYS A N   1 
ATOM   243 C CA  . LYS A 1 32  ? -9.019  -1.109  0.684   1.00 13.24 ? 32  LYS A CA  1 
ATOM   244 C C   . LYS A 1 32  ? -7.524  -1.021  0.943   1.00 11.79 ? 32  LYS A C   1 
ATOM   245 O O   . LYS A 1 32  ? -7.107  -0.875  2.099   1.00 12.93 ? 32  LYS A O   1 
ATOM   246 C CB  . LYS A 1 32  ? -9.465  -2.564  0.590   1.00 14.36 ? 32  LYS A CB  1 
ATOM   247 C CG  . LYS A 1 32  ? -10.962 -2.765  0.479   1.00 18.24 ? 32  LYS A CG  1 
ATOM   248 C CD  . LYS A 1 32  ? -11.718 -2.060  1.582   1.00 24.37 ? 32  LYS A CD  1 
ATOM   249 C CE  . LYS A 1 32  ? -13.224 -2.235  1.402   1.00 33.43 ? 32  LYS A CE  1 
ATOM   250 N NZ  . LYS A 1 32  ? -13.653 -3.644  1.541   1.00 41.12 ? 32  LYS A NZ  1 
ATOM   251 N N   . MET A 1 33  ? -6.705  -1.094  -0.110  1.00 11.90 ? 33  MET A N   1 
ATOM   252 C CA  . MET A 1 33  ? -5.264  -0.921  0.073   1.00 13.61 ? 33  MET A CA  1 
ATOM   253 C C   . MET A 1 33  ? -4.958  0.435   0.681   1.00 11.90 ? 33  MET A C   1 
ATOM   254 O O   . MET A 1 33  ? -4.114  0.559   1.577   1.00 12.60 ? 33  MET A O   1 
ATOM   255 C CB  . MET A 1 33  ? -4.538  -1.034  -1.264  1.00 13.69 ? 33  MET A CB  1 
ATOM   256 C CG  . MET A 1 33  ? -4.436  -2.423  -1.821  1.00 15.40 ? 33  MET A CG  1 
ATOM   257 S SD  . MET A 1 33  ? -3.258  -2.557  -3.199  1.00 16.67 ? 33  MET A SD  1 
ATOM   258 C CE  . MET A 1 33  ? -1.705  -2.343  -2.335  1.00 18.18 ? 33  MET A CE  1 
ATOM   259 N N   . ARG A 1 34  ? -5.600  1.483   0.167   1.00 11.86 ? 34  ARG A N   1 
ATOM   260 C CA  . ARG A 1 34  ? -5.305  2.817   0.661   1.00 11.11 ? 34  ARG A CA  1 
ATOM   261 C C   . ARG A 1 34  ? -5.701  2.956   2.126   1.00 12.78 ? 34  ARG A C   1 
ATOM   262 O O   . ARG A 1 34  ? -4.936  3.497   2.941   1.00 12.34 ? 34  ARG A O   1 
ATOM   263 C CB  . ARG A 1 34  ? -6.017  3.834   -0.213  1.00 11.80 ? 34  ARG A CB  1 
ATOM   264 C CG  . ARG A 1 34  ? -5.467  5.235   -0.092  1.00 12.79 ? 34  ARG A CG  1 
ATOM   265 C CD  . ARG A 1 34  ? -6.336  6.233   -0.844  1.00 12.10 ? 34  ARG A CD  1 
ATOM   266 N NE  . ARG A 1 34  ? -5.645  7.496   -1.080  1.00 12.54 ? 34  ARG A NE  1 
ATOM   267 C CZ  . ARG A 1 34  ? -5.567  8.496   -0.199  1.00 12.61 ? 34  ARG A CZ  1 
ATOM   268 N NH1 . ARG A 1 34  ? -6.140  8.411   0.996   1.00 14.98 ? 34  ARG A NH1 1 
ATOM   269 N NH2 . ARG A 1 34  ? -4.900  9.586   -0.531  1.00 14.30 ? 34  ARG A NH2 1 
ATOM   270 N N   . ALA A 1 35  ? -6.868  2.421   2.494   1.00 12.85 ? 35  ALA A N   1 
ATOM   271 C CA  . ALA A 1 35  ? -7.303  2.499   3.881   1.00 13.77 ? 35  ALA A CA  1 
ATOM   272 C C   . ALA A 1 35  ? -6.344  1.739   4.792   1.00 13.09 ? 35  ALA A C   1 
ATOM   273 O O   . ALA A 1 35  ? -5.968  2.218   5.874   1.00 14.25 ? 35  ALA A O   1 
ATOM   274 C CB  . ALA A 1 35  ? -8.722  1.939   3.988   1.00 13.76 ? 35  ALA A CB  1 
ATOM   275 N N   . CYS A 1 36  ? -5.935  0.540   4.369   1.00 11.73 ? 36  CYS A N   1 
ATOM   276 C CA  . CYS A 1 36  ? -4.999  -0.232  5.177   1.00 13.55 ? 36  CYS A CA  1 
ATOM   277 C C   . CYS A 1 36  ? -3.623  0.414   5.241   1.00 11.81 ? 36  CYS A C   1 
ATOM   278 O O   . CYS A 1 36  ? -2.952  0.333   6.284   1.00 13.20 ? 36  CYS A O   1 
ATOM   279 C CB  . CYS A 1 36  ? -4.893  -1.662  4.659   1.00 13.19 ? 36  CYS A CB  1 
ATOM   280 S SG  . CYS A 1 36  ? -6.350  -2.625  4.998   1.00 14.85 ? 36  CYS A SG  1 
ATOM   281 N N   . ALA A 1 37  ? -3.195  1.055   4.153   1.00 12.43 ? 37  ALA A N   1 
ATOM   282 C CA  . ALA A 1 37  ? -1.918  1.754   4.153   1.00 12.93 ? 37  ALA A CA  1 
ATOM   283 C C   . ALA A 1 37  ? -1.936  2.935   5.120   1.00 12.70 ? 37  ALA A C   1 
ATOM   284 O O   . ALA A 1 37  ? -0.945  3.188   5.820   1.00 13.57 ? 37  ALA A O   1 
ATOM   285 C CB  . ALA A 1 37  ? -1.590  2.230   2.744   1.00 11.65 ? 37  ALA A CB  1 
ATOM   286 N N   . LEU A 1 38  ? -3.050  3.671   5.169   1.00 13.27 ? 38  LEU A N   1 
ATOM   287 C CA  . LEU A 1 38  ? -3.175  4.783   6.103   1.00 13.87 ? 38  LEU A CA  1 
ATOM   288 C C   . LEU A 1 38  ? -3.144  4.293   7.546   1.00 15.77 ? 38  LEU A C   1 
ATOM   289 O O   . LEU A 1 38  ? -2.534  4.931   8.416   1.00 15.31 ? 38  LEU A O   1 
ATOM   290 C CB  . LEU A 1 38  ? -4.472  5.546   5.835   1.00 15.67 ? 38  LEU A CB  1 
ATOM   291 C CG  . LEU A 1 38  ? -4.592  6.351   4.536   1.00 16.56 ? 38  LEU A CG  1 
ATOM   292 C CD1 . LEU A 1 38  ? -6.043  6.758   4.315   1.00 19.82 ? 38  LEU A CD1 1 
ATOM   293 C CD2 . LEU A 1 38  ? -3.708  7.586   4.560   1.00 19.04 ? 38  LEU A CD2 1 
ATOM   294 N N   . ASP A 1 39  ? -3.769  3.150   7.820   1.00 12.64 ? 39  ASP A N   1 
ATOM   295 C CA  . ASP A 1 39  ? -3.749  2.623   9.183   1.00 15.44 ? 39  ASP A CA  1 
ATOM   296 C C   . ASP A 1 39  ? -2.361  2.117   9.551   1.00 14.82 ? 39  ASP A C   1 
ATOM   297 O O   . ASP A 1 39  ? -1.895  2.334   10.675  1.00 15.47 ? 39  ASP A O   1 
ATOM   298 C CB  . ASP A 1 39  ? -4.790  1.517   9.360   1.00 16.88 ? 39  ASP A CB  1 
ATOM   299 C CG  . ASP A 1 39  ? -6.220  2.035   9.339   1.00 19.24 ? 39  ASP A CG  1 
ATOM   300 O OD1 . ASP A 1 39  ? -6.430  3.259   9.350   1.00 22.78 ? 39  ASP A OD1 1 
ATOM   301 O OD2 . ASP A 1 39  ? -7.141  1.188   9.335   1.00 29.38 ? 39  ASP A OD2 1 
ATOM   302 N N   . ALA A 1 40  ? -1.691  1.435   8.626   1.00 13.44 ? 40  ALA A N   1 
ATOM   303 C CA  . ALA A 1 40  ? -0.330  0.967   8.858   1.00 14.02 ? 40  ALA A CA  1 
ATOM   304 C C   . ALA A 1 40  ? 0.622   2.127   9.101   1.00 16.12 ? 40  ALA A C   1 
ATOM   305 O O   . ALA A 1 40  ? 1.537   2.010   9.930   1.00 17.55 ? 40  ALA A O   1 
ATOM   306 C CB  . ALA A 1 40  ? 0.150   0.188   7.634   1.00 14.07 ? 40  ALA A CB  1 
ATOM   307 N N   . GLN A 1 41  ? 0.415   3.242   8.401   1.00 14.27 ? 41  GLN A N   1 
ATOM   308 C CA  . GLN A 1 41  ? 1.287   4.394   8.522   1.00 14.56 ? 41  GLN A CA  1 
ATOM   309 C C   . GLN A 1 41  ? 1.303   4.944   9.937   1.00 18.38 ? 41  GLN A C   1 
ATOM   310 O O   . GLN A 1 41  ? 2.296   5.556   10.353  1.00 19.05 ? 41  GLN A O   1 
ATOM   311 C CB  . GLN A 1 41  ? 0.815   5.465   7.552   1.00 14.87 ? 41  GLN A CB  1 
ATOM   312 C CG  . GLN A 1 41  ? 1.701   6.678   7.529   1.00 18.98 ? 41  GLN A CG  1 
ATOM   313 C CD  . GLN A 1 41  ? 1.246   7.690   6.507   1.00 20.04 ? 41  GLN A CD  1 
ATOM   314 O OE1 . GLN A 1 41  ? 0.046   7.898   6.311   1.00 23.54 ? 41  GLN A OE1 1 
ATOM   315 N NE2 . GLN A 1 41  ? 2.203   8.316   5.832   1.00 19.52 ? 41  GLN A NE2 1 
ATOM   316 N N   . LYS A 1 42  ? 0.227   4.743   10.688  1.00 17.70 ? 42  LYS A N   1 
ATOM   317 C CA  . LYS A 1 42  ? 0.119   5.253   12.045  1.00 16.85 ? 42  LYS A CA  1 
ATOM   318 C C   . LYS A 1 42  ? 0.675   4.297   13.091  1.00 17.93 ? 42  LYS A C   1 
ATOM   319 O O   . LYS A 1 42  ? 0.772   4.686   14.258  1.00 22.95 ? 42  LYS A O   1 
ATOM   320 C CB  . LYS A 1 42  ? -1.343  5.591   12.350  1.00 21.29 ? 42  LYS A CB  1 
ATOM   321 C CG  . LYS A 1 42  ? -1.943  6.588   11.393  1.00 20.92 ? 42  LYS A CG  1 
ATOM   322 C CD  . LYS A 1 42  ? -3.422  6.774   11.600  1.00 24.40 ? 42  LYS A CD  1 
ATOM   323 C CE  . LYS A 1 42  ? -3.976  7.853   10.684  1.00 24.95 ? 42  LYS A CE  1 
ATOM   324 N NZ  . LYS A 1 42  ? -3.880  7.511   9.234   1.00 24.35 ? 42  LYS A NZ  1 
ATOM   325 N N   . ALA A 1 43  ? 1.087   3.091   12.708  1.00 18.13 ? 43  ALA A N   1 
ATOM   326 C CA  . ALA A 1 43  ? 1.615   2.103   13.639  1.00 24.43 ? 43  ALA A CA  1 
ATOM   327 C C   . ALA A 1 43  ? 3.110   2.311   13.897  1.00 21.45 ? 43  ALA A C   1 
ATOM   328 O O   . ALA A 1 43  ? 3.798   3.041   13.187  1.00 22.31 ? 43  ALA A O   1 
ATOM   329 C CB  . ALA A 1 43  ? 1.388   0.694   13.090  1.00 23.37 ? 43  ALA A CB  1 
ATOM   330 N N   . THR A 1 44  ? 3.615   1.643   14.938  1.00 26.61 ? 44  THR A N   1 
ATOM   331 C CA  . THR A 1 44  ? 5.052   1.578   15.184  1.00 27.09 ? 44  THR A CA  1 
ATOM   332 C C   . THR A 1 44  ? 5.523   0.163   14.882  1.00 22.13 ? 44  THR A C   1 
ATOM   333 O O   . THR A 1 44  ? 5.115   -0.781  15.581  1.00 23.85 ? 44  THR A O   1 
ATOM   334 C CB  . THR A 1 44  ? 5.384   1.941   16.631  1.00 29.52 ? 44  THR A CB  1 
ATOM   335 O OG1 . THR A 1 44  ? 4.888   3.251   16.930  1.00 31.23 ? 44  THR A OG1 1 
ATOM   336 C CG2 . THR A 1 44  ? 6.894   1.926   16.834  1.00 30.24 ? 44  THR A CG2 1 
ATOM   337 N N   . PRO A 1 45  ? 6.369   -0.043  13.878  1.00 22.64 ? 45  PRO A N   1 
ATOM   338 C CA  . PRO A 1 45  ? 6.725   -1.407  13.465  1.00 26.68 ? 45  PRO A CA  1 
ATOM   339 C C   . PRO A 1 45  ? 7.644   -2.071  14.474  1.00 35.36 ? 45  PRO A C   1 
ATOM   340 O O   . PRO A 1 45  ? 8.253   -1.381  15.304  1.00 31.97 ? 45  PRO A O   1 
ATOM   341 C CB  . PRO A 1 45  ? 7.451   -1.184  12.132  1.00 26.71 ? 45  PRO A CB  1 
ATOM   342 C CG  . PRO A 1 45  ? 7.998   0.183   12.226  1.00 23.99 ? 45  PRO A CG  1 
ATOM   343 C CD  . PRO A 1 45  ? 6.973   0.974   12.993  1.00 26.25 ? 45  PRO A CD  1 
ATOM   344 N N   . PRO A 1 46  ? 7.777   -3.404  14.401  1.00 35.87 ? 46  PRO A N   1 
ATOM   345 C CA  . PRO A 1 46  ? 8.591   -4.123  15.392  1.00 45.03 ? 46  PRO A CA  1 
ATOM   346 C C   . PRO A 1 46  ? 10.076  -3.772  15.417  1.00 41.52 ? 46  PRO A C   1 
ATOM   347 O O   . PRO A 1 46  ? 10.744  -4.029  16.431  1.00 48.33 ? 46  PRO A O   1 
ATOM   348 C CB  . PRO A 1 46  ? 8.345   -5.592  15.037  1.00 41.45 ? 46  PRO A CB  1 
ATOM   349 C CG  . PRO A 1 46  ? 6.962   -5.592  14.466  1.00 44.70 ? 46  PRO A CG  1 
ATOM   350 C CD  . PRO A 1 46  ? 6.887   -4.321  13.670  1.00 29.72 ? 46  PRO A CD  1 
ATOM   351 N N   . LYS A 1 47  ? 10.631  -3.197  14.355  1.00 37.72 ? 47  LYS A N   1 
ATOM   352 C CA  . LYS A 1 47  ? 12.040  -2.830  14.422  1.00 38.54 ? 47  LYS A CA  1 
ATOM   353 C C   . LYS A 1 47  ? 12.260  -1.523  15.172  1.00 37.25 ? 47  LYS A C   1 
ATOM   354 O O   . LYS A 1 47  ? 13.391  -1.244  15.584  1.00 42.38 ? 47  LYS A O   1 
ATOM   355 C CB  . LYS A 1 47  ? 12.638  -2.761  13.015  1.00 47.68 ? 47  LYS A CB  1 
ATOM   356 C CG  . LYS A 1 47  ? 13.500  -3.957  12.649  1.00 46.88 ? 47  LYS A CG  1 
ATOM   357 C CD  . LYS A 1 47  ? 12.681  -5.237  12.680  1.00 40.29 ? 47  LYS A CD  1 
ATOM   358 C CE  . LYS A 1 47  ? 13.480  -6.417  12.165  1.00 41.56 ? 47  LYS A CE  1 
ATOM   359 N NZ  . LYS A 1 47  ? 13.951  -6.138  10.788  1.00 54.77 ? 47  LYS A NZ  1 
ATOM   360 N N   . LEU A 1 48  ? 11.203  -0.733  15.391  1.00 32.80 ? 48  LEU A N   1 
ATOM   361 C CA  . LEU A 1 48  ? 11.353  0.652   15.830  1.00 36.16 ? 48  LEU A CA  1 
ATOM   362 C C   . LEU A 1 48  ? 10.607  0.990   17.130  1.00 41.08 ? 48  LEU A C   1 
ATOM   363 O O   . LEU A 1 48  ? 10.406  2.172   17.419  1.00 34.05 ? 48  LEU A O   1 
ATOM   364 C CB  . LEU A 1 48  ? 10.956  1.610   14.700  1.00 36.33 ? 48  LEU A CB  1 
ATOM   365 C CG  . LEU A 1 48  ? 11.476  1.277   13.287  1.00 43.09 ? 48  LEU A CG  1 
ATOM   366 C CD1 . LEU A 1 48  ? 11.011  2.285   12.231  1.00 34.76 ? 48  LEU A CD1 1 
ATOM   367 C CD2 . LEU A 1 48  ? 12.996  1.142   13.246  1.00 34.74 ? 48  LEU A CD2 1 
ATOM   368 N N   . GLU A 1 49  ? 10.211  0.007   17.944  1.00 36.96 ? 49  GLU A N   1 
ATOM   369 C CA  . GLU A 1 49  ? 9.560   0.364   19.210  1.00 49.20 ? 49  GLU A CA  1 
ATOM   370 C C   . GLU A 1 49  ? 10.485  1.071   20.185  1.00 55.53 ? 49  GLU A C   1 
ATOM   371 O O   . GLU A 1 49  ? 10.003  1.770   21.083  1.00 59.97 ? 49  GLU A O   1 
ATOM   372 C CB  . GLU A 1 49  ? 9.017   -0.864  19.934  1.00 48.57 ? 49  GLU A CB  1 
ATOM   373 C CG  . GLU A 1 49  ? 7.789   -1.481  19.346  1.00 61.58 ? 49  GLU A CG  1 
ATOM   374 C CD  . GLU A 1 49  ? 8.156   -2.492  18.329  1.00 78.57 ? 49  GLU A CD  1 
ATOM   375 O OE1 . GLU A 1 49  ? 9.201   -2.282  17.690  1.00 59.47 ? 49  GLU A OE1 1 
ATOM   376 O OE2 . GLU A 1 49  ? 7.431   -3.509  18.215  1.00 65.18 ? 49  GLU A OE2 1 
ATOM   377 N N   . ASP A 1 50  ? 11.788  0.850   20.082  1.00 57.88 ? 50  ASP A N   1 
ATOM   378 C CA  . ASP A 1 50  ? 12.707  1.525   20.981  1.00 61.61 ? 50  ASP A CA  1 
ATOM   379 C C   . ASP A 1 50  ? 13.029  2.932   20.511  1.00 60.20 ? 50  ASP A C   1 
ATOM   380 O O   . ASP A 1 50  ? 13.481  3.754   21.315  1.00 68.45 ? 50  ASP A O   1 
ATOM   381 C CB  . ASP A 1 50  ? 14.009  0.734   21.099  1.00 55.76 ? 50  ASP A CB  1 
ATOM   382 C CG  . ASP A 1 50  ? 14.809  0.744   19.813  1.00 79.47 ? 50  ASP A CG  1 
ATOM   383 O OD1 . ASP A 1 50  ? 14.190  0.711   18.728  1.00 76.26 ? 50  ASP A OD1 1 
ATOM   384 O OD2 . ASP A 1 50  ? 16.054  0.793   19.889  1.00 87.49 ? 50  ASP A OD2 1 
ATOM   385 N N   . LYS A 1 51  ? 12.799  3.226   19.236  1.00 58.06 ? 51  LYS A N   1 
ATOM   386 C CA  . LYS A 1 51  ? 13.223  4.489   18.664  1.00 47.77 ? 51  LYS A CA  1 
ATOM   387 C C   . LYS A 1 51  ? 12.229  5.598   18.994  1.00 51.12 ? 51  LYS A C   1 
ATOM   388 O O   . LYS A 1 51  ? 11.076  5.356   19.364  1.00 55.88 ? 51  LYS A O   1 
ATOM   389 C CB  . LYS A 1 51  ? 13.370  4.359   17.146  1.00 51.98 ? 51  LYS A CB  1 
ATOM   390 C CG  . LYS A 1 51  ? 14.370  3.303   16.698  1.00 53.83 ? 51  LYS A CG  1 
ATOM   391 C CD  . LYS A 1 51  ? 15.749  3.566   17.282  1.00 61.10 ? 51  LYS A CD  1 
ATOM   392 C CE  . LYS A 1 51  ? 16.846  3.037   16.369  1.00 59.61 ? 51  LYS A CE  1 
ATOM   393 N NZ  . LYS A 1 51  ? 16.880  1.548   16.325  1.00 59.46 ? 51  LYS A NZ  1 
ATOM   394 N N   . SER A 1 52  ? 12.702  6.831   18.864  1.00 54.14 ? 52  SER A N   1 
ATOM   395 C CA  . SER A 1 52  ? 11.830  7.976   19.034  1.00 65.84 ? 52  SER A CA  1 
ATOM   396 C C   . SER A 1 52  ? 10.861  8.068   17.856  1.00 59.81 ? 52  SER A C   1 
ATOM   397 O O   . SER A 1 52  ? 11.207  7.707   16.726  1.00 48.99 ? 52  SER A O   1 
ATOM   398 C CB  . SER A 1 52  ? 12.658  9.255   19.111  1.00 63.11 ? 52  SER A CB  1 
ATOM   399 O OG  . SER A 1 52  ? 13.659  9.273   18.110  1.00 63.17 ? 52  SER A OG  1 
ATOM   400 N N   . PRO A 1 53  ? 9.635   8.539   18.099  1.00 59.87 ? 53  PRO A N   1 
ATOM   401 C CA  . PRO A 1 53  ? 8.668   8.695   17.002  1.00 65.28 ? 53  PRO A CA  1 
ATOM   402 C C   . PRO A 1 53  ? 9.187   9.514   15.826  1.00 65.03 ? 53  PRO A C   1 
ATOM   403 O O   . PRO A 1 53  ? 8.698   9.359   14.703  1.00 75.66 ? 53  PRO A O   1 
ATOM   404 C CB  . PRO A 1 53  ? 7.479   9.381   17.688  1.00 59.01 ? 53  PRO A CB  1 
ATOM   405 C CG  . PRO A 1 53  ? 7.557   8.908   19.103  1.00 43.42 ? 53  PRO A CG  1 
ATOM   406 C CD  . PRO A 1 53  ? 9.026   8.790   19.417  1.00 49.14 ? 53  PRO A CD  1 
ATOM   407 N N   . ASP A 1 54  ? 10.184  10.372  16.060  1.00 55.33 ? 54  ASP A N   1 
ATOM   408 C CA  . ASP A 1 54  ? 10.728  11.244  15.025  1.00 54.88 ? 54  ASP A CA  1 
ATOM   409 C C   . ASP A 1 54  ? 12.087  10.779  14.505  1.00 48.49 ? 54  ASP A C   1 
ATOM   410 O O   . ASP A 1 54  ? 12.833  11.579  13.929  1.00 51.39 ? 54  ASP A O   1 
ATOM   411 C CB  . ASP A 1 54  ? 10.798  12.690  15.520  1.00 50.99 ? 54  ASP A CB  1 
ATOM   412 C CG  . ASP A 1 54  ? 9.479   13.174  16.094  1.00 68.02 ? 54  ASP A CG  1 
ATOM   413 O OD1 . ASP A 1 54  ? 8.904   12.467  16.949  1.00 78.85 ? 54  ASP A OD1 1 
ATOM   414 O OD2 . ASP A 1 54  ? 9.015   14.259  15.685  1.00 80.74 ? 54  ASP A OD2 1 
ATOM   415 N N   . SER A 1 55  ? 12.420  9.502   14.684  1.00 53.88 ? 55  SER A N   1 
ATOM   416 C CA  . SER A 1 55  ? 13.718  8.990   14.271  1.00 50.72 ? 55  SER A CA  1 
ATOM   417 C C   . SER A 1 55  ? 13.788  8.865   12.752  1.00 42.05 ? 55  SER A C   1 
ATOM   418 O O   . SER A 1 55  ? 12.757  8.794   12.079  1.00 43.92 ? 55  SER A O   1 
ATOM   419 C CB  . SER A 1 55  ? 13.945  7.610   14.878  1.00 47.19 ? 55  SER A CB  1 
ATOM   420 O OG  . SER A 1 55  ? 13.111  6.652   14.250  1.00 32.66 ? 55  SER A OG  1 
ATOM   421 N N   . PRO A 1 56  ? 15.003  8.826   12.189  1.00 54.33 ? 56  PRO A N   1 
ATOM   422 C CA  . PRO A 1 56  ? 15.133  8.632   10.732  1.00 46.77 ? 56  PRO A CA  1 
ATOM   423 C C   . PRO A 1 56  ? 14.449  7.382   10.212  1.00 48.01 ? 56  PRO A C   1 
ATOM   424 O O   . PRO A 1 56  ? 13.874  7.409   9.116   1.00 34.28 ? 56  PRO A O   1 
ATOM   425 C CB  . PRO A 1 56  ? 16.653  8.566   10.526  1.00 45.51 ? 56  PRO A CB  1 
ATOM   426 C CG  . PRO A 1 56  ? 17.207  9.381   11.637  1.00 51.51 ? 56  PRO A CG  1 
ATOM   427 C CD  . PRO A 1 56  ? 16.300  9.137   12.817  1.00 67.84 ? 56  PRO A CD  1 
ATOM   428 N N   . GLU A 1 57  ? 14.510  6.277   10.963  1.00 38.08 ? 57  GLU A N   1 
ATOM   429 C CA  . GLU A 1 57  ? 13.851  5.051   10.524  1.00 38.55 ? 57  GLU A CA  1 
ATOM   430 C C   . GLU A 1 57  ? 12.336  5.200   10.550  1.00 36.73 ? 57  GLU A C   1 
ATOM   431 O O   . GLU A 1 57  ? 11.649  4.746   9.630   1.00 53.58 ? 57  GLU A O   1 
ATOM   432 C CB  . GLU A 1 57  ? 14.278  3.867   11.394  1.00 35.42 ? 57  GLU A CB  1 
ATOM   433 C CG  . GLU A 1 57  ? 15.746  3.486   11.287  1.00 38.81 ? 57  GLU A CG  1 
ATOM   434 C CD  . GLU A 1 57  ? 16.646  4.371   12.130  1.00 56.46 ? 57  GLU A CD  1 
ATOM   435 O OE1 . GLU A 1 57  ? 17.860  4.424   11.844  1.00 57.19 ? 57  GLU A OE1 1 
ATOM   436 O OE2 . GLU A 1 57  ? 16.143  5.012   13.080  1.00 54.03 ? 57  GLU A OE2 1 
ATOM   437 N N   . MET A 1 58  ? 11.796  5.816   11.604  1.00 34.55 ? 58  MET A N   1 
ATOM   438 C CA  . MET A 1 58  ? 10.356  6.045   11.659  1.00 43.70 ? 58  MET A CA  1 
ATOM   439 C C   . MET A 1 58  ? 9.920   6.995   10.556  1.00 36.76 ? 58  MET A C   1 
ATOM   440 O O   . MET A 1 58  ? 8.860   6.811   9.948   1.00 31.81 ? 58  MET A O   1 
ATOM   441 C CB  . MET A 1 58  ? 9.957   6.560   13.041  1.00 41.50 ? 58  MET A CB  1 
ATOM   442 C CG  . MET A 1 58  ? 9.936   5.459   14.091  1.00 46.02 ? 58  MET A CG  1 
ATOM   443 S SD  . MET A 1 58  ? 8.555   4.316   13.879  1.00 34.10 ? 58  MET A SD  1 
ATOM   444 C CE  . MET A 1 58  ? 7.262   5.276   14.658  1.00 31.68 ? 58  MET A CE  1 
ATOM   445 N N   . LYS A 1 59  ? 10.735  8.014   10.283  1.00 43.65 ? 59  LYS A N   1 
ATOM   446 C CA  . LYS A 1 59  ? 10.520  8.867   9.119   1.00 26.70 ? 59  LYS A CA  1 
ATOM   447 C C   . LYS A 1 59  ? 10.468  8.047   7.843   1.00 23.07 ? 59  LYS A C   1 
ATOM   448 O O   . LYS A 1 59  ? 9.542   8.191   7.035   1.00 26.33 ? 59  LYS A O   1 
ATOM   449 C CB  . LYS A 1 59  ? 11.648  9.897   9.069   1.00 45.49 ? 59  LYS A CB  1 
ATOM   450 C CG  . LYS A 1 59  ? 11.595  11.008  10.148  1.00 50.56 ? 59  LYS A CG  1 
ATOM   451 C CD  . LYS A 1 59  ? 10.170  11.606  10.328  1.00 52.59 ? 59  LYS A CD  1 
ATOM   452 C CE  . LYS A 1 59  ? 9.210   10.807  11.240  1.00 51.19 ? 59  LYS A CE  1 
ATOM   453 N NZ  . LYS A 1 59  ? 7.817   11.321  11.174  1.00 66.92 ? 59  LYS A NZ  1 
ATOM   454 N N   . ASP A 1 60  ? 11.447  7.160   7.665   1.00 25.38 ? 60  ASP A N   1 
ATOM   455 C CA  . ASP A 1 60  ? 11.466  6.252   6.524   1.00 32.61 ? 60  ASP A CA  1 
ATOM   456 C C   . ASP A 1 60  ? 10.182  5.442   6.439   1.00 30.72 ? 60  ASP A C   1 
ATOM   457 O O   . ASP A 1 60  ? 9.575   5.323   5.366   1.00 25.11 ? 60  ASP A O   1 
ATOM   458 C CB  . ASP A 1 60  ? 12.630  5.286   6.695   1.00 31.58 ? 60  ASP A CB  1 
ATOM   459 C CG  . ASP A 1 60  ? 12.905  4.487   5.447   1.00 27.58 ? 60  ASP A CG  1 
ATOM   460 O OD1 . ASP A 1 60  ? 12.695  5.016   4.329   1.00 27.70 ? 60  ASP A OD1 1 
ATOM   461 O OD2 . ASP A 1 60  ? 13.334  3.331   5.584   1.00 27.75 ? 60  ASP A OD2 1 
ATOM   462 N N   . PHE A 1 61  ? 9.782   4.848   7.566   1.00 26.89 ? 61  PHE A N   1 
ATOM   463 C CA  . PHE A 1 61  ? 8.596   3.997   7.621   1.00 23.88 ? 61  PHE A CA  1 
ATOM   464 C C   . PHE A 1 61  ? 7.362   4.753   7.152   1.00 24.81 ? 61  PHE A C   1 
ATOM   465 O O   . PHE A 1 61  ? 6.630   4.283   6.270   1.00 22.19 ? 61  PHE A O   1 
ATOM   466 C CB  . PHE A 1 61  ? 8.413   3.500   9.062   1.00 23.72 ? 61  PHE A CB  1 
ATOM   467 C CG  . PHE A 1 61  ? 7.143   2.715   9.297   1.00 16.47 ? 61  PHE A CG  1 
ATOM   468 C CD1 . PHE A 1 61  ? 7.088   1.367   8.985   1.00 20.25 ? 61  PHE A CD1 1 
ATOM   469 C CD2 . PHE A 1 61  ? 6.023   3.312   9.868   1.00 23.24 ? 61  PHE A CD2 1 
ATOM   470 C CE1 . PHE A 1 61  ? 5.944   0.627   9.202   1.00 18.58 ? 61  PHE A CE1 1 
ATOM   471 C CE2 . PHE A 1 61  ? 4.865   2.566   10.087  1.00 17.13 ? 61  PHE A CE2 1 
ATOM   472 C CZ  . PHE A 1 61  ? 4.837   1.222   9.758   1.00 19.11 ? 61  PHE A CZ  1 
ATOM   473 N N   . ARG A 1 62  ? 7.121   5.938   7.727   1.00 22.25 ? 62  ARG A N   1 
ATOM   474 C CA  . ARG A 1 62  ? 5.915   6.686   7.397   1.00 29.51 ? 62  ARG A CA  1 
ATOM   475 C C   . ARG A 1 62  ? 5.977   7.262   6.002   1.00 40.34 ? 62  ARG A C   1 
ATOM   476 O O   . ARG A 1 62  ? 4.939   7.437   5.356   1.00 26.53 ? 62  ARG A O   1 
ATOM   477 C CB  . ARG A 1 62  ? 5.645   7.775   8.424   1.00 30.49 ? 62  ARG A CB  1 
ATOM   478 C CG  . ARG A 1 62  ? 5.223   7.149   9.720   1.00 37.80 ? 62  ARG A CG  1 
ATOM   479 C CD  . ARG A 1 62  ? 4.548   8.122   10.671  1.00 33.19 ? 62  ARG A CD  1 
ATOM   480 N NE  . ARG A 1 62  ? 5.380   9.136   11.305  1.00 64.22 ? 62  ARG A NE  1 
ATOM   481 C CZ  . ARG A 1 62  ? 6.017   8.941   12.452  1.00 62.59 ? 62  ARG A CZ  1 
ATOM   482 N NH1 . ARG A 1 62  ? 5.931   7.767   13.068  1.00 67.88 ? 62  ARG A NH1 1 
ATOM   483 N NH2 . ARG A 1 62  ? 6.737   9.912   12.986  1.00 55.46 ? 62  ARG A NH2 1 
ATOM   484 N N   . HIS A 1 63  ? 7.172   7.522   5.508   1.00 31.88 ? 63  HIS A N   1 
ATOM   485 C CA  . HIS A 1 63  ? 7.261   8.076   4.178   1.00 22.48 ? 63  HIS A CA  1 
ATOM   486 C C   . HIS A 1 63  ? 7.098   7.008   3.110   1.00 27.88 ? 63  HIS A C   1 
ATOM   487 O O   . HIS A 1 63  ? 6.554   7.287   2.033   1.00 25.38 ? 63  HIS A O   1 
ATOM   488 C CB  . HIS A 1 63  ? 8.559   8.839   4.030   1.00 34.10 ? 63  HIS A CB  1 
ATOM   489 C CG  . HIS A 1 63  ? 8.689   9.464   2.698   1.00 46.07 ? 63  HIS A CG  1 
ATOM   490 N ND1 . HIS A 1 63  ? 7.909   10.530  2.306   1.00 69.87 ? 63  HIS A ND1 1 
ATOM   491 C CD2 . HIS A 1 63  ? 9.437   9.122   1.630   1.00 42.68 ? 63  HIS A CD2 1 
ATOM   492 C CE1 . HIS A 1 63  ? 8.206   10.846  1.061   1.00 53.06 ? 63  HIS A CE1 1 
ATOM   493 N NE2 . HIS A 1 63  ? 9.121   10.000  0.627   1.00 54.13 ? 63  HIS A NE2 1 
ATOM   494 N N   . GLY A 1 64  ? 7.550   5.791   3.391   1.00 22.39 ? 64  GLY A N   1 
ATOM   495 C CA  . GLY A 1 64  ? 7.192   4.670   2.552   1.00 23.75 ? 64  GLY A CA  1 
ATOM   496 C C   . GLY A 1 64  ? 5.700   4.578   2.339   1.00 23.08 ? 64  GLY A C   1 
ATOM   497 O O   . GLY A 1 64  ? 5.246   4.273   1.233   1.00 22.09 ? 64  GLY A O   1 
ATOM   498 N N   . PHE A 1 65  ? 4.920   4.878   3.384   1.00 19.68 ? 65  PHE A N   1 
ATOM   499 C CA  . PHE A 1 65  ? 3.468   4.862   3.262   1.00 18.12 ? 65  PHE A CA  1 
ATOM   500 C C   . PHE A 1 65  ? 2.919   6.076   2.524   1.00 16.80 ? 65  PHE A C   1 
ATOM   501 O O   . PHE A 1 65  ? 1.981   5.924   1.745   1.00 15.46 ? 65  PHE A O   1 
ATOM   502 C CB  . PHE A 1 65  ? 2.810   4.604   4.622   1.00 18.12 ? 65  PHE A CB  1 
ATOM   503 C CG  . PHE A 1 65  ? 2.859   3.171   5.020   1.00 15.97 ? 65  PHE A CG  1 
ATOM   504 C CD1 . PHE A 1 65  ? 2.085   2.234   4.354   1.00 18.18 ? 65  PHE A CD1 1 
ATOM   505 C CD2 . PHE A 1 65  ? 3.697   2.744   6.034   1.00 16.94 ? 65  PHE A CD2 1 
ATOM   506 C CE1 . PHE A 1 65  ? 2.126   0.907   4.693   1.00 23.94 ? 65  PHE A CE1 1 
ATOM   507 C CE2 . PHE A 1 65  ? 3.745   1.409   6.385   1.00 17.61 ? 65  PHE A CE2 1 
ATOM   508 C CZ  . PHE A 1 65  ? 2.971   0.481   5.708   1.00 18.79 ? 65  PHE A CZ  1 
ATOM   509 N N   . ASP A 1 66  ? 3.481   7.271   2.717   1.00 17.67 ? 66  ASP A N   1 
ATOM   510 C CA  . ASP A 1 66  ? 3.074   8.413   1.894   1.00 20.01 ? 66  ASP A CA  1 
ATOM   511 C C   . ASP A 1 66  ? 3.371   8.150   0.423   1.00 21.11 ? 66  ASP A C   1 
ATOM   512 O O   . ASP A 1 66  ? 2.551   8.440   -0.461  1.00 17.62 ? 66  ASP A O   1 
ATOM   513 C CB  . ASP A 1 66  ? 3.803   9.680   2.347   1.00 21.54 ? 66  ASP A CB  1 
ATOM   514 C CG  . ASP A 1 66  ? 3.138   10.369  3.528   1.00 25.12 ? 66  ASP A CG  1 
ATOM   515 O OD1 . ASP A 1 66  ? 1.922   10.192  3.768   1.00 23.71 ? 66  ASP A OD1 1 
ATOM   516 O OD2 . ASP A 1 66  ? 3.853   11.117  4.228   1.00 27.36 ? 66  ASP A OD2 1 
ATOM   517 N N   . ILE A 1 67  ? 4.556   7.612   0.135   1.00 18.05 ? 67  ILE A N   1 
ATOM   518 C CA  . ILE A 1 67  ? 4.879   7.231   -1.238  1.00 18.67 ? 67  ILE A CA  1 
ATOM   519 C C   . ILE A 1 67  ? 3.896   6.185   -1.734  1.00 17.13 ? 67  ILE A C   1 
ATOM   520 O O   . ILE A 1 67  ? 3.340   6.305   -2.830  1.00 16.04 ? 67  ILE A O   1 
ATOM   521 C CB  . ILE A 1 67  ? 6.338   6.745   -1.333  1.00 23.77 ? 67  ILE A CB  1 
ATOM   522 C CG1 . ILE A 1 67  ? 7.303   7.899   -1.046  1.00 28.91 ? 67  ILE A CG1 1 
ATOM   523 C CG2 . ILE A 1 67  ? 6.612   6.119   -2.695  1.00 21.94 ? 67  ILE A CG2 1 
ATOM   524 C CD1 . ILE A 1 67  ? 7.112   9.118   -1.945  1.00 23.95 ? 67  ILE A CD1 1 
ATOM   525 N N   . LEU A 1 68  ? 3.633   5.168   -0.918  1.00 16.62 ? 68  LEU A N   1 
ATOM   526 C CA  . LEU A 1 68  ? 2.718   4.118   -1.330  1.00 15.04 ? 68  LEU A CA  1 
ATOM   527 C C   . LEU A 1 68  ? 1.324   4.669   -1.604  1.00 13.28 ? 68  LEU A C   1 
ATOM   528 O O   . LEU A 1 68  ? 0.683   4.278   -2.588  1.00 14.00 ? 68  LEU A O   1 
ATOM   529 C CB  . LEU A 1 68  ? 2.659   3.044   -0.247  1.00 14.29 ? 68  LEU A CB  1 
ATOM   530 C CG  . LEU A 1 68  ? 2.042   1.718   -0.629  1.00 22.08 ? 68  LEU A CG  1 
ATOM   531 C CD1 . LEU A 1 68  ? 2.907   0.986   -1.663  1.00 18.31 ? 68  LEU A CD1 1 
ATOM   532 C CD2 . LEU A 1 68  ? 1.881   0.878   0.631   1.00 22.99 ? 68  LEU A CD2 1 
ATOM   533 N N   . VAL A 1 69  ? 0.838   5.562   -0.738  1.00 13.38 ? 69  VAL A N   1 
ATOM   534 C CA  . VAL A 1 69  ? -0.505  6.112   -0.902  1.00 14.21 ? 69  VAL A CA  1 
ATOM   535 C C   . VAL A 1 69  ? -0.578  6.948   -2.175  1.00 13.87 ? 69  VAL A C   1 
ATOM   536 O O   . VAL A 1 69  ? -1.563  6.874   -2.924  1.00 12.64 ? 69  VAL A O   1 
ATOM   537 C CB  . VAL A 1 69  ? -0.938  6.894   0.358   1.00 12.72 ? 69  VAL A CB  1 
ATOM   538 C CG1 . VAL A 1 69  ? -2.173  7.755   0.067   1.00 13.37 ? 69  VAL A CG1 1 
ATOM   539 C CG2 . VAL A 1 69  ? -1.229  5.938   1.541   1.00 13.55 ? 69  VAL A CG2 1 
ATOM   540 N N   . GLY A 1 70  ? 0.483   7.709   -2.478  1.00 13.95 ? 70  GLY A N   1 
ATOM   541 C CA  . GLY A 1 70  ? 0.506   8.469   -3.715  1.00 14.34 ? 70  GLY A CA  1 
ATOM   542 C C   . GLY A 1 70  ? 0.470   7.568   -4.933  1.00 14.08 ? 70  GLY A C   1 
ATOM   543 O O   . GLY A 1 70  ? -0.202  7.866   -5.928  1.00 14.03 ? 70  GLY A O   1 
ATOM   544 N N   . GLN A 1 71  ? 1.153   6.429   -4.856  1.00 14.11 ? 71  GLN A N   1 
ATOM   545 C CA  . GLN A 1 71  ? 1.136   5.491   -5.967  1.00 13.05 ? 71  GLN A CA  1 
ATOM   546 C C   . GLN A 1 71  ? -0.216  4.790   -6.082  1.00 14.26 ? 71  GLN A C   1 
ATOM   547 O O   . GLN A 1 71  ? -0.676  4.514   -7.196  1.00 14.28 ? 71  GLN A O   1 
ATOM   548 C CB  . GLN A 1 71  ? 2.292   4.499   -5.832  1.00 17.95 ? 71  GLN A CB  1 
ATOM   549 C CG  . GLN A 1 71  ? 3.682   5.109   -6.025  1.00 15.97 ? 71  GLN A CG  1 
ATOM   550 C CD  . GLN A 1 71  ? 4.786   4.090   -5.788  1.00 22.05 ? 71  GLN A CD  1 
ATOM   551 O OE1 . GLN A 1 71  ? 4.681   3.230   -4.909  1.00 24.27 ? 71  GLN A OE1 1 
ATOM   552 N NE2 . GLN A 1 71  ? 5.856   4.186   -6.569  1.00 39.58 ? 71  GLN A NE2 1 
ATOM   553 N N   . ILE A 1 72  ? -0.866  4.502   -4.950  1.00 13.13 ? 72  ILE A N   1 
ATOM   554 C CA  . ILE A 1 72  ? -2.232  3.997   -4.986  1.00 12.65 ? 72  ILE A CA  1 
ATOM   555 C C   . ILE A 1 72  ? -3.146  5.013   -5.657  1.00 11.78 ? 72  ILE A C   1 
ATOM   556 O O   . ILE A 1 72  ? -3.981  4.655   -6.496  1.00 12.22 ? 72  ILE A O   1 
ATOM   557 C CB  . ILE A 1 72  ? -2.703  3.638   -3.565  1.00 11.91 ? 72  ILE A CB  1 
ATOM   558 C CG1 . ILE A 1 72  ? -1.921  2.439   -3.022  1.00 13.27 ? 72  ILE A CG1 1 
ATOM   559 C CG2 . ILE A 1 72  ? -4.206  3.369   -3.570  1.00 13.53 ? 72  ILE A CG2 1 
ATOM   560 C CD1 . ILE A 1 72  ? -2.198  2.132   -1.575  1.00 13.71 ? 72  ILE A CD1 1 
ATOM   561 N N   . ASP A 1 73  ? -2.979  6.301   -5.329  1.00 11.72 ? 73  ASP A N   1 
ATOM   562 C CA  . ASP A 1 73  ? -3.773  7.343   -5.976  1.00 13.14 ? 73  ASP A CA  1 
ATOM   563 C C   . ASP A 1 73  ? -3.543  7.373   -7.484  1.00 13.23 ? 73  ASP A C   1 
ATOM   564 O O   . ASP A 1 73  ? -4.489  7.569   -8.261  1.00 13.13 ? 73  ASP A O   1 
ATOM   565 C CB  . ASP A 1 73  ? -3.498  8.718   -5.351  1.00 13.57 ? 73  ASP A CB  1 
ATOM   566 C CG  . ASP A 1 73  ? -4.179  8.882   -4.013  1.00 14.25 ? 73  ASP A CG  1 
ATOM   567 O OD1 . ASP A 1 73  ? -5.086  8.075   -3.735  1.00 14.91 ? 73  ASP A OD1 1 
ATOM   568 O OD2 . ASP A 1 73  ? -3.814  9.806   -3.247  1.00 15.79 ? 73  ASP A OD2 1 
ATOM   569 N N   . ASP A 1 74  ? -2.295  7.178   -7.914  1.00 12.45 ? 74  ASP A N   1 
ATOM   570 C CA  . ASP A 1 74  ? -2.013  7.153   -9.344  1.00 14.93 ? 74  ASP A CA  1 
ATOM   571 C C   . ASP A 1 74  ? -2.707  5.975   -10.007 1.00 15.60 ? 74  ASP A C   1 
ATOM   572 O O   . ASP A 1 74  ? -3.250  6.110   -11.109 1.00 13.12 ? 74  ASP A O   1 
ATOM   573 C CB  . ASP A 1 74  ? -0.508  7.089   -9.593  1.00 14.72 ? 74  ASP A CB  1 
ATOM   574 C CG  . ASP A 1 74  ? 0.234   8.346   -9.131  1.00 19.22 ? 74  ASP A CG  1 
ATOM   575 O OD1 . ASP A 1 74  ? -0.380  9.428   -9.017  1.00 19.46 ? 74  ASP A OD1 1 
ATOM   576 O OD2 . ASP A 1 74  ? 1.456   8.244   -8.890  1.00 22.51 ? 74  ASP A OD2 1 
ATOM   577 N N   . ALA A 1 75  ? -2.719  4.811   -9.336  1.00 12.98 ? 75  ALA A N   1 
ATOM   578 C CA  . ALA A 1 75  ? -3.425  3.654   -9.868  1.00 13.26 ? 75  ALA A CA  1 
ATOM   579 C C   . ALA A 1 75  ? -4.932  3.871   -9.871  1.00 11.93 ? 75  ALA A C   1 
ATOM   580 O O   . ALA A 1 75  ? -5.619  3.427   -10.791 1.00 12.96 ? 75  ALA A O   1 
ATOM   581 C CB  . ALA A 1 75  ? -3.064  2.397   -9.080  1.00 14.04 ? 75  ALA A CB  1 
ATOM   582 N N   . LEU A 1 76  ? -5.468  4.550   -8.850  1.00 12.10 ? 76  LEU A N   1 
ATOM   583 C CA  . LEU A 1 76  ? -6.900  4.837   -8.831  1.00 12.31 ? 76  LEU A CA  1 
ATOM   584 C C   . LEU A 1 76  ? -7.290  5.738   -9.988  1.00 12.34 ? 76  LEU A C   1 
ATOM   585 O O   . LEU A 1 76  ? -8.366  5.577   -10.577 1.00 12.45 ? 76  LEU A O   1 
ATOM   586 C CB  . LEU A 1 76  ? -7.286  5.504   -7.511  1.00 12.68 ? 76  LEU A CB  1 
ATOM   587 C CG  . LEU A 1 76  ? -7.508  4.547   -6.339  1.00 12.89 ? 76  LEU A CG  1 
ATOM   588 C CD1 . LEU A 1 76  ? -7.500  5.348   -5.031  1.00 14.46 ? 76  LEU A CD1 1 
ATOM   589 C CD2 . LEU A 1 76  ? -8.832  3.837   -6.540  1.00 14.81 ? 76  LEU A CD2 1 
ATOM   590 N N   . LYS A 1 77  ? -6.438  6.708   -10.316 1.00 12.47 ? 77  LYS A N   1 
ATOM   591 C CA  . LYS A 1 77  ? -6.733  7.575   -11.452 1.00 13.09 ? 77  LYS A CA  1 
ATOM   592 C C   . LYS A 1 77  ? -6.856  6.763   -12.738 1.00 12.83 ? 77  LYS A C   1 
ATOM   593 O O   . LYS A 1 77  ? -7.785  6.976   -13.522 1.00 14.02 ? 77  LYS A O   1 
ATOM   594 C CB  . LYS A 1 77  ? -5.658  8.656   -11.568 1.00 15.31 ? 77  LYS A CB  1 
ATOM   595 C CG  . LYS A 1 77  ? -5.842  9.618   -12.734 1.00 17.49 ? 77  LYS A CG  1 
ATOM   596 C CD  . LYS A 1 77  ? -4.686  10.617  -12.804 1.00 21.50 ? 77  LYS A CD  1 
ATOM   597 C CE  . LYS A 1 77  ? -4.746  11.466  -14.075 1.00 34.88 ? 77  LYS A CE  1 
ATOM   598 N NZ  . LYS A 1 77  ? -3.517  12.284  -14.257 1.00 53.51 ? 77  LYS A NZ  1 
ATOM   599 N N   . LEU A 1 78  ? -5.929  5.831   -12.965 1.00 13.06 ? 78  LEU A N   1 
ATOM   600 C CA  . LEU A 1 78  ? -6.028  4.928   -14.111 1.00 11.98 ? 78  LEU A CA  1 
ATOM   601 C C   . LEU A 1 78  ? -7.331  4.142   -14.089 1.00 12.59 ? 78  LEU A C   1 
ATOM   602 O O   . LEU A 1 78  ? -8.054  4.107   -15.089 1.00 14.71 ? 78  LEU A O   1 
ATOM   603 C CB  . LEU A 1 78  ? -4.823  3.987   -14.141 1.00 13.62 ? 78  LEU A CB  1 
ATOM   604 C CG  . LEU A 1 78  ? -3.468  4.684   -14.334 1.00 13.31 ? 78  LEU A CG  1 
ATOM   605 C CD1 . LEU A 1 78  ? -2.350  3.736   -14.030 1.00 15.28 ? 78  LEU A CD1 1 
ATOM   606 C CD2 . LEU A 1 78  ? -3.331  5.198   -15.765 1.00 15.97 ? 78  LEU A CD2 1 
ATOM   607 N N   . ALA A 1 79  ? -7.658  3.529   -12.951 1.00 11.94 ? 79  ALA A N   1 
ATOM   608 C CA  . ALA A 1 79  ? -8.884  2.741   -12.875 1.00 11.20 ? 79  ALA A CA  1 
ATOM   609 C C   . ALA A 1 79  ? -10.120 3.613   -13.092 1.00 13.42 ? 79  ALA A C   1 
ATOM   610 O O   . ALA A 1 79  ? -11.095 3.175   -13.716 1.00 13.50 ? 79  ALA A O   1 
ATOM   611 C CB  . ALA A 1 79  ? -8.949  2.010   -11.537 1.00 12.92 ? 79  ALA A CB  1 
ATOM   612 N N   . ASN A 1 80  ? -10.095 4.862   -12.606 1.00 13.03 ? 80  ASN A N   1 
ATOM   613 C CA  . ASN A 1 80  ? -11.231 5.753   -12.782 1.00 13.30 ? 80  ASN A CA  1 
ATOM   614 C C   . ASN A 1 80  ? -11.431 6.152   -14.227 1.00 15.51 ? 80  ASN A C   1 
ATOM   615 O O   . ASN A 1 80  ? -12.526 6.598   -14.589 1.00 18.25 ? 80  ASN A O   1 
ATOM   616 C CB  . ASN A 1 80  ? -11.024 7.027   -11.976 1.00 15.83 ? 80  ASN A CB  1 
ATOM   617 C CG  . ASN A 1 80  ? -11.358 6.843   -10.533 1.00 17.72 ? 80  ASN A CG  1 
ATOM   618 O OD1 . ASN A 1 80  ? -12.282 6.107   -10.194 1.00 21.77 ? 80  ASN A OD1 1 
ATOM   619 N ND2 . ASN A 1 80  ? -10.621 7.515   -9.662  1.00 20.14 ? 80  ASN A ND2 1 
ATOM   620 N N   . GLU A 1 81  ? -10.401 6.030   -15.050 1.00 14.10 ? 81  GLU A N   1 
ATOM   621 C CA  . GLU A 1 81  ? -10.547 6.257   -16.475 1.00 15.20 ? 81  GLU A CA  1 
ATOM   622 C C   . GLU A 1 81  ? -10.847 4.975   -17.232 1.00 14.94 ? 81  GLU A C   1 
ATOM   623 O O   . GLU A 1 81  ? -10.901 4.998   -18.470 1.00 15.97 ? 81  GLU A O   1 
ATOM   624 C CB  . GLU A 1 81  ? -9.279  6.912   -17.021 1.00 18.78 ? 81  GLU A CB  1 
ATOM   625 C CG  . GLU A 1 81  ? -8.902  8.197   -16.300 1.00 23.94 ? 81  GLU A CG  1 
ATOM   626 C CD  . GLU A 1 81  ? -7.425  8.535   -16.413 1.00 51.88 ? 81  GLU A CD  1 
ATOM   627 O OE1 . GLU A 1 81  ? -6.585  7.700   -16.017 1.00 58.48 ? 81  GLU A OE1 1 
ATOM   628 O OE2 . GLU A 1 81  ? -7.108  9.650   -16.881 1.00 34.27 ? 81  GLU A OE2 1 
ATOM   629 N N   . GLY A 1 82  ? -11.036 3.864   -16.526 1.00 15.65 ? 82  GLY A N   1 
ATOM   630 C CA  . GLY A 1 82  ? -11.339 2.603   -17.165 1.00 14.20 ? 82  GLY A CA  1 
ATOM   631 C C   . GLY A 1 82  ? -10.133 1.832   -17.642 1.00 14.30 ? 82  GLY A C   1 
ATOM   632 O O   . GLY A 1 82  ? -10.297 0.803   -18.309 1.00 12.82 ? 82  GLY A O   1 
ATOM   633 N N   . LYS A 1 83  ? -8.925  2.281   -17.301 1.00 14.06 ? 83  LYS A N   1 
ATOM   634 C CA  . LYS A 1 83  ? -7.687  1.672   -17.793 1.00 13.47 ? 83  LYS A CA  1 
ATOM   635 C C   . LYS A 1 83  ? -7.289  0.546   -16.847 1.00 13.73 ? 83  LYS A C   1 
ATOM   636 O O   . LYS A 1 83  ? -6.394  0.675   -16.008 1.00 13.90 ? 83  LYS A O   1 
ATOM   637 C CB  . LYS A 1 83  ? -6.585  2.714   -17.904 1.00 14.44 ? 83  LYS A CB  1 
ATOM   638 C CG  . LYS A 1 83  ? -6.912  3.887   -18.808 1.00 16.35 ? 83  LYS A CG  1 
ATOM   639 C CD  . LYS A 1 83  ? -5.794  4.920   -18.674 1.00 24.42 ? 83  LYS A CD  1 
ATOM   640 C CE  . LYS A 1 83  ? -6.084  6.234   -19.357 1.00 26.90 ? 83  LYS A CE  1 
ATOM   641 N NZ  . LYS A 1 83  ? -5.084  7.279   -18.950 1.00 34.00 ? 83  LYS A NZ  1 
ATOM   642 N N   A VAL A 1 84  ? -7.978  -0.586  -17.015 0.51 13.77 ? 84  VAL A N   1 
ATOM   643 N N   B VAL A 1 84  ? -7.931  -0.609  -17.023 0.49 13.81 ? 84  VAL A N   1 
ATOM   644 C CA  A VAL A 1 84  ? -7.843  -1.705  -16.086 0.51 14.54 ? 84  VAL A CA  1 
ATOM   645 C CA  B VAL A 1 84  ? -7.817  -1.672  -16.025 0.49 14.46 ? 84  VAL A CA  1 
ATOM   646 C C   A VAL A 1 84  ? -6.418  -2.243  -16.079 0.51 12.56 ? 84  VAL A C   1 
ATOM   647 C C   B VAL A 1 84  ? -6.444  -2.351  -16.066 0.49 12.53 ? 84  VAL A C   1 
ATOM   648 O O   A VAL A 1 84  ? -5.779  -2.339  -15.023 0.51 10.70 ? 84  VAL A O   1 
ATOM   649 O O   B VAL A 1 84  ? -5.865  -2.668  -15.020 0.49 11.33 ? 84  VAL A O   1 
ATOM   650 C CB  A VAL A 1 84  ? -8.882  -2.802  -16.402 0.51 15.22 ? 84  VAL A CB  1 
ATOM   651 C CB  B VAL A 1 84  ? -8.992  -2.660  -16.159 0.49 16.22 ? 84  VAL A CB  1 
ATOM   652 C CG1 A VAL A 1 84  ? -10.270 -2.231  -16.338 0.51 18.21 ? 84  VAL A CG1 1 
ATOM   653 C CG1 B VAL A 1 84  ? -9.018  -3.279  -17.541 0.49 20.89 ? 84  VAL A CG1 1 
ATOM   654 C CG2 A VAL A 1 84  ? -8.673  -3.416  -17.780 0.51 22.66 ? 84  VAL A CG2 1 
ATOM   655 C CG2 B VAL A 1 84  ? -8.937  -3.737  -15.085 0.49 12.78 ? 84  VAL A CG2 1 
ATOM   656 N N   . LYS A 1 85  ? -5.889  -2.574  -17.262 1.00 13.63 ? 85  LYS A N   1 
ATOM   657 C CA  . LYS A 1 85  ? -4.591  -3.231  -17.344 1.00 14.49 ? 85  LYS A CA  1 
ATOM   658 C C   . LYS A 1 85  ? -3.484  -2.312  -16.855 1.00 13.07 ? 85  LYS A C   1 
ATOM   659 O O   . LYS A 1 85  ? -2.551  -2.759  -16.174 1.00 13.13 ? 85  LYS A O   1 
ATOM   660 C CB  . LYS A 1 85  ? -4.312  -3.669  -18.786 1.00 15.31 ? 85  LYS A CB  1 
ATOM   661 C CG  . LYS A 1 85  ? -5.297  -4.689  -19.343 1.00 19.10 ? 85  LYS A CG  1 
ATOM   662 C CD  . LYS A 1 85  ? -5.151  -6.025  -18.609 1.00 31.44 ? 85  LYS A CD  1 
ATOM   663 C CE  . LYS A 1 85  ? -5.982  -7.119  -19.263 1.00 36.81 ? 85  LYS A CE  1 
ATOM   664 N NZ  . LYS A 1 85  ? -7.406  -6.705  -19.365 1.00 54.34 ? 85  LYS A NZ  1 
ATOM   665 N N   . GLU A 1 86  ? -3.583  -1.024  -17.181 1.00 12.81 ? 86  GLU A N   1 
ATOM   666 C CA  . GLU A 1 86  ? -2.629  -0.045  -16.678 1.00 13.05 ? 86  GLU A CA  1 
ATOM   667 C C   . GLU A 1 86  ? -2.682  0.027   -15.159 1.00 14.43 ? 86  GLU A C   1 
ATOM   668 O O   . GLU A 1 86  ? -1.636  0.098   -14.492 1.00 13.34 ? 86  GLU A O   1 
ATOM   669 C CB  . GLU A 1 86  ? -2.932  1.328   -17.275 1.00 14.71 ? 86  GLU A CB  1 
ATOM   670 C CG  . GLU A 1 86  ? -2.775  1.427   -18.802 1.00 19.62 ? 86  GLU A CG  1 
ATOM   671 C CD  . GLU A 1 86  ? -4.026  1.055   -19.627 1.00 38.54 ? 86  GLU A CD  1 
ATOM   672 O OE1 . GLU A 1 86  ? -4.121  1.561   -20.770 1.00 22.71 ? 86  GLU A OE1 1 
ATOM   673 O OE2 . GLU A 1 86  ? -4.907  0.283   -19.168 1.00 18.08 ? 86  GLU A OE2 1 
ATOM   674 N N   . ALA A 1 87  ? -3.894  0.029   -14.597 1.00 12.83 ? 87  ALA A N   1 
ATOM   675 C CA  . ALA A 1 87  ? -4.036  0.066   -13.146 1.00 12.84 ? 87  ALA A CA  1 
ATOM   676 C C   . ALA A 1 87  ? -3.466  -1.193  -12.504 1.00 13.47 ? 87  ALA A C   1 
ATOM   677 O O   . ALA A 1 87  ? -2.816  -1.119  -11.460 1.00 12.47 ? 87  ALA A O   1 
ATOM   678 C CB  . ALA A 1 87  ? -5.500  0.226   -12.780 1.00 12.31 ? 87  ALA A CB  1 
ATOM   679 N N   . GLN A 1 88  ? -3.677  -2.357  -13.129 1.00 12.63 ? 88  GLN A N   1 
ATOM   680 C CA  . GLN A 1 88  ? -3.110  -3.600  -12.617 1.00 13.58 ? 88  GLN A CA  1 
ATOM   681 C C   . GLN A 1 88  ? -1.586  -3.563  -12.639 1.00 15.94 ? 88  GLN A C   1 
ATOM   682 O O   . GLN A 1 88  ? -0.928  -4.021  -11.690 1.00 15.61 ? 88  GLN A O   1 
ATOM   683 C CB  . GLN A 1 88  ? -3.637  -4.798  -13.416 1.00 12.16 ? 88  GLN A CB  1 
ATOM   684 C CG  . GLN A 1 88  ? -5.096  -5.091  -13.160 1.00 13.78 ? 88  GLN A CG  1 
ATOM   685 C CD  . GLN A 1 88  ? -5.638  -6.192  -14.049 1.00 15.72 ? 88  GLN A CD  1 
ATOM   686 O OE1 . GLN A 1 88  ? -5.516  -6.126  -15.275 1.00 16.86 ? 88  GLN A OE1 1 
ATOM   687 N NE2 . GLN A 1 88  ? -6.252  -7.206  -13.447 1.00 16.08 ? 88  GLN A NE2 1 
ATOM   688 N N   . ALA A 1 89  ? -1.003  -3.023  -13.711 1.00 14.00 ? 89  ALA A N   1 
ATOM   689 C CA  . ALA A 1 89  ? 0.448   -2.942  -13.774 1.00 17.76 ? 89  ALA A CA  1 
ATOM   690 C C   . ALA A 1 89  ? 0.991   -1.973  -12.735 1.00 17.20 ? 89  ALA A C   1 
ATOM   691 O O   . ALA A 1 89  ? 2.055   -2.213  -12.153 1.00 18.50 ? 89  ALA A O   1 
ATOM   692 C CB  . ALA A 1 89  ? 0.894   -2.523  -15.168 1.00 17.27 ? 89  ALA A CB  1 
ATOM   693 N N   . ALA A 1 90  ? 0.284   -0.865  -12.497 1.00 14.07 ? 90  ALA A N   1 
ATOM   694 C CA  . ALA A 1 90  ? 0.704   0.064   -11.455 1.00 15.42 ? 90  ALA A CA  1 
ATOM   695 C C   . ALA A 1 90  ? 0.666   -0.605  -10.090 1.00 15.36 ? 90  ALA A C   1 
ATOM   696 O O   . ALA A 1 90  ? 1.562   -0.391  -9.265  1.00 17.53 ? 90  ALA A O   1 
ATOM   697 C CB  . ALA A 1 90  ? -0.200  1.290   -11.456 1.00 15.90 ? 90  ALA A CB  1 
ATOM   698 N N   . ALA A 1 91  ? -0.353  -1.436  -9.850  1.00 15.48 ? 91  ALA A N   1 
ATOM   699 C CA  . ALA A 1 91  ? -0.472  -2.123  -8.569  1.00 15.31 ? 91  ALA A CA  1 
ATOM   700 C C   . ALA A 1 91  ? 0.682   -3.088  -8.337  1.00 17.31 ? 91  ALA A C   1 
ATOM   701 O O   . ALA A 1 91  ? 1.155   -3.216  -7.202  1.00 17.70 ? 91  ALA A O   1 
ATOM   702 C CB  . ALA A 1 91  ? -1.813  -2.851  -8.464  1.00 15.15 ? 91  ALA A CB  1 
ATOM   703 N N   . GLU A 1 92  ? 1.139   -3.777  -9.386  1.00 20.76 ? 92  GLU A N   1 
ATOM   704 C CA  . GLU A 1 92  ? 2.322   -4.629  -9.268  1.00 24.48 ? 92  GLU A CA  1 
ATOM   705 C C   . GLU A 1 92  ? 3.514   -3.850  -8.731  1.00 28.26 ? 92  GLU A C   1 
ATOM   706 O O   . GLU A 1 92  ? 4.277   -4.358  -7.898  1.00 23.99 ? 92  GLU A O   1 
ATOM   707 C CB  . GLU A 1 92  ? 2.676   -5.204  -10.640 1.00 28.80 ? 92  GLU A CB  1 
ATOM   708 C CG  . GLU A 1 92  ? 1.948   -6.475  -10.996 1.00 35.02 ? 92  GLU A CG  1 
ATOM   709 C CD  . GLU A 1 92  ? 2.639   -7.711  -10.455 1.00 54.98 ? 92  GLU A CD  1 
ATOM   710 O OE1 . GLU A 1 92  ? 2.770   -7.834  -9.216  1.00 62.49 ? 92  GLU A OE1 1 
ATOM   711 O OE2 . GLU A 1 92  ? 3.050   -8.565  -11.271 1.00 72.79 ? 92  GLU A OE2 1 
ATOM   712 N N   . GLN A 1 93  ? 3.701   -2.624  -9.203  1.00 21.69 ? 93  GLN A N   1 
ATOM   713 C CA  . GLN A 1 93  ? 4.814   -1.814  -8.731  1.00 26.94 ? 93  GLN A CA  1 
ATOM   714 C C   . GLN A 1 93  ? 4.652   -1.385  -7.279  1.00 25.26 ? 93  GLN A C   1 
ATOM   715 O O   . GLN A 1 93  ? 5.650   -1.063  -6.630  1.00 26.43 ? 93  GLN A O   1 
ATOM   716 C CB  . GLN A 1 93  ? 5.017   -0.599  -9.636  1.00 32.39 ? 93  GLN A CB  1 
ATOM   717 C CG  . GLN A 1 93  ? 5.451   -0.963  -11.042 1.00 37.31 ? 93  GLN A CG  1 
ATOM   718 C CD  . GLN A 1 93  ? 6.705   -1.825  -11.057 1.00 51.85 ? 93  GLN A CD  1 
ATOM   719 O OE1 . GLN A 1 93  ? 7.712   -1.496  -10.427 1.00 48.77 ? 93  GLN A OE1 1 
ATOM   720 N NE2 . GLN A 1 93  ? 6.641   -2.947  -11.766 1.00 43.49 ? 93  GLN A NE2 1 
ATOM   721 N N   . LEU A 1 94  ? 3.423   -1.364  -6.753  1.00 22.10 ? 94  LEU A N   1 
ATOM   722 C CA  . LEU A 1 94  ? 3.250   -1.099  -5.329  1.00 18.70 ? 94  LEU A CA  1 
ATOM   723 C C   . LEU A 1 94  ? 4.007   -2.113  -4.492  1.00 20.74 ? 94  LEU A C   1 
ATOM   724 O O   . LEU A 1 94  ? 4.401   -1.816  -3.360  1.00 19.82 ? 94  LEU A O   1 
ATOM   725 C CB  . LEU A 1 94  ? 1.778   -1.153  -4.946  1.00 20.82 ? 94  LEU A CB  1 
ATOM   726 C CG  . LEU A 1 94  ? 0.856   -0.170  -5.644  1.00 20.39 ? 94  LEU A CG  1 
ATOM   727 C CD1 . LEU A 1 94  ? -0.570  -0.454  -5.211  1.00 21.69 ? 94  LEU A CD1 1 
ATOM   728 C CD2 . LEU A 1 94  ? 1.246   1.250   -5.292  1.00 25.48 ? 94  LEU A CD2 1 
ATOM   729 N N   . LYS A 1 95  ? 4.212   -3.322  -5.023  1.00 19.43 ? 95  LYS A N   1 
ATOM   730 C CA  . LYS A 1 95  ? 4.985   -4.325  -4.301  1.00 22.05 ? 95  LYS A CA  1 
ATOM   731 C C   . LYS A 1 95  ? 6.434   -3.898  -4.120  1.00 28.19 ? 95  LYS A C   1 
ATOM   732 O O   . LYS A 1 95  ? 7.033   -4.154  -3.068  1.00 25.13 ? 95  LYS A O   1 
ATOM   733 C CB  . LYS A 1 95  ? 4.929   -5.656  -5.041  1.00 35.95 ? 95  LYS A CB  1 
ATOM   734 C CG  . LYS A 1 95  ? 3.582   -6.321  -5.004  1.00 31.07 ? 95  LYS A CG  1 
ATOM   735 C CD  . LYS A 1 95  ? 3.656   -7.613  -5.796  1.00 37.90 ? 95  LYS A CD  1 
ATOM   736 C CE  . LYS A 1 95  ? 2.412   -8.454  -5.625  1.00 62.48 ? 95  LYS A CE  1 
ATOM   737 N NZ  . LYS A 1 95  ? 2.353   -9.522  -6.659  1.00 62.57 ? 95  LYS A NZ  1 
ATOM   738 N N   . THR A 1 96  ? 7.026   -3.269  -5.139  1.00 23.36 ? 96  THR A N   1 
ATOM   739 C CA  . THR A 1 96  ? 8.412   -2.826  -5.017  1.00 25.31 ? 96  THR A CA  1 
ATOM   740 C C   . THR A 1 96  ? 8.567   -1.765  -3.932  1.00 27.03 ? 96  THR A C   1 
ATOM   741 O O   . THR A 1 96  ? 9.548   -1.776  -3.181  1.00 25.18 ? 96  THR A O   1 
ATOM   742 C CB  . THR A 1 96  ? 8.944   -2.323  -6.363  1.00 36.77 ? 96  THR A CB  1 
ATOM   743 O OG1 . THR A 1 96  ? 8.071   -1.316  -6.885  1.00 46.98 ? 96  THR A OG1 1 
ATOM   744 C CG2 . THR A 1 96  ? 9.032   -3.462  -7.353  1.00 38.05 ? 96  THR A CG2 1 
ATOM   745 N N   . THR A 1 97  ? 7.613   -0.839  -3.836  1.00 19.16 ? 97  THR A N   1 
ATOM   746 C CA  . THR A 1 97  ? 7.673   0.162   -2.780  1.00 26.76 ? 97  THR A CA  1 
ATOM   747 C C   . THR A 1 97  ? 7.500   -0.493  -1.428  1.00 23.48 ? 97  THR A C   1 
ATOM   748 O O   . THR A 1 97  ? 8.264   -0.238  -0.489  1.00 21.55 ? 97  THR A O   1 
ATOM   749 C CB  . THR A 1 97  ? 6.566   1.189   -2.997  1.00 21.58 ? 97  THR A CB  1 
ATOM   750 O OG1 . THR A 1 97  ? 6.775   1.832   -4.258  1.00 23.42 ? 97  THR A OG1 1 
ATOM   751 C CG2 . THR A 1 97  ? 6.547   2.229   -1.862  1.00 24.55 ? 97  THR A CG2 1 
ATOM   752 N N   . ARG A 1 98  ? 6.481   -1.346  -1.319  1.00 18.49 ? 98  ARG A N   1 
ATOM   753 C CA  . ARG A 1 98  ? 6.223   -2.060  -0.077  1.00 26.05 ? 98  ARG A CA  1 
ATOM   754 C C   . ARG A 1 98  ? 7.453   -2.843  0.367   1.00 27.86 ? 98  ARG A C   1 
ATOM   755 O O   . ARG A 1 98  ? 7.830   -2.808  1.546   1.00 28.11 ? 98  ARG A O   1 
ATOM   756 C CB  . ARG A 1 98  ? 5.027   -2.988  -0.296  1.00 27.83 ? 98  ARG A CB  1 
ATOM   757 C CG  . ARG A 1 98  ? 4.189   -3.271  0.929   1.00 36.59 ? 98  ARG A CG  1 
ATOM   758 C CD  . ARG A 1 98  ? 3.565   -4.635  0.784   1.00 30.48 ? 98  ARG A CD  1 
ATOM   759 N NE  . ARG A 1 98  ? 4.496   -5.507  0.079   1.00 38.81 ? 98  ARG A NE  1 
ATOM   760 C CZ  . ARG A 1 98  ? 4.194   -6.717  -0.370  1.00 41.96 ? 98  ARG A CZ  1 
ATOM   761 N NH1 . ARG A 1 98  ? 2.975   -7.201  -0.187  1.00 35.85 ? 98  ARG A NH1 1 
ATOM   762 N NH2 . ARG A 1 98  ? 5.107   -7.437  -1.010  1.00 49.10 ? 98  ARG A NH2 1 
ATOM   763 N N   . ASN A 1 99  ? 8.107   -3.539  -0.567  1.00 27.67 ? 99  ASN A N   1 
ATOM   764 C CA  . ASN A 1 99  ? 9.255   -4.365  -0.197  1.00 25.29 ? 99  ASN A CA  1 
ATOM   765 C C   . ASN A 1 99  ? 10.452  -3.511  0.206   1.00 28.55 ? 99  ASN A C   1 
ATOM   766 O O   . ASN A 1 99  ? 11.165  -3.844  1.162   1.00 32.37 ? 99  ASN A O   1 
ATOM   767 C CB  . ASN A 1 99  ? 9.643   -5.294  -1.351  1.00 38.48 ? 99  ASN A CB  1 
ATOM   768 C CG  . ASN A 1 99  ? 8.583   -6.343  -1.656  1.00 33.94 ? 99  ASN A CG  1 
ATOM   769 O OD1 . ASN A 1 99  ? 7.608   -6.496  -0.927  1.00 31.77 ? 99  ASN A OD1 1 
ATOM   770 N ND2 . ASN A 1 99  ? 8.778   -7.074  -2.747  1.00 36.48 ? 99  ASN A ND2 1 
ATOM   771 N N   . ALA A 1 100 ? 10.703  -2.418  -0.513  1.00 22.43 ? 100 ALA A N   1 
ATOM   772 C CA  . ALA A 1 100 ? 11.927  -1.663  -0.276  1.00 24.28 ? 100 ALA A CA  1 
ATOM   773 C C   . ALA A 1 100 ? 11.807  -0.704  0.896   1.00 26.16 ? 100 ALA A C   1 
ATOM   774 O O   . ALA A 1 100 ? 12.779  -0.509  1.634   1.00 24.26 ? 100 ALA A O   1 
ATOM   775 C CB  . ALA A 1 100 ? 12.311  -0.889  -1.528  1.00 25.39 ? 100 ALA A CB  1 
ATOM   776 N N   . TYR A 1 101 ? 10.642  -0.089  1.076   1.00 22.02 ? 101 TYR A N   1 
ATOM   777 C CA  . TYR A 1 101 ? 10.498  0.901   2.132   1.00 27.76 ? 101 TYR A CA  1 
ATOM   778 C C   . TYR A 1 101 ? 10.193  0.279   3.491   1.00 21.23 ? 101 TYR A C   1 
ATOM   779 O O   . TYR A 1 101 ? 10.810  0.646   4.496   1.00 26.43 ? 101 TYR A O   1 
ATOM   780 C CB  . TYR A 1 101 ? 9.391   1.885   1.765   1.00 23.20 ? 101 TYR A CB  1 
ATOM   781 C CG  . TYR A 1 101 ? 9.776   2.933   0.744   1.00 19.95 ? 101 TYR A CG  1 
ATOM   782 C CD1 . TYR A 1 101 ? 9.784   2.643   -0.616  1.00 20.91 ? 101 TYR A CD1 1 
ATOM   783 C CD2 . TYR A 1 101 ? 10.107  4.225   1.136   1.00 28.27 ? 101 TYR A CD2 1 
ATOM   784 C CE1 . TYR A 1 101 ? 10.126  3.612   -1.551  1.00 23.35 ? 101 TYR A CE1 1 
ATOM   785 C CE2 . TYR A 1 101 ? 10.430  5.196   0.208   1.00 26.56 ? 101 TYR A CE2 1 
ATOM   786 C CZ  . TYR A 1 101 ? 10.447  4.884   -1.131  1.00 25.61 ? 101 TYR A CZ  1 
ATOM   787 O OH  . TYR A 1 101 ? 10.782  5.856   -2.049  1.00 24.29 ? 101 TYR A OH  1 
ATOM   788 N N   . ILE A 1 102 ? 9.247   -0.658  3.546   1.00 21.29 ? 102 ILE A N   1 
ATOM   789 C CA  . ILE A 1 102 ? 8.572   -1.007  4.785   1.00 22.48 ? 102 ILE A CA  1 
ATOM   790 C C   . ILE A 1 102 ? 9.020   -2.365  5.334   1.00 26.38 ? 102 ILE A C   1 
ATOM   791 O O   . ILE A 1 102 ? 9.093   -2.542  6.551   1.00 22.83 ? 102 ILE A O   1 
ATOM   792 C CB  . ILE A 1 102 ? 7.038   -0.941  4.630   1.00 21.90 ? 102 ILE A CB  1 
ATOM   793 C CG1 . ILE A 1 102 ? 6.597   0.463   4.203   1.00 22.61 ? 102 ILE A CG1 1 
ATOM   794 C CG2 . ILE A 1 102 ? 6.356   -1.342  5.923   1.00 20.06 ? 102 ILE A CG2 1 
ATOM   795 C CD1 . ILE A 1 102 ? 6.084   0.532   2.800   1.00 32.82 ? 102 ILE A CD1 1 
ATOM   796 N N   . GLN A 1 103 ? 9.324   -3.322  4.456   1.00 22.10 ? 103 GLN A N   1 
ATOM   797 C CA  . GLN A 1 103 ? 9.573   -4.697  4.892   1.00 25.13 ? 103 GLN A CA  1 
ATOM   798 C C   . GLN A 1 103 ? 10.682  -4.777  5.938   1.00 24.38 ? 103 GLN A C   1 
ATOM   799 O O   . GLN A 1 103 ? 10.586  -5.554  6.897   1.00 24.38 ? 103 GLN A O   1 
ATOM   800 C CB  . GLN A 1 103 ? 9.903   -5.574  3.687   1.00 27.38 ? 103 GLN A CB  1 
ATOM   801 C CG  . GLN A 1 103 ? 10.334  -6.988  4.045   1.00 42.60 ? 103 GLN A CG  1 
ATOM   802 C CD  . GLN A 1 103 ? 9.230   -7.790  4.706   1.00 46.96 ? 103 GLN A CD  1 
ATOM   803 O OE1 . GLN A 1 103 ? 8.112   -7.873  4.194   1.00 43.36 ? 103 GLN A OE1 1 
ATOM   804 N NE2 . GLN A 1 103 ? 9.537   -8.378  5.855   1.00 46.61 ? 103 GLN A NE2 1 
ATOM   805 N N   . LYS A 1 104 ? 11.732  -3.964  5.782   1.00 24.08 ? 104 LYS A N   1 
ATOM   806 C CA  . LYS A 1 104 ? 12.893  -4.048  6.663   1.00 28.97 ? 104 LYS A CA  1 
ATOM   807 C C   . LYS A 1 104 ? 12.583  -3.669  8.105   1.00 33.42 ? 104 LYS A C   1 
ATOM   808 O O   . LYS A 1 104 ? 13.437  -3.871  8.978   1.00 33.08 ? 104 LYS A O   1 
ATOM   809 C CB  . LYS A 1 104 ? 14.055  -3.209  6.118   1.00 27.09 ? 104 LYS A CB  1 
ATOM   810 C CG  . LYS A 1 104 ? 13.755  -1.718  5.961   1.00 23.97 ? 104 LYS A CG  1 
ATOM   811 C CD  . LYS A 1 104 ? 14.922  -1.007  5.276   1.00 27.42 ? 104 LYS A CD  1 
ATOM   812 C CE  . LYS A 1 104 ? 14.769  0.512   5.279   1.00 27.87 ? 104 LYS A CE  1 
ATOM   813 N NZ  . LYS A 1 104 ? 13.695  1.009   4.362   1.00 26.04 ? 104 LYS A NZ  1 
ATOM   814 N N   . TYR A 1 105 ? 11.390  -3.145  8.383   1.00 28.08 ? 105 TYR A N   1 
ATOM   815 C CA  . TYR A 1 105 ? 11.007  -2.748  9.730   1.00 28.66 ? 105 TYR A CA  1 
ATOM   816 C C   . TYR A 1 105 ? 10.039  -3.717  10.388  1.00 33.34 ? 105 TYR A C   1 
ATOM   817 O O   . TYR A 1 105 ? 9.719   -3.544  11.570  1.00 28.31 ? 105 TYR A O   1 
ATOM   818 C CB  . TYR A 1 105 ? 10.389  -1.350  9.712   1.00 28.98 ? 105 TYR A CB  1 
ATOM   819 C CG  . TYR A 1 105 ? 11.334  -0.296  9.200   1.00 41.70 ? 105 TYR A CG  1 
ATOM   820 C CD1 . TYR A 1 105 ? 12.613  -0.174  9.730   1.00 42.50 ? 105 TYR A CD1 1 
ATOM   821 C CD2 . TYR A 1 105 ? 10.964  0.557   8.169   1.00 25.96 ? 105 TYR A CD2 1 
ATOM   822 C CE1 . TYR A 1 105 ? 13.488  0.782   9.266   1.00 36.46 ? 105 TYR A CE1 1 
ATOM   823 C CE2 . TYR A 1 105 ? 11.834  1.519   7.701   1.00 31.74 ? 105 TYR A CE2 1 
ATOM   824 C CZ  . TYR A 1 105 ? 13.095  1.626   8.253   1.00 33.26 ? 105 TYR A CZ  1 
ATOM   825 O OH  . TYR A 1 105 ? 13.969  2.579   7.788   1.00 39.11 ? 105 TYR A OH  1 
ATOM   826 N N   . LEU A 1 106 ? 9.561   -4.722  9.666   1.00 29.41 ? 106 LEU A N   1 
ATOM   827 C CA  . LEU A 1 106 ? 8.570   -5.645  10.212  1.00 24.68 ? 106 LEU A CA  1 
ATOM   828 C C   . LEU A 1 106 ? 9.196   -6.773  11.015  1.00 39.25 ? 106 LEU A C   1 
ATOM   829 O O   . LEU A 1 106 ? 10.336  -7.165  10.772  1.00 44.55 ? 106 LEU A O   1 
ATOM   830 C CB  . LEU A 1 106 ? 7.723   -6.234  9.091   1.00 25.68 ? 106 LEU A CB  1 
ATOM   831 C CG  . LEU A 1 106 ? 7.084   -5.177  8.197   1.00 27.91 ? 106 LEU A CG  1 
ATOM   832 C CD1 . LEU A 1 106 ? 6.179   -5.849  7.187   1.00 31.66 ? 106 LEU A CD1 1 
ATOM   833 C CD2 . LEU A 1 106 ? 6.329   -4.159  9.040   1.00 26.52 ? 106 LEU A CD2 1 
ATOM   834 O OXT . LEU A 1 106 ? 8.559   -7.323  11.912  1.00 40.31 ? 106 LEU A OXT 1 
HETATM 835 O O   . HOH B 2 .   ? 5.688   11.527  13.440  1.00 57.49 ? 301 HOH A O   1 
HETATM 836 O O   . HOH B 2 .   ? 0.086   -8.319  15.576  1.00 50.52 ? 302 HOH A O   1 
HETATM 837 O O   . HOH B 2 .   ? -12.932 -5.540  0.617   1.00 25.10 ? 303 HOH A O   1 
HETATM 838 O O   . HOH B 2 .   ? 10.520  6.549   3.738   1.00 37.24 ? 304 HOH A O   1 
HETATM 839 O O   . HOH B 2 .   ? -8.487  11.389  -17.233 1.00 46.22 ? 305 HOH A O   1 
HETATM 840 O O   . HOH B 2 .   ? -7.290  -0.909  8.436   1.00 31.41 ? 306 HOH A O   1 
HETATM 841 O O   . HOH B 2 .   ? -7.615  11.116  -15.031 1.00 39.98 ? 307 HOH A O   1 
HETATM 842 O O   . HOH B 2 .   ? 9.443   4.436   17.425  1.00 46.22 ? 308 HOH A O   1 
HETATM 843 O O   . HOH B 2 .   ? -5.798  5.651   9.286   1.00 23.73 ? 309 HOH A O   1 
HETATM 844 O O   . HOH B 2 .   ? -1.693  8.417   8.003   1.00 28.01 ? 310 HOH A O   1 
HETATM 845 O O   . HOH B 2 .   ? 2.926   6.302   -9.495  1.00 29.00 ? 311 HOH A O   1 
HETATM 846 O O   . HOH B 2 .   ? 0.605   -8.343  -8.047  1.00 41.46 ? 312 HOH A O   1 
HETATM 847 O O   . HOH B 2 .   ? 11.800  -6.771  8.758   1.00 35.79 ? 313 HOH A O   1 
HETATM 848 O O   . HOH B 2 .   ? -5.425  -0.344  12.256  1.00 30.76 ? 314 HOH A O   1 
HETATM 849 O O   . HOH B 2 .   ? -15.435 -10.868 -12.656 1.00 34.80 ? 315 HOH A O   1 
HETATM 850 O O   . HOH B 2 .   ? 3.639   11.489  6.798   1.00 39.00 ? 316 HOH A O   1 
HETATM 851 O O   . HOH B 2 .   ? -15.430 -5.303  -6.427  1.00 19.20 ? 317 HOH A O   1 
HETATM 852 O O   . HOH B 2 .   ? -7.863  8.804   -19.251 1.00 39.97 ? 318 HOH A O   1 
HETATM 853 O O   . HOH B 2 .   ? -1.689  11.116  -2.392  1.00 30.99 ? 319 HOH A O   1 
HETATM 854 O O   . HOH B 2 .   ? 12.492  -2.935  3.255   1.00 26.72 ? 320 HOH A O   1 
HETATM 855 O O   . HOH B 2 .   ? -2.247  3.048   -21.901 1.00 27.42 ? 321 HOH A O   1 
HETATM 856 O O   . HOH B 2 .   ? -5.907  1.649   -22.721 1.00 25.87 ? 322 HOH A O   1 
HETATM 857 O O   . HOH B 2 .   ? -6.788  -1.384  -20.014 1.00 19.82 ? 323 HOH A O   1 
HETATM 858 O O   . HOH B 2 .   ? -9.776  -7.094  -18.164 1.00 32.20 ? 324 HOH A O   1 
HETATM 859 O O   . HOH B 2 .   ? -4.163  -14.013 3.178   1.00 14.13 ? 325 HOH A O   1 
HETATM 860 O O   . HOH B 2 .   ? 3.659   11.165  10.883  1.00 52.06 ? 326 HOH A O   1 
HETATM 861 O O   . HOH B 2 .   ? -5.273  11.424  -17.760 1.00 46.26 ? 327 HOH A O   1 
HETATM 862 O O   . HOH B 2 .   ? -9.477  -0.798  -20.323 1.00 18.98 ? 328 HOH A O   1 
HETATM 863 O O   . HOH B 2 .   ? -6.984  -8.907  4.327   1.00 17.64 ? 329 HOH A O   1 
HETATM 864 O O   . HOH B 2 .   ? -14.189 -6.854  -18.017 1.00 28.37 ? 330 HOH A O   1 
HETATM 865 O O   . HOH B 2 .   ? 3.786   5.752   12.627  1.00 27.04 ? 331 HOH A O   1 
HETATM 866 O O   . HOH B 2 .   ? -1.594  -0.458  11.699  1.00 23.85 ? 332 HOH A O   1 
HETATM 867 O O   . HOH B 2 .   ? -10.483 -9.919  -8.372  1.00 20.17 ? 333 HOH A O   1 
HETATM 868 O O   . HOH B 2 .   ? 4.435   -2.877  -13.389 1.00 42.33 ? 334 HOH A O   1 
HETATM 869 O O   . HOH B 2 .   ? 2.422   9.545   -6.677  1.00 26.27 ? 335 HOH A O   1 
HETATM 870 O O   . HOH B 2 .   ? 1.036   4.031   -9.288  1.00 20.42 ? 336 HOH A O   1 
HETATM 871 O O   . HOH B 2 .   ? 2.120   4.241   16.609  1.00 33.52 ? 337 HOH A O   1 
HETATM 872 O O   . HOH B 2 .   ? -6.639  9.188   -7.712  1.00 17.67 ? 338 HOH A O   1 
HETATM 873 O O   . HOH B 2 .   ? 2.816   2.025   -8.879  1.00 26.50 ? 339 HOH A O   1 
HETATM 874 O O   . HOH B 2 .   ? -11.311 -5.260  -1.928  1.00 28.32 ? 340 HOH A O   1 
HETATM 875 O O   . HOH B 2 .   ? -3.952  -10.624 9.007   1.00 23.61 ? 341 HOH A O   1 
HETATM 876 O O   . HOH B 2 .   ? 1.905   -10.891 5.895   1.00 36.96 ? 342 HOH A O   1 
HETATM 877 O O   . HOH B 2 .   ? -1.650  -5.362  -16.538 1.00 21.82 ? 343 HOH A O   1 
HETATM 878 O O   . HOH B 2 .   ? 11.802  -3.243  -3.883  1.00 30.03 ? 344 HOH A O   1 
HETATM 879 O O   . HOH B 2 .   ? -4.684  -13.315 -0.925  1.00 18.68 ? 345 HOH A O   1 
HETATM 880 O O   . HOH B 2 .   ? -2.087  7.852   -12.961 1.00 20.00 ? 346 HOH A O   1 
HETATM 881 O O   . HOH B 2 .   ? 0.525   1.577   -15.475 1.00 19.93 ? 347 HOH A O   1 
HETATM 882 O O   . HOH B 2 .   ? -7.530  -7.685  -16.446 1.00 35.07 ? 348 HOH A O   1 
HETATM 883 O O   . HOH B 2 .   ? -6.843  -10.582 -14.216 1.00 30.28 ? 349 HOH A O   1 
HETATM 884 O O   . HOH B 2 .   ? -13.916 3.219   -13.858 1.00 17.60 ? 350 HOH A O   1 
HETATM 885 O O   . HOH B 2 .   ? -0.584  -10.702 -3.149  1.00 24.15 ? 351 HOH A O   1 
HETATM 886 O O   . HOH B 2 .   ? 3.988   8.507   -4.478  1.00 20.50 ? 352 HOH A O   1 
HETATM 887 O O   . HOH B 2 .   ? -2.787  10.902  -9.219  1.00 34.56 ? 353 HOH A O   1 
HETATM 888 O O   . HOH B 2 .   ? -1.396  -6.821  -7.971  1.00 19.04 ? 354 HOH A O   1 
HETATM 889 O O   . HOH B 2 .   ? -5.697  9.173   7.817   1.00 28.95 ? 355 HOH A O   1 
HETATM 890 O O   . HOH B 2 .   ? -1.335  10.116  -11.611 1.00 33.68 ? 356 HOH A O   1 
HETATM 891 O O   . HOH B 2 .   ? -2.026  -6.396  -10.556 1.00 15.79 ? 357 HOH A O   1 
HETATM 892 O O   . HOH B 2 .   ? 8.736   3.380   -5.657  1.00 31.97 ? 358 HOH A O   1 
HETATM 893 O O   . HOH B 2 .   ? -4.279  -8.616  -15.971 1.00 32.87 ? 359 HOH A O   1 
HETATM 894 O O   . HOH B 2 .   ? -0.493  10.824  -6.504  1.00 29.01 ? 360 HOH A O   1 
HETATM 895 O O   . HOH B 2 .   ? -12.788 -6.045  -6.053  1.00 15.85 ? 361 HOH A O   1 
HETATM 896 O O   . HOH B 2 .   ? -17.954 -0.585  -6.176  1.00 25.25 ? 362 HOH A O   1 
HETATM 897 O O   . HOH B 2 .   ? -1.337  -15.131 6.434   1.00 33.53 ? 363 HOH A O   1 
HETATM 898 O O   . HOH B 2 .   ? 16.709  1.776   8.234   1.00 30.08 ? 364 HOH A O   1 
HETATM 899 O O   . HOH B 2 .   ? -6.875  -4.245  8.192   1.00 38.58 ? 365 HOH A O   1 
HETATM 900 O O   . HOH B 2 .   ? -2.006  -12.202 0.778   1.00 27.53 ? 366 HOH A O   1 
HETATM 901 O O   . HOH B 2 .   ? -11.148 5.183   -3.574  1.00 18.18 ? 367 HOH A O   1 
HETATM 902 O O   . HOH B 2 .   ? 6.534   11.538  15.379  1.00 52.25 ? 368 HOH A O   1 
HETATM 903 O O   . HOH B 2 .   ? -8.681  9.675   -9.673  1.00 22.90 ? 369 HOH A O   1 
HETATM 904 O O   . HOH B 2 .   ? -3.885  2.279   12.792  1.00 27.74 ? 370 HOH A O   1 
HETATM 905 O O   . HOH B 2 .   ? -11.123 7.830   -6.815  1.00 18.67 ? 371 HOH A O   1 
HETATM 906 O O   . HOH B 2 .   ? -2.984  -9.445  -13.686 1.00 23.28 ? 372 HOH A O   1 
HETATM 907 O O   . HOH B 2 .   ? 0.624   10.632  -0.328  1.00 27.42 ? 373 HOH A O   1 
HETATM 908 O O   . HOH B 2 .   ? -7.912  8.711   -3.301  1.00 18.88 ? 374 HOH A O   1 
HETATM 909 O O   . HOH B 2 .   ? -15.886 0.595   -7.855  1.00 18.60 ? 375 HOH A O   1 
HETATM 910 O O   . HOH B 2 .   ? -0.517  -10.352 -6.014  1.00 30.81 ? 376 HOH A O   1 
HETATM 911 O O   . HOH B 2 .   ? 1.016   7.639   14.380  1.00 34.78 ? 377 HOH A O   1 
HETATM 912 O O   . HOH B 2 .   ? -17.509 -4.500  -3.693  1.00 47.07 ? 378 HOH A O   1 
HETATM 913 O O   . HOH B 2 .   ? -8.771  -7.094  2.729   1.00 23.33 ? 379 HOH A O   1 
HETATM 914 O O   . HOH B 2 .   ? -9.246  9.600   -13.378 1.00 36.49 ? 380 HOH A O   1 
HETATM 915 O O   . HOH B 2 .   ? 4.550   -10.327 -0.310  1.00 46.65 ? 381 HOH A O   1 
HETATM 916 O O   . HOH B 2 .   ? -4.233  -2.637  16.854  1.00 37.98 ? 382 HOH A O   1 
HETATM 917 O O   . HOH B 2 .   ? 1.589   0.135   16.610  1.00 35.51 ? 383 HOH A O   1 
HETATM 918 O O   . HOH B 2 .   ? -8.679  -8.575  -21.415 1.00 45.38 ? 384 HOH A O   1 
HETATM 919 O O   . HOH B 2 .   ? 4.332   -9.848  1.963   1.00 41.30 ? 385 HOH A O   1 
HETATM 920 O O   . HOH B 2 .   ? -17.899 -5.922  -11.050 1.00 27.44 ? 386 HOH A O   1 
HETATM 921 O O   . HOH B 2 .   ? -12.637 -8.845  -18.538 1.00 40.48 ? 387 HOH A O   1 
HETATM 922 O O   . HOH B 2 .   ? -6.281  9.744   -20.412 1.00 34.10 ? 388 HOH A O   1 
HETATM 923 O O   . HOH B 2 .   ? -9.308  -1.803  4.106   1.00 26.36 ? 389 HOH A O   1 
HETATM 924 O O   . HOH B 2 .   ? -8.459  -10.879 -15.917 1.00 45.72 ? 390 HOH A O   1 
HETATM 925 O O   . HOH B 2 .   ? 3.889   9.500   -10.448 1.00 40.23 ? 391 HOH A O   1 
HETATM 926 O O   . HOH B 2 .   ? -13.880 -4.512  -1.535  1.00 34.72 ? 392 HOH A O   1 
HETATM 927 O O   . HOH B 2 .   ? -15.129 5.238   -12.528 1.00 36.93 ? 393 HOH A O   1 
HETATM 928 O O   . HOH B 2 .   ? -2.288  -0.554  14.611  1.00 39.88 ? 394 HOH A O   1 
HETATM 929 O O   . HOH B 2 .   ? -16.650 1.895   -10.133 1.00 25.13 ? 395 HOH A O   1 
HETATM 930 O O   . HOH B 2 .   ? 7.028   5.626   17.635  1.00 42.20 ? 396 HOH A O   1 
HETATM 931 O O   . HOH B 2 .   ? 9.143   12.386  6.095   1.00 38.70 ? 397 HOH A O   1 
HETATM 932 O O   . HOH B 2 .   ? 5.734   6.717   -8.778  1.00 32.65 ? 398 HOH A O   1 
HETATM 933 O O   . HOH B 2 .   ? 5.811   -10.666 -1.898  1.00 35.75 ? 399 HOH A O   1 
HETATM 934 O O   . HOH B 2 .   ? -15.753 1.291   -12.945 1.00 20.47 ? 400 HOH A O   1 
HETATM 935 O O   . HOH B 2 .   ? -14.436 8.834   -10.170 1.00 32.17 ? 401 HOH A O   1 
HETATM 936 O O   . HOH B 2 .   ? -10.252 10.377  -11.728 1.00 38.78 ? 402 HOH A O   1 
HETATM 937 O O   . HOH B 2 .   ? -0.485  -1.138  15.638  1.00 36.23 ? 403 HOH A O   1 
HETATM 938 O O   . HOH B 2 .   ? -5.725  6.131   -22.373 1.00 20.69 ? 404 HOH A O   1 
HETATM 939 O O   . HOH B 2 .   ? -3.009  8.766   -15.248 1.00 23.93 ? 405 HOH A O   1 
HETATM 940 O O   . HOH B 2 .   ? 0.222   2.585   17.263  1.00 38.20 ? 406 HOH A O   1 
HETATM 941 O O   . HOH B 2 .   ? -0.141  -6.537  -14.582 1.00 27.68 ? 407 HOH A O   1 
HETATM 942 O O   . HOH B 2 .   ? 0.355   9.117   9.847   1.00 37.70 ? 408 HOH A O   1 
HETATM 943 O O   . HOH B 2 .   ? 3.155   1.098   -14.036 1.00 37.27 ? 409 HOH A O   1 
HETATM 944 O O   . HOH B 2 .   ? 3.722   11.005  -3.154  1.00 36.76 ? 410 HOH A O   1 
HETATM 945 O O   . HOH B 2 .   ? -18.872 -2.615  -8.102  1.00 30.15 ? 411 HOH A O   1 
HETATM 946 O O   . HOH B 2 .   ? 5.123   -1.086  -14.972 1.00 40.03 ? 412 HOH A O   1 
HETATM 947 O O   . HOH B 2 .   ? -0.374  -12.979 -3.132  1.00 42.34 ? 413 HOH A O   1 
HETATM 948 O O   . HOH B 2 .   ? -1.097  -7.949  -12.489 1.00 22.26 ? 414 HOH A O   1 
HETATM 949 O O   . HOH B 2 .   ? 6.187   8.160   -6.015  1.00 31.76 ? 415 HOH A O   1 
HETATM 950 O O   . HOH B 2 .   ? 4.826   3.046   -10.447 1.00 54.79 ? 416 HOH A O   1 
HETATM 951 O O   . HOH B 2 .   ? -1.873  -13.593 -1.687  1.00 34.59 ? 417 HOH A O   1 
HETATM 952 O O   . HOH B 2 .   ? 0.274   6.762   -13.371 1.00 28.57 ? 418 HOH A O   1 
HETATM 953 O O   . HOH B 2 .   ? 1.821   2.965   -13.700 1.00 41.74 ? 419 HOH A O   1 
HETATM 954 O O   . HOH B 2 .   ? -1.077  7.836   -17.456 1.00 31.03 ? 420 HOH A O   1 
HETATM 955 O O   . HOH B 2 .   ? -9.548  -1.228  6.607   1.00 34.07 ? 421 HOH A O   1 
HETATM 956 O O   . HOH B 2 .   ? 1.188   0.319   -17.858 1.00 24.23 ? 422 HOH A O   1 
HETATM 957 O O   . HOH B 2 .   ? 11.569  11.843  5.288   0.50 34.59 ? 423 HOH A O   1 
HETATM 958 O O   . HOH B 2 .   ? 1.017   4.498   -11.951 1.00 29.81 ? 424 HOH A O   1 
HETATM 959 O O   . HOH B 2 .   ? 6.062   8.995   -8.391  1.00 35.84 ? 425 HOH A O   1 
HETATM 960 O O   . HOH B 2 .   ? -11.168 11.987  -11.423 1.00 46.61 ? 426 HOH A O   1 
HETATM 961 O O   . HOH B 2 .   ? 0.563   4.205   -16.350 1.00 36.42 ? 427 HOH A O   1 
HETATM 962 O O   . HOH B 2 .   ? -10.859 -0.105  5.805   0.50 46.60 ? 428 HOH A O   1 
HETATM 963 O O   . HOH B 2 .   ? -0.740  -18.295 4.284   1.00 37.67 ? 429 HOH A O   1 
# 
